data_2DZR
#
_entry.id   2DZR
#
_entity_poly.entity_id   1
_entity_poly.type   'polypeptide(L)'
_entity_poly.pdbx_seq_one_letter_code
;GSSGSSGLREQVQDLFNKKYGEALGIKYPVQVPYKRIKSNPGSVIIEGLPPGIPFRKPCTFGSQNLERILAVADKIKFTV
TRPFQGLIPKPDESGPSSG
;
_entity_poly.pdbx_strand_id   A
#
# COMPACT_ATOMS: atom_id res chain seq x y z
N GLY A 1 -3.92 -13.33 12.60
CA GLY A 1 -3.19 -13.00 11.39
C GLY A 1 -1.83 -12.40 11.70
N SER A 2 -0.79 -13.11 11.30
CA SER A 2 0.57 -12.66 11.54
C SER A 2 1.17 -12.12 10.24
N SER A 3 2.33 -11.49 10.38
CA SER A 3 3.01 -10.91 9.23
C SER A 3 4.52 -10.88 9.49
N GLY A 4 5.27 -10.76 8.40
CA GLY A 4 6.73 -10.70 8.50
C GLY A 4 7.35 -10.33 7.15
N SER A 5 8.36 -9.48 7.21
CA SER A 5 9.05 -9.04 6.01
C SER A 5 10.56 -9.18 6.19
N SER A 6 11.26 -9.21 5.08
CA SER A 6 12.71 -9.35 5.10
C SER A 6 13.31 -8.69 3.84
N GLY A 7 13.49 -7.38 3.93
CA GLY A 7 14.05 -6.63 2.82
C GLY A 7 13.18 -5.44 2.47
N LEU A 8 13.84 -4.32 2.20
CA LEU A 8 13.13 -3.10 1.84
C LEU A 8 11.98 -3.44 0.88
N ARG A 9 12.37 -3.76 -0.35
CA ARG A 9 11.39 -4.10 -1.36
C ARG A 9 10.25 -4.93 -0.75
N GLU A 10 10.64 -5.96 -0.03
CA GLU A 10 9.66 -6.83 0.61
C GLU A 10 8.71 -6.01 1.48
N GLN A 11 9.29 -5.15 2.29
CA GLN A 11 8.50 -4.30 3.17
C GLN A 11 7.44 -3.55 2.38
N VAL A 12 7.90 -2.88 1.32
CA VAL A 12 7.00 -2.12 0.47
C VAL A 12 6.06 -3.08 -0.26
N GLN A 13 6.66 -4.02 -0.97
CA GLN A 13 5.89 -4.99 -1.71
C GLN A 13 4.70 -5.49 -0.87
N ASP A 14 4.88 -5.44 0.43
CA ASP A 14 3.85 -5.87 1.36
C ASP A 14 2.98 -4.67 1.74
N LEU A 15 3.64 -3.55 1.98
CA LEU A 15 2.94 -2.34 2.35
C LEU A 15 1.74 -2.14 1.43
N PHE A 16 2.04 -1.79 0.18
CA PHE A 16 0.99 -1.57 -0.81
C PHE A 16 -0.05 -2.68 -0.75
N ASN A 17 0.41 -3.86 -0.36
CA ASN A 17 -0.48 -5.02 -0.27
C ASN A 17 -1.37 -4.87 0.96
N LYS A 18 -0.73 -4.87 2.12
CA LYS A 18 -1.45 -4.74 3.38
C LYS A 18 -2.44 -3.59 3.28
N LYS A 19 -1.91 -2.44 2.90
CA LYS A 19 -2.73 -1.24 2.75
C LYS A 19 -4.01 -1.59 1.99
N TYR A 20 -3.82 -2.29 0.89
CA TYR A 20 -4.95 -2.70 0.06
C TYR A 20 -6.14 -3.11 0.92
N GLY A 21 -5.89 -4.08 1.79
CA GLY A 21 -6.93 -4.57 2.69
C GLY A 21 -7.77 -3.41 3.25
N GLU A 22 -7.09 -2.33 3.55
CA GLU A 22 -7.74 -1.15 4.09
C GLU A 22 -8.58 -0.47 3.00
N ALA A 23 -7.91 -0.17 1.88
CA ALA A 23 -8.57 0.48 0.77
C ALA A 23 -9.94 -0.19 0.53
N LEU A 24 -9.95 -1.50 0.70
CA LEU A 24 -11.18 -2.26 0.50
C LEU A 24 -11.95 -2.31 1.83
N GLY A 25 -11.20 -2.30 2.92
CA GLY A 25 -11.80 -2.35 4.24
C GLY A 25 -11.51 -3.69 4.93
N ILE A 26 -11.10 -4.66 4.12
CA ILE A 26 -10.78 -5.98 4.64
C ILE A 26 -9.92 -5.84 5.89
N LYS A 27 -9.83 -6.94 6.63
CA LYS A 27 -9.05 -6.95 7.86
C LYS A 27 -7.77 -7.77 7.63
N TYR A 28 -7.89 -8.77 6.77
CA TYR A 28 -6.76 -9.63 6.46
C TYR A 28 -5.93 -9.04 5.31
N PRO A 29 -4.69 -9.58 5.18
CA PRO A 29 -3.79 -9.13 4.13
C PRO A 29 -4.21 -9.67 2.77
N VAL A 30 -4.57 -8.75 1.88
CA VAL A 30 -5.00 -9.13 0.55
C VAL A 30 -3.88 -8.79 -0.45
N GLN A 31 -3.95 -9.44 -1.61
CA GLN A 31 -2.96 -9.22 -2.64
C GLN A 31 -3.43 -8.10 -3.59
N VAL A 32 -2.46 -7.40 -4.14
CA VAL A 32 -2.75 -6.31 -5.06
C VAL A 32 -2.69 -6.83 -6.50
N PRO A 33 -3.71 -6.42 -7.30
CA PRO A 33 -3.79 -6.85 -8.68
C PRO A 33 -2.76 -6.08 -9.54
N TYR A 34 -1.51 -6.46 -9.38
CA TYR A 34 -0.43 -5.83 -10.12
C TYR A 34 -0.68 -5.92 -11.63
N LYS A 35 -0.93 -7.15 -12.08
CA LYS A 35 -1.19 -7.38 -13.49
C LYS A 35 -2.21 -6.36 -14.00
N ARG A 36 -3.42 -6.46 -13.46
CA ARG A 36 -4.49 -5.55 -13.86
C ARG A 36 -4.04 -4.10 -13.66
N ILE A 37 -3.22 -3.90 -12.64
CA ILE A 37 -2.72 -2.56 -12.34
C ILE A 37 -1.73 -2.14 -13.42
N LYS A 38 -1.11 -3.14 -14.03
CA LYS A 38 -0.13 -2.89 -15.09
C LYS A 38 -0.87 -2.68 -16.41
N SER A 39 -1.67 -3.67 -16.77
CA SER A 39 -2.43 -3.62 -18.01
C SER A 39 -3.37 -2.42 -17.99
N ASN A 40 -4.04 -2.23 -16.86
CA ASN A 40 -4.96 -1.13 -16.70
C ASN A 40 -4.51 -0.26 -15.53
N PRO A 41 -4.11 1.00 -15.87
CA PRO A 41 -3.65 1.94 -14.87
C PRO A 41 -4.82 2.50 -14.08
N GLY A 42 -6.00 2.42 -14.67
CA GLY A 42 -7.21 2.92 -14.03
C GLY A 42 -7.81 1.85 -13.11
N SER A 43 -6.94 1.23 -12.33
CA SER A 43 -7.38 0.20 -11.40
C SER A 43 -7.38 0.75 -9.97
N VAL A 44 -6.18 0.95 -9.45
CA VAL A 44 -6.02 1.47 -8.10
C VAL A 44 -5.15 2.72 -8.13
N ILE A 45 -5.70 3.80 -7.60
CA ILE A 45 -4.98 5.07 -7.56
C ILE A 45 -4.17 5.15 -6.27
N ILE A 46 -2.92 5.57 -6.41
CA ILE A 46 -2.03 5.69 -5.27
C ILE A 46 -1.61 7.15 -5.13
N GLU A 47 -1.88 7.70 -3.94
CA GLU A 47 -1.53 9.08 -3.66
C GLU A 47 -0.92 9.19 -2.27
N GLY A 48 -0.28 10.33 -2.03
CA GLY A 48 0.35 10.58 -0.74
C GLY A 48 1.82 10.18 -0.77
N LEU A 49 2.20 9.50 -1.85
CA LEU A 49 3.57 9.05 -2.01
C LEU A 49 4.52 10.22 -1.76
N PRO A 50 5.82 9.89 -1.55
CA PRO A 50 6.83 10.90 -1.30
C PRO A 50 7.19 11.64 -2.58
N PRO A 51 7.96 12.74 -2.42
CA PRO A 51 8.39 13.55 -3.56
C PRO A 51 9.51 12.85 -4.33
N GLY A 52 9.25 12.62 -5.61
CA GLY A 52 10.22 11.97 -6.47
C GLY A 52 9.87 10.50 -6.67
N ILE A 53 8.85 10.06 -5.95
CA ILE A 53 8.40 8.68 -6.04
C ILE A 53 6.95 8.64 -6.50
N PRO A 54 6.77 8.38 -7.82
CA PRO A 54 5.43 8.33 -8.40
C PRO A 54 4.73 7.03 -8.01
N PHE A 55 3.47 6.92 -8.44
CA PHE A 55 2.67 5.74 -8.14
C PHE A 55 3.02 4.59 -9.09
N ARG A 56 4.04 3.84 -8.72
CA ARG A 56 4.47 2.71 -9.53
C ARG A 56 4.99 1.57 -8.63
N LYS A 57 5.41 0.50 -9.28
CA LYS A 57 5.92 -0.64 -8.56
C LYS A 57 7.23 -0.27 -7.86
N PRO A 58 7.48 -0.93 -6.70
CA PRO A 58 8.68 -0.67 -5.93
C PRO A 58 9.90 -1.30 -6.59
N CYS A 59 9.64 -2.20 -7.53
CA CYS A 59 10.70 -2.87 -8.25
C CYS A 59 11.52 -1.82 -9.01
N THR A 60 10.81 -0.82 -9.51
CA THR A 60 11.44 0.25 -10.26
C THR A 60 12.07 1.27 -9.30
N PHE A 61 11.81 1.06 -8.02
CA PHE A 61 12.35 1.94 -6.99
C PHE A 61 13.53 1.31 -6.27
N GLY A 62 14.50 2.14 -5.96
CA GLY A 62 15.70 1.68 -5.27
C GLY A 62 15.51 1.70 -3.75
N SER A 63 16.43 1.04 -3.06
CA SER A 63 16.37 0.99 -1.61
C SER A 63 16.09 2.39 -1.04
N GLN A 64 16.73 3.38 -1.67
CA GLN A 64 16.57 4.75 -1.24
C GLN A 64 15.09 5.17 -1.33
N ASN A 65 14.57 5.09 -2.54
CA ASN A 65 13.17 5.46 -2.78
C ASN A 65 12.28 4.71 -1.79
N LEU A 66 12.56 3.42 -1.65
CA LEU A 66 11.80 2.58 -0.74
C LEU A 66 11.83 3.19 0.66
N GLU A 67 13.03 3.29 1.20
CA GLU A 67 13.22 3.84 2.52
C GLU A 67 12.25 5.00 2.75
N ARG A 68 11.95 5.71 1.67
CA ARG A 68 11.04 6.84 1.74
C ARG A 68 9.60 6.35 1.79
N ILE A 69 9.24 5.55 0.80
CA ILE A 69 7.89 5.01 0.73
C ILE A 69 7.46 4.52 2.12
N LEU A 70 8.17 3.52 2.60
CA LEU A 70 7.88 2.95 3.91
C LEU A 70 7.73 4.09 4.93
N ALA A 71 8.42 5.19 4.65
CA ALA A 71 8.38 6.34 5.52
C ALA A 71 6.99 6.98 5.45
N VAL A 72 6.59 7.32 4.23
CA VAL A 72 5.28 7.93 4.02
C VAL A 72 4.24 6.83 3.78
N ALA A 73 4.60 5.63 4.19
CA ALA A 73 3.71 4.49 4.03
C ALA A 73 2.32 4.86 4.54
N ASP A 74 2.30 5.80 5.48
CA ASP A 74 1.03 6.24 6.05
C ASP A 74 0.33 7.18 5.05
N LYS A 75 1.13 8.03 4.43
CA LYS A 75 0.61 8.97 3.46
C LYS A 75 -0.01 8.20 2.29
N ILE A 76 0.75 7.26 1.76
CA ILE A 76 0.28 6.45 0.65
C ILE A 76 -1.18 6.07 0.89
N LYS A 77 -2.02 6.46 -0.07
CA LYS A 77 -3.43 6.17 0.02
C LYS A 77 -3.91 5.55 -1.29
N PHE A 78 -4.43 4.33 -1.18
CA PHE A 78 -4.91 3.61 -2.35
C PHE A 78 -6.41 3.88 -2.58
N THR A 79 -6.81 3.78 -3.83
CA THR A 79 -8.20 4.01 -4.19
C THR A 79 -8.74 2.82 -4.99
N VAL A 80 -9.85 2.29 -4.51
CA VAL A 80 -10.49 1.16 -5.17
C VAL A 80 -11.86 1.57 -5.70
N THR A 81 -11.90 1.81 -7.00
CA THR A 81 -13.14 2.22 -7.64
C THR A 81 -14.29 1.33 -7.19
N ARG A 82 -14.08 0.02 -7.32
CA ARG A 82 -15.10 -0.94 -6.93
C ARG A 82 -15.74 -0.52 -5.61
N PRO A 83 -16.97 -1.05 -5.37
CA PRO A 83 -17.71 -0.74 -4.16
C PRO A 83 -17.12 -1.50 -2.96
N PHE A 84 -17.68 -1.23 -1.80
CA PHE A 84 -17.23 -1.87 -0.58
C PHE A 84 -17.74 -3.30 -0.49
N GLN A 85 -17.33 -3.98 0.57
CA GLN A 85 -17.74 -5.36 0.79
C GLN A 85 -18.65 -5.46 2.01
N GLY A 86 -18.17 -4.92 3.11
CA GLY A 86 -18.93 -4.93 4.35
C GLY A 86 -18.02 -5.18 5.56
N LEU A 87 -17.55 -4.09 6.14
CA LEU A 87 -16.68 -4.18 7.29
C LEU A 87 -16.32 -2.77 7.77
N ILE A 88 -16.64 -2.51 9.03
CA ILE A 88 -16.37 -1.21 9.62
C ILE A 88 -14.92 -0.81 9.32
N PRO A 89 -14.74 0.51 9.05
CA PRO A 89 -13.42 1.03 8.75
C PRO A 89 -12.56 1.12 10.01
N LYS A 90 -11.26 1.27 9.79
CA LYS A 90 -10.33 1.38 10.90
C LYS A 90 -9.30 2.48 10.60
N PRO A 91 -9.70 3.73 10.94
CA PRO A 91 -8.84 4.87 10.72
C PRO A 91 -7.69 4.91 11.74
N ASP A 92 -6.47 4.86 11.22
CA ASP A 92 -5.30 4.89 12.06
C ASP A 92 -5.32 3.67 13.00
N GLU A 93 -4.13 3.25 13.39
CA GLU A 93 -4.00 2.11 14.28
C GLU A 93 -3.46 2.55 15.64
N SER A 94 -2.55 3.52 15.60
CA SER A 94 -1.95 4.04 16.82
C SER A 94 -0.88 3.07 17.32
N GLY A 95 -0.33 3.41 18.48
CA GLY A 95 0.70 2.57 19.09
C GLY A 95 1.80 3.44 19.71
N PRO A 96 2.94 2.78 20.03
CA PRO A 96 4.06 3.47 20.63
C PRO A 96 4.81 4.31 19.59
N SER A 97 5.41 5.39 20.07
CA SER A 97 6.16 6.28 19.19
C SER A 97 7.64 6.30 19.59
N SER A 98 8.48 6.29 18.59
CA SER A 98 9.92 6.31 18.82
C SER A 98 10.40 7.74 19.13
N GLY A 99 10.14 8.63 18.17
CA GLY A 99 10.52 10.01 18.34
C GLY A 99 11.73 10.35 17.46
N GLY A 1 -4.01 -13.07 8.98
CA GLY A 1 -2.86 -13.05 9.86
C GLY A 1 -1.57 -12.81 9.07
N SER A 2 -0.52 -13.53 9.45
CA SER A 2 0.76 -13.41 8.79
C SER A 2 1.31 -11.99 8.98
N SER A 3 2.51 -11.93 9.53
CA SER A 3 3.17 -10.65 9.77
C SER A 3 4.67 -10.85 9.91
N GLY A 4 5.42 -9.95 9.29
CA GLY A 4 6.87 -10.01 9.33
C GLY A 4 7.46 -10.24 7.93
N SER A 5 8.61 -9.63 7.71
CA SER A 5 9.29 -9.75 6.43
C SER A 5 10.72 -9.23 6.54
N SER A 6 11.49 -9.49 5.49
CA SER A 6 12.88 -9.05 5.45
C SER A 6 13.25 -8.61 4.05
N GLY A 7 13.63 -7.35 3.93
CA GLY A 7 14.02 -6.80 2.64
C GLY A 7 13.14 -5.60 2.28
N LEU A 8 13.80 -4.48 2.02
CA LEU A 8 13.10 -3.26 1.65
C LEU A 8 11.98 -3.59 0.67
N ARG A 9 12.38 -3.96 -0.54
CA ARG A 9 11.42 -4.30 -1.57
C ARG A 9 10.28 -5.13 -0.97
N GLU A 10 10.65 -6.05 -0.11
CA GLU A 10 9.68 -6.93 0.54
C GLU A 10 8.73 -6.09 1.40
N GLN A 11 9.32 -5.19 2.16
CA GLN A 11 8.54 -4.32 3.04
C GLN A 11 7.45 -3.60 2.26
N VAL A 12 7.89 -2.78 1.31
CA VAL A 12 6.96 -2.04 0.49
C VAL A 12 6.00 -3.00 -0.20
N GLN A 13 6.58 -4.06 -0.77
CA GLN A 13 5.79 -5.06 -1.47
C GLN A 13 4.60 -5.48 -0.60
N ASP A 14 4.84 -5.54 0.70
CA ASP A 14 3.80 -5.92 1.63
C ASP A 14 2.91 -4.71 1.94
N LEU A 15 3.56 -3.57 2.05
CA LEU A 15 2.86 -2.33 2.33
C LEU A 15 1.69 -2.16 1.36
N PHE A 16 2.05 -1.88 0.11
CA PHE A 16 1.04 -1.69 -0.92
C PHE A 16 -0.05 -2.76 -0.82
N ASN A 17 0.38 -3.98 -0.53
CA ASN A 17 -0.56 -5.09 -0.40
C ASN A 17 -1.44 -4.86 0.82
N LYS A 18 -0.80 -4.68 1.96
CA LYS A 18 -1.52 -4.45 3.21
C LYS A 18 -2.48 -3.28 3.01
N LYS A 19 -1.93 -2.16 2.54
CA LYS A 19 -2.72 -0.97 2.32
C LYS A 19 -4.04 -1.36 1.65
N TYR A 20 -3.94 -2.29 0.71
CA TYR A 20 -5.12 -2.77 0.00
C TYR A 20 -6.23 -3.15 0.97
N GLY A 21 -5.88 -3.96 1.95
CA GLY A 21 -6.84 -4.41 2.94
C GLY A 21 -7.68 -3.24 3.46
N GLU A 22 -7.00 -2.14 3.75
CA GLU A 22 -7.66 -0.96 4.25
C GLU A 22 -8.55 -0.35 3.16
N ALA A 23 -7.92 -0.06 2.03
CA ALA A 23 -8.63 0.53 0.90
C ALA A 23 -9.96 -0.21 0.71
N LEU A 24 -9.88 -1.53 0.79
CA LEU A 24 -11.06 -2.36 0.63
C LEU A 24 -11.82 -2.42 1.95
N GLY A 25 -11.08 -2.26 3.03
CA GLY A 25 -11.67 -2.30 4.36
C GLY A 25 -11.39 -3.64 5.04
N ILE A 26 -10.96 -4.61 4.24
CA ILE A 26 -10.66 -5.93 4.76
C ILE A 26 -9.85 -5.79 6.05
N LYS A 27 -9.77 -6.89 6.78
CA LYS A 27 -9.03 -6.91 8.04
C LYS A 27 -7.73 -7.68 7.84
N TYR A 28 -7.77 -8.67 6.95
CA TYR A 28 -6.60 -9.48 6.67
C TYR A 28 -5.77 -8.85 5.56
N PRO A 29 -4.50 -9.35 5.44
CA PRO A 29 -3.58 -8.85 4.44
C PRO A 29 -3.96 -9.38 3.04
N VAL A 30 -4.31 -8.46 2.16
CA VAL A 30 -4.68 -8.83 0.81
C VAL A 30 -3.58 -8.39 -0.16
N GLN A 31 -3.58 -9.01 -1.33
CA GLN A 31 -2.59 -8.69 -2.35
C GLN A 31 -3.19 -7.72 -3.38
N VAL A 32 -2.30 -6.94 -3.98
CA VAL A 32 -2.72 -5.97 -4.97
C VAL A 32 -2.50 -6.57 -6.37
N PRO A 33 -3.51 -6.31 -7.26
CA PRO A 33 -3.44 -6.82 -8.62
C PRO A 33 -2.46 -6.00 -9.46
N TYR A 34 -1.18 -6.25 -9.21
CA TYR A 34 -0.12 -5.55 -9.93
C TYR A 34 -0.29 -5.72 -11.44
N LYS A 35 -0.38 -6.97 -11.86
CA LYS A 35 -0.55 -7.28 -13.27
C LYS A 35 -1.66 -6.42 -13.86
N ARG A 36 -2.87 -6.65 -13.37
CA ARG A 36 -4.02 -5.90 -13.83
C ARG A 36 -3.76 -4.40 -13.71
N ILE A 37 -3.01 -4.04 -12.68
CA ILE A 37 -2.68 -2.64 -12.44
C ILE A 37 -1.70 -2.16 -13.52
N LYS A 38 -0.99 -3.11 -14.09
CA LYS A 38 -0.02 -2.81 -15.13
C LYS A 38 -0.75 -2.60 -16.46
N SER A 39 -1.65 -3.52 -16.75
CA SER A 39 -2.42 -3.45 -17.98
C SER A 39 -3.36 -2.25 -17.94
N ASN A 40 -4.02 -2.11 -16.79
CA ASN A 40 -4.95 -1.00 -16.61
C ASN A 40 -4.49 -0.14 -15.44
N PRO A 41 -4.10 1.12 -15.77
CA PRO A 41 -3.63 2.06 -14.75
C PRO A 41 -4.80 2.60 -13.93
N GLY A 42 -5.97 2.61 -14.56
CA GLY A 42 -7.17 3.10 -13.90
C GLY A 42 -7.81 2.01 -13.04
N SER A 43 -6.99 1.40 -12.19
CA SER A 43 -7.46 0.35 -11.32
C SER A 43 -7.40 0.80 -9.86
N VAL A 44 -6.19 1.10 -9.42
CA VAL A 44 -5.97 1.55 -8.06
C VAL A 44 -5.13 2.83 -8.06
N ILE A 45 -5.72 3.87 -7.51
CA ILE A 45 -5.03 5.16 -7.45
C ILE A 45 -4.22 5.24 -6.16
N ILE A 46 -2.98 5.67 -6.31
CA ILE A 46 -2.09 5.80 -5.17
C ILE A 46 -1.67 7.27 -5.01
N GLU A 47 -1.93 7.80 -3.83
CA GLU A 47 -1.59 9.18 -3.53
C GLU A 47 -0.96 9.29 -2.14
N GLY A 48 -0.30 10.42 -1.91
CA GLY A 48 0.34 10.66 -0.63
C GLY A 48 1.81 10.26 -0.68
N LEU A 49 2.17 9.57 -1.75
CA LEU A 49 3.54 9.13 -1.93
C LEU A 49 4.50 10.29 -1.66
N PRO A 50 5.80 9.93 -1.47
CA PRO A 50 6.82 10.93 -1.22
C PRO A 50 7.18 11.70 -2.49
N PRO A 51 7.95 12.80 -2.30
CA PRO A 51 8.37 13.63 -3.43
C PRO A 51 9.47 12.94 -4.23
N GLY A 52 9.20 12.75 -5.51
CA GLY A 52 10.15 12.10 -6.39
C GLY A 52 9.79 10.63 -6.63
N ILE A 53 8.79 10.19 -5.89
CA ILE A 53 8.33 8.81 -6.01
C ILE A 53 6.87 8.80 -6.45
N PRO A 54 6.66 8.55 -7.77
CA PRO A 54 5.32 8.52 -8.32
C PRO A 54 4.61 7.21 -7.94
N PHE A 55 3.35 7.12 -8.35
CA PHE A 55 2.56 5.94 -8.05
C PHE A 55 2.89 4.81 -9.01
N ARG A 56 3.89 4.03 -8.63
CA ARG A 56 4.32 2.90 -9.44
C ARG A 56 4.82 1.76 -8.56
N LYS A 57 5.23 0.69 -9.21
CA LYS A 57 5.73 -0.48 -8.49
C LYS A 57 7.04 -0.11 -7.79
N PRO A 58 7.26 -0.75 -6.61
CA PRO A 58 8.47 -0.50 -5.84
C PRO A 58 9.68 -1.19 -6.48
N CYS A 59 9.40 -1.99 -7.50
CA CYS A 59 10.45 -2.70 -8.20
C CYS A 59 11.22 -1.70 -9.06
N THR A 60 10.48 -0.75 -9.62
CA THR A 60 11.08 0.26 -10.46
C THR A 60 11.82 1.29 -9.60
N PHE A 61 11.74 1.10 -8.30
CA PHE A 61 12.40 2.01 -7.36
C PHE A 61 13.57 1.32 -6.68
N GLY A 62 14.42 2.13 -6.07
CA GLY A 62 15.59 1.62 -5.38
C GLY A 62 15.39 1.67 -3.86
N SER A 63 16.27 0.98 -3.16
CA SER A 63 16.21 0.93 -1.71
C SER A 63 15.91 2.32 -1.16
N GLN A 64 16.71 3.28 -1.60
CA GLN A 64 16.55 4.66 -1.16
C GLN A 64 15.08 5.07 -1.25
N ASN A 65 14.57 5.12 -2.48
CA ASN A 65 13.20 5.49 -2.71
C ASN A 65 12.30 4.72 -1.73
N LEU A 66 12.43 3.41 -1.76
CA LEU A 66 11.64 2.56 -0.88
C LEU A 66 11.67 3.13 0.54
N GLU A 67 12.87 3.19 1.09
CA GLU A 67 13.05 3.71 2.44
C GLU A 67 12.12 4.88 2.68
N ARG A 68 11.87 5.64 1.62
CA ARG A 68 11.00 6.80 1.70
C ARG A 68 9.53 6.36 1.74
N ILE A 69 9.18 5.54 0.75
CA ILE A 69 7.81 5.04 0.65
C ILE A 69 7.35 4.56 2.03
N LEU A 70 8.04 3.55 2.53
CA LEU A 70 7.70 2.99 3.83
C LEU A 70 7.64 4.12 4.86
N ALA A 71 8.36 5.19 4.57
CA ALA A 71 8.38 6.35 5.45
C ALA A 71 7.02 7.04 5.43
N VAL A 72 6.58 7.37 4.23
CA VAL A 72 5.30 8.03 4.05
C VAL A 72 4.21 6.98 3.83
N ALA A 73 4.52 5.76 4.25
CA ALA A 73 3.58 4.66 4.11
C ALA A 73 2.19 5.11 4.59
N ASP A 74 2.20 6.06 5.51
CA ASP A 74 0.96 6.58 6.06
C ASP A 74 0.28 7.47 5.01
N LYS A 75 1.10 8.27 4.34
CA LYS A 75 0.60 9.16 3.31
C LYS A 75 -0.03 8.34 2.19
N ILE A 76 0.74 7.37 1.72
CA ILE A 76 0.27 6.50 0.65
C ILE A 76 -1.18 6.12 0.90
N LYS A 77 -2.03 6.43 -0.09
CA LYS A 77 -3.44 6.13 0.02
C LYS A 77 -3.92 5.49 -1.29
N PHE A 78 -4.43 4.28 -1.16
CA PHE A 78 -4.91 3.55 -2.33
C PHE A 78 -6.41 3.78 -2.53
N THR A 79 -6.83 3.72 -3.79
CA THR A 79 -8.22 3.92 -4.13
C THR A 79 -8.76 2.72 -4.89
N VAL A 80 -9.88 2.19 -4.39
CA VAL A 80 -10.51 1.05 -5.03
C VAL A 80 -11.92 1.42 -5.48
N THR A 81 -12.04 1.70 -6.77
CA THR A 81 -13.33 2.08 -7.34
C THR A 81 -14.44 1.21 -6.76
N ARG A 82 -14.23 -0.10 -6.82
CA ARG A 82 -15.21 -1.03 -6.31
C ARG A 82 -15.82 -0.52 -5.01
N PRO A 83 -17.04 -1.03 -4.70
CA PRO A 83 -17.74 -0.63 -3.50
C PRO A 83 -17.12 -1.26 -2.25
N PHE A 84 -16.34 -0.46 -1.54
CA PHE A 84 -15.69 -0.93 -0.33
C PHE A 84 -16.44 -0.48 0.91
N GLN A 85 -15.96 -0.95 2.06
CA GLN A 85 -16.58 -0.60 3.32
C GLN A 85 -17.99 -1.18 3.40
N GLY A 86 -18.39 -1.53 4.61
CA GLY A 86 -19.71 -2.10 4.83
C GLY A 86 -20.14 -1.94 6.29
N LEU A 87 -19.89 -3.00 7.05
CA LEU A 87 -20.25 -3.00 8.47
C LEU A 87 -19.42 -1.94 9.19
N ILE A 88 -19.77 -1.72 10.45
CA ILE A 88 -19.09 -0.73 11.26
C ILE A 88 -18.63 -1.38 12.56
N PRO A 89 -17.40 -0.99 13.01
CA PRO A 89 -16.84 -1.53 14.24
C PRO A 89 -17.52 -0.91 15.46
N LYS A 90 -17.10 -1.38 16.63
CA LYS A 90 -17.64 -0.89 17.88
C LYS A 90 -16.53 -0.77 18.91
N PRO A 91 -15.86 0.42 18.91
CA PRO A 91 -14.78 0.67 19.84
C PRO A 91 -15.31 0.94 21.25
N ASP A 92 -14.51 0.55 22.24
CA ASP A 92 -14.89 0.73 23.62
C ASP A 92 -13.63 0.79 24.49
N GLU A 93 -13.28 2.02 24.87
CA GLU A 93 -12.10 2.23 25.69
C GLU A 93 -12.02 3.68 26.15
N SER A 94 -11.30 3.90 27.23
CA SER A 94 -11.14 5.23 27.78
C SER A 94 -10.28 5.18 29.04
N GLY A 95 -9.42 6.18 29.17
CA GLY A 95 -8.53 6.26 30.32
C GLY A 95 -7.68 7.53 30.26
N PRO A 96 -8.29 8.64 30.74
CA PRO A 96 -7.61 9.93 30.75
C PRO A 96 -6.56 9.98 31.88
N SER A 97 -5.52 10.77 31.64
CA SER A 97 -4.46 10.91 32.61
C SER A 97 -3.84 12.32 32.51
N SER A 98 -3.17 12.71 33.58
CA SER A 98 -2.53 14.02 33.61
C SER A 98 -1.75 14.17 34.92
N GLY A 99 -2.45 14.04 36.03
CA GLY A 99 -1.84 14.17 37.33
C GLY A 99 -2.46 15.31 38.14
N GLY A 1 -2.35 -5.75 14.53
CA GLY A 1 -1.16 -6.46 14.95
C GLY A 1 -0.47 -7.14 13.77
N SER A 2 0.18 -6.32 12.95
CA SER A 2 0.87 -6.83 11.78
C SER A 2 2.28 -7.28 12.17
N SER A 3 2.69 -8.39 11.56
CA SER A 3 4.01 -8.94 11.84
C SER A 3 4.49 -9.76 10.65
N GLY A 4 5.78 -9.66 10.38
CA GLY A 4 6.38 -10.39 9.28
C GLY A 4 6.86 -9.42 8.18
N SER A 5 8.15 -9.12 8.24
CA SER A 5 8.74 -8.20 7.28
C SER A 5 10.25 -8.45 7.19
N SER A 6 10.75 -8.43 5.96
CA SER A 6 12.17 -8.65 5.73
C SER A 6 12.53 -8.29 4.29
N GLY A 7 13.32 -7.23 4.15
CA GLY A 7 13.74 -6.77 2.85
C GLY A 7 12.93 -5.55 2.40
N LEU A 8 13.64 -4.46 2.14
CA LEU A 8 13.01 -3.23 1.72
C LEU A 8 11.92 -3.55 0.68
N ARG A 9 12.37 -3.95 -0.50
CA ARG A 9 11.47 -4.29 -1.58
C ARG A 9 10.28 -5.11 -1.03
N GLU A 10 10.61 -6.05 -0.17
CA GLU A 10 9.59 -6.91 0.42
C GLU A 10 8.65 -6.07 1.30
N GLN A 11 9.26 -5.19 2.08
CA GLN A 11 8.49 -4.33 2.96
C GLN A 11 7.41 -3.58 2.18
N VAL A 12 7.87 -2.77 1.23
CA VAL A 12 6.95 -2.01 0.41
C VAL A 12 5.98 -2.96 -0.30
N GLN A 13 6.54 -4.01 -0.87
CA GLN A 13 5.74 -5.00 -1.57
C GLN A 13 4.59 -5.46 -0.69
N ASP A 14 4.81 -5.40 0.61
CA ASP A 14 3.80 -5.81 1.57
C ASP A 14 2.97 -4.60 1.99
N LEU A 15 3.64 -3.46 2.06
CA LEU A 15 2.97 -2.23 2.45
C LEU A 15 1.72 -2.03 1.58
N PHE A 16 1.97 -1.71 0.31
CA PHE A 16 0.88 -1.50 -0.63
C PHE A 16 -0.10 -2.67 -0.59
N ASN A 17 0.46 -3.87 -0.60
CA ASN A 17 -0.36 -5.07 -0.58
C ASN A 17 -1.29 -5.04 0.63
N LYS A 18 -0.67 -4.86 1.80
CA LYS A 18 -1.44 -4.81 3.04
C LYS A 18 -2.42 -3.64 2.97
N LYS A 19 -1.87 -2.46 2.76
CA LYS A 19 -2.70 -1.27 2.67
C LYS A 19 -3.98 -1.58 1.90
N TYR A 20 -3.83 -2.38 0.87
CA TYR A 20 -4.97 -2.77 0.04
C TYR A 20 -6.16 -3.17 0.91
N GLY A 21 -5.90 -4.09 1.83
CA GLY A 21 -6.93 -4.58 2.73
C GLY A 21 -7.77 -3.42 3.27
N GLU A 22 -7.10 -2.30 3.47
CA GLU A 22 -7.77 -1.11 3.99
C GLU A 22 -8.60 -0.46 2.89
N ALA A 23 -7.94 -0.18 1.78
CA ALA A 23 -8.61 0.45 0.64
C ALA A 23 -9.90 -0.32 0.34
N LEU A 24 -9.90 -1.59 0.71
CA LEU A 24 -11.07 -2.43 0.48
C LEU A 24 -11.87 -2.55 1.79
N GLY A 25 -11.16 -2.39 2.89
CA GLY A 25 -11.79 -2.48 4.20
C GLY A 25 -11.54 -3.85 4.84
N ILE A 26 -11.10 -4.78 4.00
CA ILE A 26 -10.82 -6.13 4.47
C ILE A 26 -10.03 -6.06 5.77
N LYS A 27 -9.99 -7.20 6.46
CA LYS A 27 -9.26 -7.28 7.72
C LYS A 27 -7.98 -8.09 7.52
N TYR A 28 -8.06 -9.06 6.62
CA TYR A 28 -6.92 -9.91 6.32
C TYR A 28 -6.02 -9.26 5.26
N PRO A 29 -4.77 -9.81 5.16
CA PRO A 29 -3.81 -9.30 4.20
C PRO A 29 -4.16 -9.76 2.78
N VAL A 30 -4.37 -8.79 1.91
CA VAL A 30 -4.71 -9.08 0.53
C VAL A 30 -3.56 -8.63 -0.38
N GLN A 31 -3.53 -9.21 -1.56
CA GLN A 31 -2.50 -8.89 -2.53
C GLN A 31 -3.06 -7.97 -3.63
N VAL A 32 -2.36 -6.88 -3.85
CA VAL A 32 -2.78 -5.91 -4.86
C VAL A 32 -2.62 -6.54 -6.24
N PRO A 33 -3.62 -6.26 -7.12
CA PRO A 33 -3.60 -6.78 -8.48
C PRO A 33 -2.59 -6.04 -9.35
N TYR A 34 -1.32 -6.26 -9.05
CA TYR A 34 -0.24 -5.62 -9.79
C TYR A 34 -0.40 -5.86 -11.29
N LYS A 35 -0.79 -7.08 -11.63
CA LYS A 35 -0.98 -7.45 -13.02
C LYS A 35 -1.99 -6.51 -13.66
N ARG A 36 -3.23 -6.61 -13.19
CA ARG A 36 -4.31 -5.77 -13.70
C ARG A 36 -3.91 -4.30 -13.61
N ILE A 37 -3.17 -3.97 -12.56
CA ILE A 37 -2.72 -2.61 -12.34
C ILE A 37 -1.69 -2.24 -13.41
N LYS A 38 -0.97 -3.24 -13.87
CA LYS A 38 0.05 -3.04 -14.88
C LYS A 38 -0.63 -2.84 -16.24
N SER A 39 -1.50 -3.78 -16.57
CA SER A 39 -2.21 -3.71 -17.83
C SER A 39 -3.16 -2.50 -17.84
N ASN A 40 -3.81 -2.29 -16.70
CA ASN A 40 -4.72 -1.17 -16.56
C ASN A 40 -4.25 -0.26 -15.44
N PRO A 41 -3.84 0.99 -15.84
CA PRO A 41 -3.36 1.97 -14.88
C PRO A 41 -4.53 2.56 -14.09
N GLY A 42 -5.71 2.51 -14.69
CA GLY A 42 -6.90 3.05 -14.05
C GLY A 42 -7.54 2.01 -13.12
N SER A 43 -6.69 1.36 -12.34
CA SER A 43 -7.15 0.35 -11.41
C SER A 43 -7.20 0.92 -9.99
N VAL A 44 -6.03 1.08 -9.41
CA VAL A 44 -5.93 1.61 -8.06
C VAL A 44 -5.09 2.90 -8.08
N ILE A 45 -5.65 3.94 -7.50
CA ILE A 45 -4.97 5.22 -7.45
C ILE A 45 -4.15 5.31 -6.16
N ILE A 46 -2.90 5.72 -6.32
CA ILE A 46 -2.01 5.85 -5.17
C ILE A 46 -1.60 7.32 -5.01
N GLU A 47 -1.90 7.84 -3.84
CA GLU A 47 -1.57 9.23 -3.55
C GLU A 47 -0.96 9.35 -2.14
N GLY A 48 -0.34 10.49 -1.90
CA GLY A 48 0.29 10.74 -0.61
C GLY A 48 1.76 10.33 -0.64
N LEU A 49 2.14 9.65 -1.70
CA LEU A 49 3.52 9.20 -1.85
C LEU A 49 4.47 10.37 -1.59
N PRO A 50 5.76 10.03 -1.37
CA PRO A 50 6.77 11.04 -1.11
C PRO A 50 7.15 11.78 -2.40
N PRO A 51 7.91 12.90 -2.21
CA PRO A 51 8.33 13.70 -3.34
C PRO A 51 9.46 13.02 -4.11
N GLY A 52 9.23 12.83 -5.40
CA GLY A 52 10.22 12.18 -6.25
C GLY A 52 9.88 10.71 -6.48
N ILE A 53 8.84 10.26 -5.78
CA ILE A 53 8.40 8.88 -5.89
C ILE A 53 6.96 8.85 -6.39
N PRO A 54 6.81 8.56 -7.71
CA PRO A 54 5.49 8.50 -8.31
C PRO A 54 4.76 7.21 -7.91
N PHE A 55 3.54 7.08 -8.41
CA PHE A 55 2.73 5.91 -8.11
C PHE A 55 3.01 4.78 -9.10
N ARG A 56 3.98 3.95 -8.74
CA ARG A 56 4.36 2.84 -9.58
C ARG A 56 4.92 1.70 -8.74
N LYS A 57 5.33 0.63 -9.42
CA LYS A 57 5.88 -0.53 -8.74
C LYS A 57 6.99 -0.08 -7.79
N PRO A 58 7.03 -0.73 -6.60
CA PRO A 58 8.03 -0.41 -5.60
C PRO A 58 9.40 -0.96 -6.00
N CYS A 59 9.42 -2.25 -6.30
CA CYS A 59 10.66 -2.91 -6.69
C CYS A 59 11.26 -2.13 -7.86
N THR A 60 10.40 -1.45 -8.60
CA THR A 60 10.84 -0.66 -9.72
C THR A 60 11.64 0.56 -9.26
N PHE A 61 11.61 0.77 -7.95
CA PHE A 61 12.33 1.89 -7.36
C PHE A 61 13.53 1.41 -6.56
N GLY A 62 14.49 2.32 -6.38
CA GLY A 62 15.69 2.00 -5.63
C GLY A 62 15.41 1.93 -4.13
N SER A 63 16.27 1.19 -3.43
CA SER A 63 16.11 1.04 -2.00
C SER A 63 15.81 2.39 -1.36
N GLN A 64 16.60 3.38 -1.73
CA GLN A 64 16.43 4.73 -1.21
C GLN A 64 14.97 5.17 -1.35
N ASN A 65 14.48 5.09 -2.57
CA ASN A 65 13.11 5.47 -2.87
C ASN A 65 12.17 4.70 -1.95
N LEU A 66 12.52 3.44 -1.71
CA LEU A 66 11.71 2.59 -0.85
C LEU A 66 11.72 3.15 0.57
N GLU A 67 12.90 3.19 1.16
CA GLU A 67 13.05 3.69 2.51
C GLU A 67 12.13 4.89 2.74
N ARG A 68 11.91 5.64 1.66
CA ARG A 68 11.05 6.81 1.72
C ARG A 68 9.58 6.39 1.80
N ILE A 69 9.17 5.60 0.82
CA ILE A 69 7.80 5.12 0.76
C ILE A 69 7.38 4.62 2.14
N LEU A 70 8.04 3.54 2.56
CA LEU A 70 7.75 2.95 3.86
C LEU A 70 7.66 4.05 4.91
N ALA A 71 8.40 5.13 4.65
CA ALA A 71 8.42 6.26 5.57
C ALA A 71 7.05 6.95 5.56
N VAL A 72 6.63 7.34 4.36
CA VAL A 72 5.35 8.01 4.21
C VAL A 72 4.26 6.96 3.93
N ALA A 73 4.58 5.72 4.28
CA ALA A 73 3.64 4.62 4.08
C ALA A 73 2.26 5.04 4.59
N ASP A 74 2.26 5.92 5.57
CA ASP A 74 1.02 6.40 6.14
C ASP A 74 0.34 7.36 5.15
N LYS A 75 1.15 8.18 4.52
CA LYS A 75 0.65 9.14 3.55
C LYS A 75 0.01 8.39 2.38
N ILE A 76 0.75 7.42 1.87
CA ILE A 76 0.27 6.62 0.75
C ILE A 76 -1.18 6.24 0.99
N LYS A 77 -2.02 6.59 0.03
CA LYS A 77 -3.44 6.29 0.12
C LYS A 77 -3.92 5.66 -1.19
N PHE A 78 -4.38 4.42 -1.10
CA PHE A 78 -4.87 3.72 -2.26
C PHE A 78 -6.36 3.95 -2.46
N THR A 79 -6.78 3.89 -3.72
CA THR A 79 -8.18 4.09 -4.07
C THR A 79 -8.68 2.97 -4.98
N VAL A 80 -9.74 2.31 -4.54
CA VAL A 80 -10.31 1.22 -5.29
C VAL A 80 -11.64 1.68 -5.91
N THR A 81 -11.59 1.97 -7.20
CA THR A 81 -12.78 2.43 -7.91
C THR A 81 -13.97 1.51 -7.60
N ARG A 82 -13.71 0.21 -7.69
CA ARG A 82 -14.75 -0.77 -7.42
C ARG A 82 -15.43 -0.47 -6.08
N PRO A 83 -16.63 -1.09 -5.90
CA PRO A 83 -17.39 -0.90 -4.68
C PRO A 83 -16.77 -1.69 -3.52
N PHE A 84 -17.33 -1.47 -2.34
CA PHE A 84 -16.85 -2.16 -1.15
C PHE A 84 -17.90 -2.12 -0.04
N GLN A 85 -17.58 -2.82 1.04
CA GLN A 85 -18.49 -2.89 2.18
C GLN A 85 -17.71 -2.74 3.48
N GLY A 86 -16.78 -3.66 3.69
CA GLY A 86 -15.96 -3.65 4.89
C GLY A 86 -16.82 -3.87 6.14
N LEU A 87 -16.13 -4.17 7.24
CA LEU A 87 -16.81 -4.40 8.50
C LEU A 87 -16.01 -3.79 9.64
N ILE A 88 -16.73 -3.13 10.54
CA ILE A 88 -16.08 -2.48 11.67
C ILE A 88 -15.14 -1.39 11.17
N PRO A 89 -15.09 -0.28 11.94
CA PRO A 89 -14.23 0.85 11.59
C PRO A 89 -12.77 0.53 11.90
N LYS A 90 -11.91 1.47 11.52
CA LYS A 90 -10.48 1.30 11.75
C LYS A 90 -9.84 2.67 11.95
N PRO A 91 -9.70 3.05 13.25
CA PRO A 91 -9.11 4.33 13.61
C PRO A 91 -7.59 4.31 13.42
N ASP A 92 -6.98 3.27 13.97
CA ASP A 92 -5.53 3.12 13.87
C ASP A 92 -5.10 1.90 14.70
N GLU A 93 -3.88 1.47 14.44
CA GLU A 93 -3.33 0.32 15.15
C GLU A 93 -2.55 0.79 16.39
N SER A 94 -2.07 -0.19 17.15
CA SER A 94 -1.31 0.10 18.36
C SER A 94 0.16 -0.28 18.15
N GLY A 95 1.03 0.57 18.66
CA GLY A 95 2.46 0.35 18.53
C GLY A 95 3.26 1.54 19.04
N PRO A 96 4.28 1.23 19.89
CA PRO A 96 5.13 2.27 20.45
C PRO A 96 6.10 2.82 19.40
N SER A 97 6.91 3.77 19.84
CA SER A 97 7.89 4.38 18.95
C SER A 97 9.30 3.91 19.33
N SER A 98 9.71 2.82 18.70
CA SER A 98 11.03 2.26 18.96
C SER A 98 11.32 1.13 17.97
N GLY A 99 12.60 0.82 17.82
CA GLY A 99 13.02 -0.23 16.92
C GLY A 99 14.42 0.04 16.38
N GLY A 1 4.77 -20.45 15.22
CA GLY A 1 4.58 -19.02 15.03
C GLY A 1 5.78 -18.40 14.30
N SER A 2 6.49 -17.56 15.04
CA SER A 2 7.66 -16.90 14.49
C SER A 2 7.26 -15.98 13.33
N SER A 3 7.58 -14.70 13.48
CA SER A 3 7.25 -13.73 12.45
C SER A 3 8.32 -12.63 12.42
N GLY A 4 8.93 -12.49 11.24
CA GLY A 4 9.97 -11.48 11.06
C GLY A 4 10.29 -11.30 9.58
N SER A 5 9.78 -10.20 9.03
CA SER A 5 10.01 -9.89 7.63
C SER A 5 11.22 -8.98 7.48
N SER A 6 11.89 -9.11 6.34
CA SER A 6 13.07 -8.31 6.06
C SER A 6 13.18 -8.05 4.56
N GLY A 7 13.90 -6.98 4.24
CA GLY A 7 14.09 -6.61 2.84
C GLY A 7 13.18 -5.44 2.46
N LEU A 8 13.81 -4.32 2.16
CA LEU A 8 13.08 -3.12 1.77
C LEU A 8 11.97 -3.51 0.77
N ARG A 9 12.41 -3.86 -0.43
CA ARG A 9 11.48 -4.26 -1.48
C ARG A 9 10.33 -5.09 -0.88
N GLU A 10 10.71 -6.06 -0.07
CA GLU A 10 9.73 -6.93 0.57
C GLU A 10 8.75 -6.10 1.41
N GLN A 11 9.32 -5.21 2.20
CA GLN A 11 8.51 -4.35 3.06
C GLN A 11 7.45 -3.62 2.23
N VAL A 12 7.92 -2.85 1.26
CA VAL A 12 7.04 -2.10 0.39
C VAL A 12 6.11 -3.07 -0.35
N GLN A 13 6.73 -4.10 -0.91
CA GLN A 13 5.99 -5.11 -1.64
C GLN A 13 4.80 -5.62 -0.81
N ASP A 14 4.94 -5.49 0.50
CA ASP A 14 3.90 -5.92 1.41
C ASP A 14 3.01 -4.73 1.77
N LEU A 15 3.65 -3.57 1.94
CA LEU A 15 2.94 -2.36 2.28
C LEU A 15 1.74 -2.19 1.33
N PHE A 16 2.06 -1.88 0.09
CA PHE A 16 1.02 -1.69 -0.92
C PHE A 16 -0.06 -2.75 -0.80
N ASN A 17 0.39 -3.99 -0.60
CA ASN A 17 -0.53 -5.11 -0.46
C ASN A 17 -1.39 -4.91 0.78
N LYS A 18 -0.71 -4.78 1.92
CA LYS A 18 -1.40 -4.58 3.18
C LYS A 18 -2.36 -3.41 3.05
N LYS A 19 -1.82 -2.26 2.71
CA LYS A 19 -2.62 -1.05 2.56
C LYS A 19 -3.92 -1.41 1.85
N TYR A 20 -3.78 -2.10 0.73
CA TYR A 20 -4.93 -2.52 -0.05
C TYR A 20 -6.08 -2.95 0.85
N GLY A 21 -5.78 -3.89 1.74
CA GLY A 21 -6.77 -4.40 2.67
C GLY A 21 -7.63 -3.25 3.23
N GLU A 22 -6.98 -2.12 3.45
CA GLU A 22 -7.67 -0.96 3.98
C GLU A 22 -8.58 -0.35 2.90
N ALA A 23 -7.98 -0.02 1.78
CA ALA A 23 -8.72 0.56 0.68
C ALA A 23 -10.03 -0.21 0.47
N LEU A 24 -9.97 -1.50 0.78
CA LEU A 24 -11.13 -2.36 0.64
C LEU A 24 -11.84 -2.48 1.99
N GLY A 25 -11.05 -2.33 3.04
CA GLY A 25 -11.59 -2.44 4.39
C GLY A 25 -11.35 -3.82 4.98
N ILE A 26 -10.94 -4.73 4.12
CA ILE A 26 -10.68 -6.10 4.53
C ILE A 26 -9.88 -6.08 5.85
N LYS A 27 -9.84 -7.24 6.48
CA LYS A 27 -9.11 -7.38 7.74
C LYS A 27 -7.82 -8.16 7.50
N TYR A 28 -7.90 -9.12 6.59
CA TYR A 28 -6.75 -9.94 6.26
C TYR A 28 -5.86 -9.25 5.24
N PRO A 29 -4.61 -9.77 5.12
CA PRO A 29 -3.65 -9.21 4.19
C PRO A 29 -3.98 -9.62 2.75
N VAL A 30 -4.37 -8.63 1.96
CA VAL A 30 -4.71 -8.87 0.57
C VAL A 30 -3.52 -8.51 -0.33
N GLN A 31 -3.54 -9.07 -1.53
CA GLN A 31 -2.47 -8.81 -2.49
C GLN A 31 -2.95 -7.87 -3.59
N VAL A 32 -2.11 -6.90 -3.90
CA VAL A 32 -2.43 -5.93 -4.93
C VAL A 32 -2.22 -6.56 -6.31
N PRO A 33 -3.26 -6.44 -7.16
CA PRO A 33 -3.20 -6.99 -8.51
C PRO A 33 -2.31 -6.13 -9.41
N TYR A 34 -1.00 -6.27 -9.21
CA TYR A 34 -0.04 -5.52 -9.99
C TYR A 34 -0.26 -5.75 -11.50
N LYS A 35 -0.64 -6.99 -11.82
CA LYS A 35 -0.87 -7.35 -13.20
C LYS A 35 -1.98 -6.48 -13.77
N ARG A 36 -3.16 -6.60 -13.18
CA ARG A 36 -4.31 -5.83 -13.61
C ARG A 36 -4.01 -4.33 -13.53
N ILE A 37 -3.14 -3.99 -12.58
CA ILE A 37 -2.76 -2.59 -12.39
C ILE A 37 -1.81 -2.18 -13.50
N LYS A 38 -1.13 -3.17 -14.06
CA LYS A 38 -0.18 -2.91 -15.14
C LYS A 38 -0.94 -2.73 -16.45
N SER A 39 -1.73 -3.74 -16.79
CA SER A 39 -2.52 -3.71 -18.01
C SER A 39 -3.47 -2.51 -17.99
N ASN A 40 -4.08 -2.31 -16.83
CA ASN A 40 -5.02 -1.22 -16.66
C ASN A 40 -4.52 -0.30 -15.55
N PRO A 41 -4.15 0.95 -15.95
CA PRO A 41 -3.66 1.93 -15.00
C PRO A 41 -4.81 2.50 -14.16
N GLY A 42 -6.01 2.38 -14.70
CA GLY A 42 -7.19 2.88 -14.01
C GLY A 42 -7.78 1.82 -13.08
N SER A 43 -6.91 1.27 -12.24
CA SER A 43 -7.32 0.24 -11.30
C SER A 43 -7.29 0.79 -9.87
N VAL A 44 -6.08 0.92 -9.35
CA VAL A 44 -5.89 1.44 -8.01
C VAL A 44 -5.03 2.70 -8.05
N ILE A 45 -5.55 3.76 -7.47
CA ILE A 45 -4.84 5.03 -7.44
C ILE A 45 -4.08 5.15 -6.11
N ILE A 46 -2.81 5.54 -6.21
CA ILE A 46 -1.98 5.70 -5.04
C ILE A 46 -1.60 7.18 -4.89
N GLU A 47 -1.91 7.71 -3.72
CA GLU A 47 -1.61 9.11 -3.44
C GLU A 47 -0.99 9.25 -2.05
N GLY A 48 -0.42 10.41 -1.80
CA GLY A 48 0.20 10.69 -0.52
C GLY A 48 1.69 10.32 -0.55
N LEU A 49 2.08 9.65 -1.62
CA LEU A 49 3.46 9.23 -1.78
C LEU A 49 4.38 10.43 -1.54
N PRO A 50 5.69 10.12 -1.34
CA PRO A 50 6.68 11.16 -1.09
C PRO A 50 7.02 11.90 -2.39
N PRO A 51 7.77 13.03 -2.22
CA PRO A 51 8.17 13.83 -3.37
C PRO A 51 9.29 13.16 -4.15
N GLY A 52 9.03 12.91 -5.42
CA GLY A 52 10.02 12.27 -6.28
C GLY A 52 9.71 10.78 -6.45
N ILE A 53 8.70 10.33 -5.72
CA ILE A 53 8.30 8.94 -5.78
C ILE A 53 6.85 8.85 -6.26
N PRO A 54 6.69 8.55 -7.58
CA PRO A 54 5.38 8.43 -8.18
C PRO A 54 4.69 7.13 -7.77
N PHE A 55 3.47 6.97 -8.22
CA PHE A 55 2.70 5.78 -7.90
C PHE A 55 3.01 4.65 -8.88
N ARG A 56 4.00 3.84 -8.51
CA ARG A 56 4.40 2.73 -9.34
C ARG A 56 4.96 1.59 -8.47
N LYS A 57 5.36 0.52 -9.15
CA LYS A 57 5.90 -0.64 -8.46
C LYS A 57 7.23 -0.25 -7.79
N PRO A 58 7.49 -0.90 -6.63
CA PRO A 58 8.71 -0.64 -5.88
C PRO A 58 9.93 -1.27 -6.57
N CYS A 59 9.64 -2.10 -7.55
CA CYS A 59 10.70 -2.78 -8.29
C CYS A 59 11.44 -1.74 -9.13
N THR A 60 10.66 -0.82 -9.69
CA THR A 60 11.23 0.23 -10.51
C THR A 60 11.95 1.27 -9.63
N PHE A 61 11.86 1.05 -8.33
CA PHE A 61 12.49 1.96 -7.38
C PHE A 61 13.65 1.27 -6.67
N GLY A 62 14.43 2.08 -5.95
CA GLY A 62 15.57 1.56 -5.22
C GLY A 62 15.36 1.70 -3.71
N SER A 63 16.23 1.04 -2.96
CA SER A 63 16.16 1.08 -1.51
C SER A 63 15.76 2.49 -1.05
N GLN A 64 16.60 3.44 -1.40
CA GLN A 64 16.35 4.83 -1.02
C GLN A 64 14.87 5.17 -1.23
N ASN A 65 14.47 5.12 -2.49
CA ASN A 65 13.09 5.42 -2.85
C ASN A 65 12.14 4.64 -1.93
N LEU A 66 12.50 3.39 -1.69
CA LEU A 66 11.70 2.53 -0.85
C LEU A 66 11.67 3.11 0.57
N GLU A 67 12.84 3.14 1.18
CA GLU A 67 12.96 3.66 2.54
C GLU A 67 12.04 4.87 2.72
N ARG A 68 11.87 5.61 1.64
CA ARG A 68 11.01 6.79 1.66
C ARG A 68 9.54 6.38 1.68
N ILE A 69 9.17 5.54 0.73
CA ILE A 69 7.81 5.07 0.63
C ILE A 69 7.33 4.60 2.00
N LEU A 70 8.02 3.59 2.52
CA LEU A 70 7.69 3.03 3.81
C LEU A 70 7.62 4.16 4.84
N ALA A 71 8.36 5.22 4.55
CA ALA A 71 8.39 6.37 5.44
C ALA A 71 7.01 7.02 5.49
N VAL A 72 6.51 7.35 4.30
CA VAL A 72 5.20 7.99 4.19
C VAL A 72 4.13 6.90 4.01
N ALA A 73 4.50 5.68 4.39
CA ALA A 73 3.60 4.55 4.28
C ALA A 73 2.21 4.97 4.78
N ASP A 74 2.21 5.91 5.70
CA ASP A 74 0.97 6.41 6.28
C ASP A 74 0.25 7.29 5.26
N LYS A 75 1.02 8.18 4.64
CA LYS A 75 0.48 9.08 3.65
C LYS A 75 -0.09 8.26 2.49
N ILE A 76 0.74 7.38 1.96
CA ILE A 76 0.33 6.54 0.85
C ILE A 76 -1.12 6.08 1.07
N LYS A 77 -1.97 6.45 0.11
CA LYS A 77 -3.37 6.09 0.18
C LYS A 77 -3.81 5.48 -1.16
N PHE A 78 -4.41 4.30 -1.06
CA PHE A 78 -4.88 3.61 -2.25
C PHE A 78 -6.36 3.87 -2.49
N THR A 79 -6.74 3.83 -3.76
CA THR A 79 -8.13 4.06 -4.14
C THR A 79 -8.67 2.87 -4.91
N VAL A 80 -9.88 2.46 -4.55
CA VAL A 80 -10.52 1.34 -5.21
C VAL A 80 -11.84 1.80 -5.83
N THR A 81 -12.18 1.18 -6.96
CA THR A 81 -13.40 1.51 -7.65
C THR A 81 -14.46 0.43 -7.44
N ARG A 82 -14.02 -0.81 -7.61
CA ARG A 82 -14.92 -1.95 -7.44
C ARG A 82 -15.80 -1.75 -6.21
N PRO A 83 -16.89 -2.56 -6.14
CA PRO A 83 -17.81 -2.49 -5.02
C PRO A 83 -17.22 -3.11 -3.77
N PHE A 84 -17.47 -2.46 -2.64
CA PHE A 84 -16.95 -2.95 -1.37
C PHE A 84 -17.58 -2.18 -0.20
N GLN A 85 -17.33 -2.68 1.00
CA GLN A 85 -17.86 -2.05 2.20
C GLN A 85 -17.23 -2.68 3.44
N GLY A 86 -17.35 -1.96 4.56
CA GLY A 86 -16.80 -2.43 5.82
C GLY A 86 -15.49 -1.72 6.15
N LEU A 87 -15.62 -0.67 6.95
CA LEU A 87 -14.46 0.10 7.35
C LEU A 87 -14.42 0.21 8.87
N ILE A 88 -13.92 -0.86 9.49
CA ILE A 88 -13.83 -0.90 10.94
C ILE A 88 -12.83 0.17 11.42
N PRO A 89 -13.18 0.81 12.57
CA PRO A 89 -12.34 1.85 13.13
C PRO A 89 -11.11 1.24 13.80
N LYS A 90 -10.16 2.11 14.15
CA LYS A 90 -8.94 1.67 14.79
C LYS A 90 -8.17 2.89 15.31
N PRO A 91 -8.67 3.46 16.43
CA PRO A 91 -8.06 4.62 17.04
C PRO A 91 -6.76 4.24 17.76
N ASP A 92 -5.86 3.62 17.01
CA ASP A 92 -4.59 3.20 17.56
C ASP A 92 -3.61 2.91 16.42
N GLU A 93 -2.35 3.26 16.65
CA GLU A 93 -1.31 3.05 15.66
C GLU A 93 0.04 2.87 16.33
N SER A 94 0.95 2.23 15.60
CA SER A 94 2.29 1.99 16.12
C SER A 94 3.32 2.69 15.24
N GLY A 95 4.34 3.23 15.89
CA GLY A 95 5.40 3.93 15.18
C GLY A 95 6.74 3.19 15.32
N PRO A 96 7.01 2.32 14.32
CA PRO A 96 8.25 1.55 14.32
C PRO A 96 9.45 2.43 13.94
N SER A 97 9.25 3.23 12.91
CA SER A 97 10.29 4.13 12.45
C SER A 97 11.38 3.32 11.72
N SER A 98 12.02 2.43 12.47
CA SER A 98 13.07 1.60 11.91
C SER A 98 13.47 0.53 12.92
N GLY A 99 13.91 0.99 14.08
CA GLY A 99 14.34 0.08 15.14
C GLY A 99 15.55 0.65 15.88
N GLY A 1 -1.53 -11.00 10.24
CA GLY A 1 -0.98 -10.68 8.93
C GLY A 1 0.29 -11.47 8.67
N SER A 2 1.42 -10.81 8.85
CA SER A 2 2.71 -11.44 8.63
C SER A 2 3.73 -10.90 9.63
N SER A 3 4.43 -11.82 10.28
CA SER A 3 5.44 -11.45 11.26
C SER A 3 6.82 -11.84 10.76
N GLY A 4 7.76 -10.91 10.90
CA GLY A 4 9.13 -11.15 10.46
C GLY A 4 9.84 -9.84 10.17
N SER A 5 9.38 -9.17 9.13
CA SER A 5 9.97 -7.89 8.72
C SER A 5 11.44 -8.09 8.37
N SER A 6 11.75 -7.87 7.09
CA SER A 6 13.11 -8.02 6.62
C SER A 6 13.14 -7.86 5.09
N GLY A 7 13.96 -6.91 4.65
CA GLY A 7 14.09 -6.66 3.23
C GLY A 7 13.20 -5.48 2.79
N LEU A 8 13.86 -4.36 2.51
CA LEU A 8 13.15 -3.17 2.10
C LEU A 8 12.07 -3.56 1.09
N ARG A 9 12.52 -3.94 -0.10
CA ARG A 9 11.60 -4.34 -1.16
C ARG A 9 10.43 -5.13 -0.57
N GLU A 10 10.77 -6.07 0.31
CA GLU A 10 9.76 -6.91 0.94
C GLU A 10 8.78 -6.04 1.74
N GLN A 11 9.35 -5.12 2.51
CA GLN A 11 8.55 -4.23 3.32
C GLN A 11 7.49 -3.54 2.47
N VAL A 12 7.97 -2.75 1.52
CA VAL A 12 7.09 -2.02 0.62
C VAL A 12 6.14 -3.00 -0.06
N GLN A 13 6.72 -4.07 -0.59
CA GLN A 13 5.93 -5.09 -1.26
C GLN A 13 4.74 -5.52 -0.38
N ASP A 14 4.94 -5.40 0.92
CA ASP A 14 3.91 -5.76 1.87
C ASP A 14 3.06 -4.54 2.19
N LEU A 15 3.73 -3.41 2.32
CA LEU A 15 3.04 -2.16 2.63
C LEU A 15 1.82 -2.02 1.71
N PHE A 16 2.10 -1.76 0.44
CA PHE A 16 1.03 -1.60 -0.53
C PHE A 16 0.04 -2.76 -0.45
N ASN A 17 0.58 -3.96 -0.29
CA ASN A 17 -0.25 -5.15 -0.20
C ASN A 17 -1.19 -5.02 1.00
N LYS A 18 -0.64 -4.47 2.07
CA LYS A 18 -1.42 -4.28 3.29
C LYS A 18 -2.40 -3.11 3.09
N LYS A 19 -1.83 -1.96 2.80
CA LYS A 19 -2.64 -0.77 2.59
C LYS A 19 -3.83 -1.11 1.69
N TYR A 20 -3.55 -1.94 0.69
CA TYR A 20 -4.59 -2.36 -0.24
C TYR A 20 -5.80 -2.93 0.51
N GLY A 21 -5.52 -3.94 1.33
CA GLY A 21 -6.57 -4.58 2.10
C GLY A 21 -7.47 -3.55 2.76
N GLU A 22 -6.84 -2.49 3.26
CA GLU A 22 -7.56 -1.42 3.92
C GLU A 22 -8.53 -0.74 2.95
N ALA A 23 -7.99 -0.38 1.79
CA ALA A 23 -8.78 0.28 0.77
C ALA A 23 -10.02 -0.56 0.48
N LEU A 24 -9.92 -1.85 0.79
CA LEU A 24 -11.02 -2.77 0.57
C LEU A 24 -11.75 -3.02 1.89
N GLY A 25 -11.01 -2.83 2.98
CA GLY A 25 -11.57 -3.03 4.30
C GLY A 25 -11.17 -4.40 4.87
N ILE A 26 -10.68 -5.25 3.98
CA ILE A 26 -10.25 -6.58 4.37
C ILE A 26 -9.35 -6.48 5.60
N LYS A 27 -9.14 -7.62 6.24
CA LYS A 27 -8.30 -7.67 7.42
C LYS A 27 -7.02 -8.45 7.09
N TYR A 28 -7.17 -9.42 6.21
CA TYR A 28 -6.04 -10.26 5.81
C TYR A 28 -5.24 -9.57 4.69
N PRO A 29 -4.00 -10.08 4.49
CA PRO A 29 -3.12 -9.53 3.47
C PRO A 29 -3.56 -9.98 2.07
N VAL A 30 -4.03 -9.01 1.30
CA VAL A 30 -4.49 -9.29 -0.05
C VAL A 30 -3.35 -8.98 -1.04
N GLN A 31 -3.47 -9.57 -2.22
CA GLN A 31 -2.47 -9.37 -3.25
C GLN A 31 -2.99 -8.39 -4.31
N VAL A 32 -2.35 -7.23 -4.34
CA VAL A 32 -2.74 -6.20 -5.29
C VAL A 32 -2.60 -6.74 -6.71
N PRO A 33 -3.67 -6.49 -7.53
CA PRO A 33 -3.67 -6.95 -8.90
C PRO A 33 -2.76 -6.09 -9.77
N TYR A 34 -1.46 -6.32 -9.61
CA TYR A 34 -0.48 -5.57 -10.37
C TYR A 34 -0.74 -5.69 -11.87
N LYS A 35 -1.06 -6.90 -12.30
CA LYS A 35 -1.34 -7.16 -13.70
C LYS A 35 -2.40 -6.18 -14.19
N ARG A 36 -3.60 -6.34 -13.64
CA ARG A 36 -4.72 -5.48 -14.01
C ARG A 36 -4.32 -4.02 -13.91
N ILE A 37 -3.54 -3.72 -12.87
CA ILE A 37 -3.08 -2.36 -12.64
C ILE A 37 -2.15 -1.94 -13.78
N LYS A 38 -1.50 -2.94 -14.37
CA LYS A 38 -0.58 -2.69 -15.46
C LYS A 38 -1.38 -2.47 -16.75
N SER A 39 -2.23 -3.43 -17.05
CA SER A 39 -3.06 -3.36 -18.24
C SER A 39 -4.04 -2.18 -18.12
N ASN A 40 -4.61 -2.04 -16.94
CA ASN A 40 -5.55 -0.97 -16.69
C ASN A 40 -5.03 -0.08 -15.56
N PRO A 41 -4.70 1.19 -15.91
CA PRO A 41 -4.19 2.13 -14.94
C PRO A 41 -5.31 2.65 -14.04
N GLY A 42 -6.53 2.46 -14.51
CA GLY A 42 -7.69 2.91 -13.76
C GLY A 42 -8.19 1.80 -12.82
N SER A 43 -7.26 1.25 -12.06
CA SER A 43 -7.59 0.19 -11.12
C SER A 43 -7.44 0.69 -9.68
N VAL A 44 -6.19 0.84 -9.26
CA VAL A 44 -5.90 1.32 -7.92
C VAL A 44 -5.04 2.57 -8.00
N ILE A 45 -5.61 3.68 -7.54
CA ILE A 45 -4.90 4.95 -7.55
C ILE A 45 -4.07 5.08 -6.27
N ILE A 46 -2.79 5.37 -6.47
CA ILE A 46 -1.88 5.53 -5.35
C ILE A 46 -1.46 7.00 -5.23
N GLU A 47 -1.80 7.58 -4.10
CA GLU A 47 -1.46 8.98 -3.85
C GLU A 47 -0.87 9.15 -2.45
N GLY A 48 -0.23 10.29 -2.25
CA GLY A 48 0.38 10.59 -0.97
C GLY A 48 1.86 10.17 -0.96
N LEU A 49 2.25 9.45 -2.00
CA LEU A 49 3.61 8.99 -2.13
C LEU A 49 4.57 10.18 -1.90
N PRO A 50 5.86 9.83 -1.67
CA PRO A 50 6.88 10.85 -1.43
C PRO A 50 7.26 11.55 -2.74
N PRO A 51 8.03 12.66 -2.60
CA PRO A 51 8.47 13.42 -3.76
C PRO A 51 9.60 12.69 -4.49
N GLY A 52 9.36 12.44 -5.77
CA GLY A 52 10.34 11.75 -6.59
C GLY A 52 9.99 10.27 -6.76
N ILE A 53 8.96 9.87 -6.03
CA ILE A 53 8.52 8.48 -6.08
C ILE A 53 7.06 8.43 -6.56
N PRO A 54 6.90 8.13 -7.88
CA PRO A 54 5.57 8.04 -8.47
C PRO A 54 4.85 6.77 -8.04
N PHE A 55 3.62 6.64 -8.50
CA PHE A 55 2.81 5.47 -8.17
C PHE A 55 3.15 4.30 -9.09
N ARG A 56 4.12 3.51 -8.65
CA ARG A 56 4.56 2.35 -9.42
C ARG A 56 5.07 1.26 -8.48
N LYS A 57 5.49 0.15 -9.08
CA LYS A 57 6.01 -0.97 -8.32
C LYS A 57 7.34 -0.56 -7.67
N PRO A 58 7.59 -1.14 -6.47
CA PRO A 58 8.81 -0.85 -5.74
C PRO A 58 10.01 -1.56 -6.37
N CYS A 59 9.71 -2.46 -7.29
CA CYS A 59 10.74 -3.22 -7.97
C CYS A 59 11.52 -2.25 -8.88
N THR A 60 10.87 -1.13 -9.18
CA THR A 60 11.49 -0.13 -10.03
C THR A 60 12.17 0.95 -9.18
N PHE A 61 11.95 0.86 -7.88
CA PHE A 61 12.54 1.81 -6.94
C PHE A 61 13.71 1.18 -6.17
N GLY A 62 14.67 2.03 -5.85
CA GLY A 62 15.84 1.57 -5.12
C GLY A 62 15.60 1.63 -3.61
N SER A 63 16.48 0.95 -2.88
CA SER A 63 16.37 0.92 -1.42
C SER A 63 16.02 2.30 -0.89
N GLN A 64 16.75 3.29 -1.40
CA GLN A 64 16.52 4.67 -0.98
C GLN A 64 15.06 5.07 -1.20
N ASN A 65 14.63 4.98 -2.45
CA ASN A 65 13.28 5.32 -2.82
C ASN A 65 12.30 4.56 -1.91
N LEU A 66 12.66 3.31 -1.61
CA LEU A 66 11.84 2.48 -0.76
C LEU A 66 11.79 3.09 0.64
N GLU A 67 12.96 3.15 1.27
CA GLU A 67 13.05 3.70 2.60
C GLU A 67 12.11 4.90 2.76
N ARG A 68 11.93 5.62 1.65
CA ARG A 68 11.06 6.77 1.65
C ARG A 68 9.59 6.34 1.69
N ILE A 69 9.22 5.53 0.71
CA ILE A 69 7.85 5.04 0.62
C ILE A 69 7.38 4.60 2.00
N LEU A 70 8.06 3.59 2.53
CA LEU A 70 7.73 3.07 3.84
C LEU A 70 7.62 4.24 4.84
N ALA A 71 8.39 5.28 4.57
CA ALA A 71 8.40 6.45 5.42
C ALA A 71 7.03 7.12 5.37
N VAL A 72 6.60 7.42 4.15
CA VAL A 72 5.30 8.07 3.95
C VAL A 72 4.24 6.99 3.74
N ALA A 73 4.55 5.79 4.19
CA ALA A 73 3.63 4.67 4.06
C ALA A 73 2.23 5.10 4.50
N ASP A 74 2.22 6.07 5.42
CA ASP A 74 0.96 6.58 5.93
C ASP A 74 0.29 7.46 4.88
N LYS A 75 1.11 8.28 4.23
CA LYS A 75 0.61 9.18 3.21
C LYS A 75 0.01 8.35 2.07
N ILE A 76 0.78 7.38 1.61
CA ILE A 76 0.33 6.51 0.53
C ILE A 76 -1.13 6.12 0.76
N LYS A 77 -1.96 6.44 -0.22
CA LYS A 77 -3.37 6.14 -0.14
C LYS A 77 -3.82 5.46 -1.43
N PHE A 78 -4.49 4.32 -1.26
CA PHE A 78 -4.98 3.56 -2.40
C PHE A 78 -6.47 3.83 -2.64
N THR A 79 -6.86 3.70 -3.89
CA THR A 79 -8.24 3.92 -4.27
C THR A 79 -8.83 2.66 -4.92
N VAL A 80 -10.01 2.29 -4.46
CA VAL A 80 -10.68 1.11 -4.99
C VAL A 80 -12.08 1.51 -5.50
N THR A 81 -12.34 1.16 -6.74
CA THR A 81 -13.62 1.48 -7.35
C THR A 81 -14.63 0.36 -7.08
N ARG A 82 -14.24 -0.85 -7.45
CA ARG A 82 -15.09 -2.01 -7.26
C ARG A 82 -16.37 -1.87 -8.09
N PRO A 83 -17.07 -3.02 -8.27
CA PRO A 83 -18.30 -3.04 -9.04
C PRO A 83 -19.45 -2.45 -8.22
N PHE A 84 -19.40 -1.13 -8.06
CA PHE A 84 -20.42 -0.43 -7.32
C PHE A 84 -20.62 -1.06 -5.94
N GLN A 85 -19.91 -0.52 -4.96
CA GLN A 85 -20.00 -1.01 -3.60
C GLN A 85 -19.16 -0.15 -2.66
N GLY A 86 -19.83 0.47 -1.71
CA GLY A 86 -19.15 1.33 -0.75
C GLY A 86 -19.65 1.06 0.67
N LEU A 87 -19.42 -0.17 1.12
CA LEU A 87 -19.83 -0.57 2.46
C LEU A 87 -18.71 -1.35 3.13
N ILE A 88 -18.51 -1.05 4.41
CA ILE A 88 -17.47 -1.71 5.17
C ILE A 88 -18.00 -2.04 6.58
N PRO A 89 -17.60 -3.24 7.08
CA PRO A 89 -18.02 -3.68 8.40
C PRO A 89 -17.28 -2.93 9.49
N LYS A 90 -18.01 -2.61 10.55
CA LYS A 90 -17.42 -1.90 11.68
C LYS A 90 -16.50 -0.81 11.15
N PRO A 91 -17.12 0.36 10.81
CA PRO A 91 -16.36 1.49 10.30
C PRO A 91 -15.59 2.19 11.42
N ASP A 92 -14.66 1.45 12.01
CA ASP A 92 -13.86 1.98 13.10
C ASP A 92 -12.69 1.03 13.38
N GLU A 93 -11.53 1.62 13.60
CA GLU A 93 -10.34 0.84 13.89
C GLU A 93 -9.33 1.69 14.66
N SER A 94 -8.37 1.00 15.27
CA SER A 94 -7.34 1.67 16.05
C SER A 94 -6.19 0.71 16.33
N GLY A 95 -4.98 1.25 16.30
CA GLY A 95 -3.80 0.45 16.56
C GLY A 95 -2.62 1.34 16.99
N PRO A 96 -1.45 0.68 17.18
CA PRO A 96 -0.24 1.39 17.58
C PRO A 96 0.35 2.17 16.41
N SER A 97 1.30 3.04 16.74
CA SER A 97 1.95 3.84 15.73
C SER A 97 3.39 4.17 16.16
N SER A 98 4.33 3.54 15.50
CA SER A 98 5.74 3.75 15.80
C SER A 98 6.56 3.74 14.51
N GLY A 99 7.80 4.19 14.63
CA GLY A 99 8.70 4.24 13.49
C GLY A 99 9.73 5.36 13.65
N GLY A 1 6.79 -7.70 16.85
CA GLY A 1 5.96 -7.53 15.68
C GLY A 1 5.10 -8.77 15.43
N SER A 2 4.94 -9.09 14.16
CA SER A 2 4.15 -10.25 13.77
C SER A 2 4.79 -10.96 12.59
N SER A 3 4.95 -10.22 11.50
CA SER A 3 5.55 -10.76 10.30
C SER A 3 7.00 -11.16 10.57
N GLY A 4 7.78 -10.17 10.99
CA GLY A 4 9.18 -10.41 11.28
C GLY A 4 10.08 -9.56 10.38
N SER A 5 11.19 -10.16 9.98
CA SER A 5 12.14 -9.48 9.11
C SER A 5 11.65 -9.50 7.67
N SER A 6 11.89 -8.40 6.98
CA SER A 6 11.47 -8.29 5.58
C SER A 6 12.30 -7.20 4.88
N GLY A 7 12.89 -7.59 3.77
CA GLY A 7 13.70 -6.65 3.00
C GLY A 7 12.87 -5.48 2.50
N LEU A 8 13.55 -4.37 2.25
CA LEU A 8 12.89 -3.17 1.78
C LEU A 8 11.83 -3.54 0.75
N ARG A 9 12.30 -3.98 -0.41
CA ARG A 9 11.40 -4.38 -1.48
C ARG A 9 10.24 -5.21 -0.92
N GLU A 10 10.59 -6.09 0.00
CA GLU A 10 9.59 -6.95 0.62
C GLU A 10 8.63 -6.12 1.48
N GLN A 11 9.20 -5.15 2.16
CA GLN A 11 8.42 -4.27 3.02
C GLN A 11 7.33 -3.56 2.20
N VAL A 12 7.79 -2.77 1.26
CA VAL A 12 6.88 -2.02 0.40
C VAL A 12 5.93 -3.00 -0.30
N GLN A 13 6.52 -4.06 -0.82
CA GLN A 13 5.74 -5.08 -1.52
C GLN A 13 4.57 -5.55 -0.64
N ASP A 14 4.77 -5.42 0.66
CA ASP A 14 3.74 -5.82 1.61
C ASP A 14 2.87 -4.61 1.96
N LEU A 15 3.53 -3.47 2.10
CA LEU A 15 2.84 -2.24 2.43
C LEU A 15 1.61 -2.09 1.51
N PHE A 16 1.88 -1.79 0.26
CA PHE A 16 0.83 -1.62 -0.73
C PHE A 16 -0.25 -2.69 -0.57
N ASN A 17 0.21 -3.93 -0.48
CA ASN A 17 -0.69 -5.06 -0.32
C ASN A 17 -1.55 -4.86 0.92
N LYS A 18 -0.87 -4.63 2.04
CA LYS A 18 -1.56 -4.41 3.30
C LYS A 18 -2.53 -3.24 3.16
N LYS A 19 -2.01 -2.14 2.63
CA LYS A 19 -2.81 -0.95 2.44
C LYS A 19 -4.13 -1.34 1.76
N TYR A 20 -4.01 -2.15 0.72
CA TYR A 20 -5.17 -2.61 -0.02
C TYR A 20 -6.29 -3.06 0.92
N GLY A 21 -5.94 -4.02 1.78
CA GLY A 21 -6.90 -4.54 2.74
C GLY A 21 -7.74 -3.42 3.34
N GLU A 22 -7.09 -2.28 3.55
CA GLU A 22 -7.77 -1.13 4.11
C GLU A 22 -8.66 -0.46 3.07
N ALA A 23 -8.06 -0.17 1.93
CA ALA A 23 -8.80 0.46 0.84
C ALA A 23 -10.07 -0.32 0.55
N LEU A 24 -10.05 -1.59 0.96
CA LEU A 24 -11.20 -2.46 0.75
C LEU A 24 -11.94 -2.62 2.08
N GLY A 25 -11.19 -2.51 3.16
CA GLY A 25 -11.77 -2.64 4.50
C GLY A 25 -11.46 -4.02 5.09
N ILE A 26 -10.98 -4.91 4.23
CA ILE A 26 -10.65 -6.26 4.66
C ILE A 26 -9.79 -6.19 5.91
N LYS A 27 -9.68 -7.33 6.57
CA LYS A 27 -8.89 -7.41 7.79
C LYS A 27 -7.62 -8.22 7.52
N TYR A 28 -7.76 -9.19 6.63
CA TYR A 28 -6.64 -10.05 6.27
C TYR A 28 -5.78 -9.40 5.18
N PRO A 29 -4.55 -9.94 5.02
CA PRO A 29 -3.63 -9.44 4.01
C PRO A 29 -4.04 -9.87 2.61
N VAL A 30 -4.33 -8.87 1.78
CA VAL A 30 -4.73 -9.14 0.41
C VAL A 30 -3.60 -8.76 -0.54
N GLN A 31 -3.64 -9.34 -1.73
CA GLN A 31 -2.62 -9.08 -2.73
C GLN A 31 -3.17 -8.15 -3.81
N VAL A 32 -2.50 -7.01 -3.97
CA VAL A 32 -2.91 -6.03 -4.95
C VAL A 32 -2.64 -6.58 -6.35
N PRO A 33 -3.61 -6.32 -7.27
CA PRO A 33 -3.49 -6.78 -8.64
C PRO A 33 -2.48 -5.92 -9.42
N TYR A 34 -1.21 -6.11 -9.09
CA TYR A 34 -0.15 -5.37 -9.74
C TYR A 34 -0.23 -5.51 -11.26
N LYS A 35 -0.22 -6.77 -11.70
CA LYS A 35 -0.30 -7.06 -13.13
C LYS A 35 -1.41 -6.21 -13.76
N ARG A 36 -2.63 -6.47 -13.33
CA ARG A 36 -3.78 -5.75 -13.85
C ARG A 36 -3.56 -4.24 -13.69
N ILE A 37 -2.87 -3.87 -12.61
CA ILE A 37 -2.59 -2.48 -12.33
C ILE A 37 -1.58 -1.96 -13.35
N LYS A 38 -0.79 -2.88 -13.88
CA LYS A 38 0.22 -2.52 -14.86
C LYS A 38 -0.43 -2.35 -16.23
N SER A 39 -1.42 -3.20 -16.49
CA SER A 39 -2.14 -3.16 -17.76
C SER A 39 -3.17 -2.03 -17.73
N ASN A 40 -3.84 -1.91 -16.59
CA ASN A 40 -4.86 -0.89 -16.42
C ASN A 40 -4.46 0.02 -15.25
N PRO A 41 -4.16 1.31 -15.60
CA PRO A 41 -3.78 2.28 -14.60
C PRO A 41 -4.99 2.75 -13.79
N GLY A 42 -6.16 2.45 -14.33
CA GLY A 42 -7.40 2.84 -13.66
C GLY A 42 -7.93 1.71 -12.78
N SER A 43 -7.02 1.16 -11.97
CA SER A 43 -7.38 0.08 -11.07
C SER A 43 -7.28 0.55 -9.63
N VAL A 44 -6.06 0.86 -9.21
CA VAL A 44 -5.82 1.32 -7.86
C VAL A 44 -5.00 2.61 -7.90
N ILE A 45 -5.60 3.67 -7.40
CA ILE A 45 -4.94 4.96 -7.37
C ILE A 45 -4.12 5.09 -6.07
N ILE A 46 -2.88 5.52 -6.25
CA ILE A 46 -1.98 5.68 -5.11
C ILE A 46 -1.61 7.16 -4.98
N GLU A 47 -1.87 7.69 -3.79
CA GLU A 47 -1.57 9.09 -3.52
C GLU A 47 -0.95 9.23 -2.13
N GLY A 48 -0.31 10.37 -1.91
CA GLY A 48 0.32 10.65 -0.64
C GLY A 48 1.81 10.27 -0.66
N LEU A 49 2.18 9.58 -1.74
CA LEU A 49 3.56 9.15 -1.90
C LEU A 49 4.49 10.34 -1.67
N PRO A 50 5.80 10.01 -1.47
CA PRO A 50 6.80 11.04 -1.24
C PRO A 50 7.14 11.79 -2.53
N PRO A 51 7.88 12.91 -2.37
CA PRO A 51 8.28 13.72 -3.51
C PRO A 51 9.41 13.05 -4.29
N GLY A 52 9.14 12.82 -5.56
CA GLY A 52 10.12 12.19 -6.44
C GLY A 52 9.80 10.70 -6.63
N ILE A 53 8.79 10.25 -5.90
CA ILE A 53 8.37 8.86 -5.98
C ILE A 53 6.92 8.79 -6.46
N PRO A 54 6.77 8.48 -7.77
CA PRO A 54 5.44 8.37 -8.36
C PRO A 54 4.75 7.08 -7.94
N PHE A 55 3.53 6.91 -8.44
CA PHE A 55 2.76 5.72 -8.11
C PHE A 55 3.04 4.59 -9.12
N ARG A 56 4.06 3.80 -8.81
CA ARG A 56 4.43 2.70 -9.66
C ARG A 56 4.99 1.55 -8.83
N LYS A 57 5.37 0.49 -9.52
CA LYS A 57 5.92 -0.69 -8.87
C LYS A 57 7.05 -0.25 -7.92
N PRO A 58 7.01 -0.82 -6.68
CA PRO A 58 8.01 -0.49 -5.68
C PRO A 58 9.34 -1.18 -6.00
N CYS A 59 9.26 -2.47 -6.30
CA CYS A 59 10.43 -3.25 -6.62
C CYS A 59 11.12 -2.61 -7.83
N THR A 60 10.33 -1.85 -8.58
CA THR A 60 10.85 -1.18 -9.77
C THR A 60 11.72 0.01 -9.36
N PHE A 61 11.65 0.34 -8.08
CA PHE A 61 12.42 1.46 -7.55
C PHE A 61 13.65 0.97 -6.79
N GLY A 62 14.46 1.93 -6.35
CA GLY A 62 15.67 1.61 -5.61
C GLY A 62 15.40 1.63 -4.10
N SER A 63 16.32 1.01 -3.36
CA SER A 63 16.20 0.96 -1.92
C SER A 63 15.81 2.33 -1.37
N GLN A 64 16.64 3.32 -1.68
CA GLN A 64 16.40 4.67 -1.23
C GLN A 64 14.94 5.06 -1.45
N ASN A 65 14.52 4.98 -2.70
CA ASN A 65 13.15 5.31 -3.07
C ASN A 65 12.19 4.55 -2.15
N LEU A 66 12.53 3.30 -1.91
CA LEU A 66 11.71 2.46 -1.05
C LEU A 66 11.70 3.03 0.37
N GLU A 67 12.87 3.04 0.98
CA GLU A 67 13.00 3.57 2.33
C GLU A 67 12.11 4.80 2.52
N ARG A 68 11.95 5.54 1.43
CA ARG A 68 11.12 6.74 1.46
C ARG A 68 9.64 6.36 1.50
N ILE A 69 9.25 5.52 0.56
CA ILE A 69 7.87 5.07 0.48
C ILE A 69 7.39 4.65 1.87
N LEU A 70 8.04 3.61 2.39
CA LEU A 70 7.69 3.10 3.71
C LEU A 70 7.66 4.25 4.70
N ALA A 71 8.46 5.27 4.42
CA ALA A 71 8.54 6.44 5.27
C ALA A 71 7.17 7.12 5.33
N VAL A 72 6.64 7.41 4.14
CA VAL A 72 5.35 8.05 4.03
C VAL A 72 4.26 6.99 3.87
N ALA A 73 4.60 5.78 4.26
CA ALA A 73 3.67 4.66 4.16
C ALA A 73 2.29 5.12 4.63
N ASP A 74 2.30 6.10 5.52
CA ASP A 74 1.05 6.64 6.05
C ASP A 74 0.35 7.46 4.97
N LYS A 75 1.12 8.35 4.37
CA LYS A 75 0.60 9.22 3.32
C LYS A 75 -0.01 8.35 2.21
N ILE A 76 0.78 7.39 1.75
CA ILE A 76 0.33 6.49 0.70
C ILE A 76 -1.13 6.12 0.95
N LYS A 77 -1.96 6.36 -0.05
CA LYS A 77 -3.37 6.04 0.05
C LYS A 77 -3.85 5.37 -1.25
N PHE A 78 -4.40 4.18 -1.10
CA PHE A 78 -4.89 3.44 -2.24
C PHE A 78 -6.37 3.69 -2.47
N THR A 79 -6.78 3.56 -3.72
CA THR A 79 -8.17 3.77 -4.08
C THR A 79 -8.73 2.55 -4.82
N VAL A 80 -9.95 2.18 -4.47
CA VAL A 80 -10.59 1.05 -5.08
C VAL A 80 -12.01 1.44 -5.53
N THR A 81 -12.12 1.72 -6.82
CA THR A 81 -13.40 2.11 -7.38
C THR A 81 -14.52 1.20 -6.86
N ARG A 82 -14.31 -0.09 -7.04
CA ARG A 82 -15.28 -1.08 -6.60
C ARG A 82 -16.57 -0.95 -7.40
N PRO A 83 -17.40 -2.02 -7.34
CA PRO A 83 -18.67 -2.04 -8.06
C PRO A 83 -19.70 -1.16 -7.36
N PHE A 84 -19.81 -1.34 -6.05
CA PHE A 84 -20.76 -0.58 -5.26
C PHE A 84 -20.33 0.89 -5.16
N GLN A 85 -21.28 1.73 -4.81
CA GLN A 85 -21.01 3.15 -4.67
C GLN A 85 -20.70 3.50 -3.22
N GLY A 86 -19.83 4.49 -3.05
CA GLY A 86 -19.43 4.92 -1.72
C GLY A 86 -18.41 6.06 -1.80
N LEU A 87 -18.72 7.14 -1.10
CA LEU A 87 -17.84 8.30 -1.08
C LEU A 87 -17.02 8.30 0.21
N ILE A 88 -15.71 8.35 0.04
CA ILE A 88 -14.81 8.35 1.18
C ILE A 88 -14.78 9.75 1.80
N PRO A 89 -14.74 9.78 3.16
CA PRO A 89 -14.71 11.03 3.89
C PRO A 89 -13.34 11.69 3.80
N LYS A 90 -13.19 12.81 4.50
CA LYS A 90 -11.94 13.54 4.50
C LYS A 90 -11.53 13.84 5.94
N PRO A 91 -10.91 12.81 6.59
CA PRO A 91 -10.45 12.94 7.96
C PRO A 91 -9.20 13.81 8.04
N ASP A 92 -9.32 14.91 8.75
CA ASP A 92 -8.21 15.83 8.91
C ASP A 92 -7.67 16.22 7.53
N GLU A 93 -8.12 17.39 7.07
CA GLU A 93 -7.69 17.88 5.77
C GLU A 93 -6.17 17.77 5.63
N SER A 94 -5.77 16.97 4.66
CA SER A 94 -4.35 16.76 4.41
C SER A 94 -4.11 16.45 2.93
N GLY A 95 -3.33 17.31 2.30
CA GLY A 95 -3.01 17.15 0.89
C GLY A 95 -1.69 17.82 0.54
N PRO A 96 -1.63 18.33 -0.72
CA PRO A 96 -0.42 19.01 -1.20
C PRO A 96 -0.30 20.41 -0.58
N SER A 97 0.92 20.92 -0.61
CA SER A 97 1.19 22.23 -0.07
C SER A 97 2.33 22.90 -0.84
N SER A 98 2.25 24.22 -0.92
CA SER A 98 3.26 24.99 -1.63
C SER A 98 3.27 26.43 -1.14
N GLY A 99 4.46 26.95 -0.93
CA GLY A 99 4.61 28.33 -0.46
C GLY A 99 5.45 28.38 0.82
N GLY A 1 1.60 -13.89 13.17
CA GLY A 1 1.84 -13.27 14.47
C GLY A 1 2.63 -11.97 14.31
N SER A 2 3.78 -11.94 14.95
CA SER A 2 4.65 -10.77 14.89
C SER A 2 5.20 -10.60 13.48
N SER A 3 5.56 -9.36 13.16
CA SER A 3 6.10 -9.06 11.85
C SER A 3 7.34 -9.90 11.58
N GLY A 4 8.31 -9.78 12.48
CA GLY A 4 9.56 -10.53 12.35
C GLY A 4 10.63 -9.69 11.66
N SER A 5 10.85 -9.99 10.39
CA SER A 5 11.84 -9.28 9.61
C SER A 5 11.57 -9.47 8.11
N SER A 6 12.14 -8.57 7.32
CA SER A 6 11.97 -8.63 5.88
C SER A 6 12.84 -7.58 5.21
N GLY A 7 13.01 -7.74 3.90
CA GLY A 7 13.81 -6.81 3.12
C GLY A 7 12.98 -5.63 2.63
N LEU A 8 13.66 -4.53 2.36
CA LEU A 8 13.00 -3.33 1.88
C LEU A 8 11.92 -3.73 0.88
N ARG A 9 12.37 -4.18 -0.29
CA ARG A 9 11.45 -4.59 -1.33
C ARG A 9 10.28 -5.38 -0.75
N GLU A 10 10.60 -6.22 0.23
CA GLU A 10 9.59 -7.02 0.89
C GLU A 10 8.64 -6.13 1.69
N GLN A 11 9.23 -5.19 2.40
CA GLN A 11 8.45 -4.26 3.22
C GLN A 11 7.39 -3.58 2.37
N VAL A 12 7.84 -2.87 1.35
CA VAL A 12 6.93 -2.16 0.46
C VAL A 12 5.97 -3.17 -0.18
N GLN A 13 6.56 -4.20 -0.78
CA GLN A 13 5.77 -5.22 -1.43
C GLN A 13 4.59 -5.63 -0.54
N ASP A 14 4.78 -5.44 0.76
CA ASP A 14 3.74 -5.79 1.73
C ASP A 14 2.90 -4.54 2.02
N LEU A 15 3.59 -3.43 2.21
CA LEU A 15 2.92 -2.18 2.50
C LEU A 15 1.69 -2.03 1.60
N PHE A 16 1.95 -1.79 0.33
CA PHE A 16 0.88 -1.64 -0.64
C PHE A 16 -0.13 -2.78 -0.53
N ASN A 17 0.39 -3.96 -0.21
CA ASN A 17 -0.46 -5.13 -0.06
C ASN A 17 -1.41 -4.93 1.12
N LYS A 18 -0.81 -4.60 2.26
CA LYS A 18 -1.59 -4.38 3.47
C LYS A 18 -2.54 -3.21 3.25
N LYS A 19 -1.96 -2.08 2.89
CA LYS A 19 -2.75 -0.87 2.65
C LYS A 19 -4.03 -1.26 1.89
N TYR A 20 -3.90 -2.26 1.04
CA TYR A 20 -5.04 -2.72 0.26
C TYR A 20 -6.20 -3.12 1.17
N GLY A 21 -5.92 -4.06 2.05
CA GLY A 21 -6.94 -4.54 2.98
C GLY A 21 -7.78 -3.39 3.50
N GLU A 22 -7.14 -2.23 3.64
CA GLU A 22 -7.83 -1.05 4.13
C GLU A 22 -8.69 -0.44 3.03
N ALA A 23 -8.08 -0.24 1.88
CA ALA A 23 -8.79 0.33 0.74
C ALA A 23 -10.04 -0.50 0.45
N LEU A 24 -9.99 -1.75 0.90
CA LEU A 24 -11.11 -2.66 0.70
C LEU A 24 -11.90 -2.78 2.00
N GLY A 25 -11.20 -2.55 3.11
CA GLY A 25 -11.82 -2.63 4.41
C GLY A 25 -11.43 -3.93 5.12
N ILE A 26 -11.00 -4.90 4.32
CA ILE A 26 -10.59 -6.18 4.85
C ILE A 26 -9.72 -5.97 6.09
N LYS A 27 -9.54 -7.04 6.85
CA LYS A 27 -8.73 -6.99 8.04
C LYS A 27 -7.43 -7.76 7.82
N TYR A 28 -7.53 -8.79 6.99
CA TYR A 28 -6.38 -9.62 6.68
C TYR A 28 -5.60 -9.04 5.50
N PRO A 29 -4.34 -9.54 5.35
CA PRO A 29 -3.48 -9.08 4.26
C PRO A 29 -3.91 -9.69 2.92
N VAL A 30 -4.27 -8.81 2.00
CA VAL A 30 -4.71 -9.24 0.68
C VAL A 30 -3.64 -8.86 -0.35
N GLN A 31 -3.71 -9.55 -1.49
CA GLN A 31 -2.76 -9.30 -2.56
C GLN A 31 -3.23 -8.13 -3.43
N VAL A 32 -2.27 -7.51 -4.09
CA VAL A 32 -2.58 -6.38 -4.96
C VAL A 32 -2.33 -6.78 -6.42
N PRO A 33 -3.32 -6.44 -7.28
CA PRO A 33 -3.22 -6.75 -8.70
C PRO A 33 -2.23 -5.82 -9.40
N TYR A 34 -0.96 -6.02 -9.10
CA TYR A 34 0.09 -5.20 -9.69
C TYR A 34 0.01 -5.24 -11.21
N LYS A 35 0.00 -6.45 -11.76
CA LYS A 35 -0.07 -6.63 -13.19
C LYS A 35 -1.19 -5.77 -13.76
N ARG A 36 -2.42 -6.13 -13.41
CA ARG A 36 -3.57 -5.40 -13.87
C ARG A 36 -3.41 -3.91 -13.58
N ILE A 37 -2.74 -3.62 -12.47
CA ILE A 37 -2.52 -2.25 -12.06
C ILE A 37 -1.49 -1.61 -13.00
N LYS A 38 -0.69 -2.47 -13.61
CA LYS A 38 0.34 -2.00 -14.53
C LYS A 38 -0.29 -1.70 -15.88
N SER A 39 -1.25 -2.54 -16.26
CA SER A 39 -1.94 -2.37 -17.53
C SER A 39 -2.99 -1.28 -17.41
N ASN A 40 -3.74 -1.33 -16.31
CA ASN A 40 -4.78 -0.36 -16.06
C ASN A 40 -4.49 0.38 -14.76
N PRO A 41 -4.20 1.71 -14.90
CA PRO A 41 -3.89 2.53 -13.74
C PRO A 41 -5.17 2.86 -12.95
N GLY A 42 -6.30 2.77 -13.65
CA GLY A 42 -7.58 3.06 -13.03
C GLY A 42 -7.90 2.03 -11.94
N SER A 43 -7.31 0.85 -12.10
CA SER A 43 -7.53 -0.23 -11.15
C SER A 43 -7.46 0.32 -9.72
N VAL A 44 -6.24 0.62 -9.29
CA VAL A 44 -6.04 1.14 -7.95
C VAL A 44 -5.22 2.44 -8.04
N ILE A 45 -5.82 3.51 -7.55
CA ILE A 45 -5.17 4.81 -7.57
C ILE A 45 -4.33 4.97 -6.30
N ILE A 46 -3.06 5.30 -6.50
CA ILE A 46 -2.15 5.49 -5.38
C ILE A 46 -1.75 6.97 -5.31
N GLU A 47 -2.00 7.56 -4.15
CA GLU A 47 -1.66 8.96 -3.93
C GLU A 47 -1.04 9.14 -2.54
N GLY A 48 -0.41 10.30 -2.37
CA GLY A 48 0.22 10.61 -1.10
C GLY A 48 1.70 10.20 -1.11
N LEU A 49 2.07 9.47 -2.15
CA LEU A 49 3.44 9.01 -2.28
C LEU A 49 4.39 10.19 -2.08
N PRO A 50 5.70 9.85 -1.86
CA PRO A 50 6.71 10.87 -1.64
C PRO A 50 7.07 11.56 -2.96
N PRO A 51 7.84 12.68 -2.82
CA PRO A 51 8.25 13.44 -3.98
C PRO A 51 9.38 12.72 -4.73
N GLY A 52 9.13 12.48 -6.02
CA GLY A 52 10.11 11.80 -6.85
C GLY A 52 9.76 10.33 -7.01
N ILE A 53 8.73 9.91 -6.28
CA ILE A 53 8.29 8.52 -6.34
C ILE A 53 6.84 8.48 -6.79
N PRO A 54 6.66 8.15 -8.11
CA PRO A 54 5.33 8.07 -8.68
C PRO A 54 4.61 6.80 -8.23
N PHE A 55 3.37 6.66 -8.67
CA PHE A 55 2.56 5.51 -8.32
C PHE A 55 2.88 4.32 -9.25
N ARG A 56 3.83 3.51 -8.83
CA ARG A 56 4.23 2.34 -9.60
C ARG A 56 4.75 1.25 -8.67
N LYS A 57 5.11 0.13 -9.28
CA LYS A 57 5.64 -1.00 -8.53
C LYS A 57 6.95 -0.60 -7.86
N PRO A 58 7.21 -1.24 -6.69
CA PRO A 58 8.43 -0.96 -5.94
C PRO A 58 9.64 -1.61 -6.61
N CYS A 59 9.35 -2.57 -7.47
CA CYS A 59 10.41 -3.28 -8.18
C CYS A 59 11.17 -2.27 -9.04
N THR A 60 10.47 -1.21 -9.41
CA THR A 60 11.07 -0.17 -10.23
C THR A 60 11.69 0.92 -9.35
N PHE A 61 11.56 0.71 -8.04
CA PHE A 61 12.11 1.66 -7.09
C PHE A 61 13.28 1.06 -6.33
N GLY A 62 14.35 1.83 -6.24
CA GLY A 62 15.55 1.39 -5.55
C GLY A 62 15.35 1.45 -4.03
N SER A 63 16.25 0.77 -3.32
CA SER A 63 16.18 0.73 -1.87
C SER A 63 15.90 2.14 -1.33
N GLN A 64 16.53 3.12 -1.96
CA GLN A 64 16.36 4.50 -1.56
C GLN A 64 14.90 4.93 -1.73
N ASN A 65 14.42 4.79 -2.95
CA ASN A 65 13.04 5.15 -3.26
C ASN A 65 12.10 4.41 -2.31
N LEU A 66 12.44 3.17 -2.03
CA LEU A 66 11.63 2.35 -1.14
C LEU A 66 11.64 2.98 0.26
N GLU A 67 12.82 3.02 0.86
CA GLU A 67 12.96 3.59 2.20
C GLU A 67 12.08 4.83 2.34
N ARG A 68 11.92 5.53 1.23
CA ARG A 68 11.10 6.73 1.22
C ARG A 68 9.61 6.36 1.30
N ILE A 69 9.21 5.46 0.43
CA ILE A 69 7.83 5.02 0.40
C ILE A 69 7.39 4.61 1.81
N LEU A 70 8.01 3.56 2.31
CA LEU A 70 7.69 3.06 3.64
C LEU A 70 7.65 4.24 4.62
N ALA A 71 8.38 5.29 4.26
CA ALA A 71 8.43 6.47 5.10
C ALA A 71 7.06 7.14 5.11
N VAL A 72 6.58 7.47 3.92
CA VAL A 72 5.30 8.12 3.78
C VAL A 72 4.21 7.06 3.59
N ALA A 73 4.54 5.84 3.99
CA ALA A 73 3.62 4.72 3.87
C ALA A 73 2.23 5.17 4.35
N ASP A 74 2.24 6.13 5.26
CA ASP A 74 1.00 6.65 5.81
C ASP A 74 0.30 7.51 4.76
N LYS A 75 1.10 8.37 4.12
CA LYS A 75 0.56 9.25 3.10
C LYS A 75 -0.08 8.41 1.99
N ILE A 76 0.67 7.44 1.51
CA ILE A 76 0.19 6.56 0.46
C ILE A 76 -1.28 6.22 0.72
N LYS A 77 -2.11 6.46 -0.29
CA LYS A 77 -3.52 6.19 -0.18
C LYS A 77 -4.00 5.48 -1.45
N PHE A 78 -4.54 4.29 -1.26
CA PHE A 78 -5.04 3.50 -2.37
C PHE A 78 -6.54 3.73 -2.59
N THR A 79 -6.95 3.61 -3.84
CA THR A 79 -8.36 3.79 -4.18
C THR A 79 -8.88 2.58 -4.94
N VAL A 80 -9.95 2.00 -4.40
CA VAL A 80 -10.55 0.83 -5.01
C VAL A 80 -11.95 1.19 -5.52
N THR A 81 -12.03 1.44 -6.82
CA THR A 81 -13.29 1.81 -7.43
C THR A 81 -14.41 0.88 -6.95
N ARG A 82 -14.18 -0.41 -7.11
CA ARG A 82 -15.15 -1.41 -6.69
C ARG A 82 -15.67 -1.08 -5.28
N PRO A 83 -16.94 -1.49 -5.03
CA PRO A 83 -17.55 -1.26 -3.73
C PRO A 83 -16.99 -2.20 -2.67
N PHE A 84 -16.63 -1.63 -1.53
CA PHE A 84 -16.08 -2.41 -0.44
C PHE A 84 -15.72 -1.51 0.74
N GLN A 85 -16.67 -1.37 1.66
CA GLN A 85 -16.47 -0.55 2.84
C GLN A 85 -16.20 0.91 2.43
N GLY A 86 -16.79 1.82 3.19
CA GLY A 86 -16.64 3.24 2.93
C GLY A 86 -16.24 3.99 4.20
N LEU A 87 -15.11 3.60 4.76
CA LEU A 87 -14.61 4.22 5.98
C LEU A 87 -13.09 4.32 5.91
N ILE A 88 -12.63 5.55 5.78
CA ILE A 88 -11.20 5.80 5.70
C ILE A 88 -10.73 6.49 6.98
N PRO A 89 -9.50 6.11 7.43
CA PRO A 89 -8.94 6.68 8.64
C PRO A 89 -8.43 8.10 8.38
N LYS A 90 -7.97 8.74 9.46
CA LYS A 90 -7.47 10.09 9.37
C LYS A 90 -5.94 10.06 9.32
N PRO A 91 -5.38 10.61 8.21
CA PRO A 91 -3.95 10.65 8.03
C PRO A 91 -3.30 11.71 8.92
N ASP A 92 -2.16 11.35 9.48
CA ASP A 92 -1.43 12.27 10.36
C ASP A 92 -0.24 11.54 10.97
N GLU A 93 0.94 12.01 10.60
CA GLU A 93 2.17 11.42 11.10
C GLU A 93 3.34 12.39 10.93
N SER A 94 4.08 12.57 12.01
CA SER A 94 5.23 13.47 11.98
C SER A 94 6.47 12.73 11.49
N GLY A 95 7.16 13.34 10.55
CA GLY A 95 8.36 12.75 9.99
C GLY A 95 9.38 12.44 11.07
N PRO A 96 9.81 11.15 11.12
CA PRO A 96 10.78 10.71 12.11
C PRO A 96 12.19 11.20 11.75
N SER A 97 13.11 10.95 12.67
CA SER A 97 14.49 11.36 12.46
C SER A 97 14.99 10.86 11.10
N SER A 98 14.98 9.56 10.95
CA SER A 98 15.43 8.94 9.70
C SER A 98 14.21 8.57 8.84
N GLY A 99 14.34 8.87 7.56
CA GLY A 99 13.27 8.58 6.62
C GLY A 99 12.56 9.87 6.18
N GLY A 1 15.37 -8.90 22.54
CA GLY A 1 15.51 -8.69 21.11
C GLY A 1 14.53 -7.62 20.62
N SER A 2 14.70 -7.23 19.37
CA SER A 2 13.84 -6.22 18.78
C SER A 2 13.90 -6.29 17.26
N SER A 3 12.73 -6.23 16.64
CA SER A 3 12.65 -6.29 15.19
C SER A 3 13.13 -7.66 14.70
N GLY A 4 12.68 -8.03 13.51
CA GLY A 4 13.05 -9.29 12.91
C GLY A 4 12.97 -9.24 11.39
N SER A 5 11.73 -9.20 10.90
CA SER A 5 11.50 -9.14 9.47
C SER A 5 12.52 -8.22 8.81
N SER A 6 13.06 -8.69 7.69
CA SER A 6 14.04 -7.91 6.95
C SER A 6 13.83 -8.10 5.44
N GLY A 7 13.98 -7.01 4.71
CA GLY A 7 13.81 -7.03 3.27
C GLY A 7 12.99 -5.83 2.79
N LEU A 8 13.67 -4.70 2.65
CA LEU A 8 13.02 -3.49 2.21
C LEU A 8 12.02 -3.82 1.10
N ARG A 9 12.56 -4.27 -0.03
CA ARG A 9 11.73 -4.63 -1.16
C ARG A 9 10.49 -5.40 -0.69
N GLU A 10 10.72 -6.33 0.22
CA GLU A 10 9.64 -7.13 0.76
C GLU A 10 8.71 -6.27 1.63
N GLN A 11 9.34 -5.35 2.37
CA GLN A 11 8.60 -4.47 3.24
C GLN A 11 7.53 -3.71 2.44
N VAL A 12 7.99 -2.98 1.44
CA VAL A 12 7.09 -2.21 0.60
C VAL A 12 6.10 -3.15 -0.09
N GLN A 13 6.66 -4.19 -0.70
CA GLN A 13 5.85 -5.17 -1.40
C GLN A 13 4.68 -5.61 -0.52
N ASP A 14 4.87 -5.48 0.78
CA ASP A 14 3.85 -5.87 1.73
C ASP A 14 3.01 -4.63 2.09
N LEU A 15 3.69 -3.50 2.19
CA LEU A 15 3.02 -2.26 2.52
C LEU A 15 1.82 -2.06 1.58
N PHE A 16 2.13 -1.76 0.33
CA PHE A 16 1.08 -1.56 -0.66
C PHE A 16 0.03 -2.66 -0.58
N ASN A 17 0.49 -3.86 -0.25
CA ASN A 17 -0.40 -5.00 -0.15
C ASN A 17 -1.33 -4.81 1.06
N LYS A 18 -0.70 -4.68 2.22
CA LYS A 18 -1.45 -4.49 3.46
C LYS A 18 -2.42 -3.32 3.29
N LYS A 19 -1.86 -2.18 2.90
CA LYS A 19 -2.66 -0.98 2.71
C LYS A 19 -3.95 -1.36 1.97
N TYR A 20 -3.80 -2.21 0.97
CA TYR A 20 -4.94 -2.65 0.19
C TYR A 20 -6.11 -3.05 1.09
N GLY A 21 -5.82 -3.97 2.00
CA GLY A 21 -6.83 -4.44 2.93
C GLY A 21 -7.71 -3.28 3.41
N GLU A 22 -7.07 -2.15 3.64
CA GLU A 22 -7.79 -0.97 4.10
C GLU A 22 -8.66 -0.40 2.98
N ALA A 23 -8.03 -0.18 1.84
CA ALA A 23 -8.73 0.37 0.69
C ALA A 23 -10.03 -0.43 0.46
N LEU A 24 -9.96 -1.70 0.83
CA LEU A 24 -11.12 -2.58 0.68
C LEU A 24 -11.87 -2.65 1.99
N GLY A 25 -11.14 -2.41 3.08
CA GLY A 25 -11.73 -2.45 4.40
C GLY A 25 -11.36 -3.74 5.14
N ILE A 26 -10.94 -4.72 4.36
CA ILE A 26 -10.55 -6.00 4.92
C ILE A 26 -9.63 -5.78 6.12
N LYS A 27 -9.45 -6.83 6.90
CA LYS A 27 -8.60 -6.76 8.08
C LYS A 27 -7.31 -7.54 7.83
N TYR A 28 -7.44 -8.61 7.05
CA TYR A 28 -6.30 -9.44 6.73
C TYR A 28 -5.54 -8.87 5.52
N PRO A 29 -4.29 -9.38 5.35
CA PRO A 29 -3.45 -8.93 4.24
C PRO A 29 -3.91 -9.54 2.93
N VAL A 30 -4.25 -8.66 1.99
CA VAL A 30 -4.71 -9.10 0.68
C VAL A 30 -3.67 -8.73 -0.37
N GLN A 31 -3.74 -9.43 -1.50
CA GLN A 31 -2.81 -9.17 -2.58
C GLN A 31 -3.29 -8.01 -3.45
N VAL A 32 -2.36 -7.39 -4.15
CA VAL A 32 -2.68 -6.27 -5.01
C VAL A 32 -2.54 -6.70 -6.47
N PRO A 33 -3.55 -6.29 -7.29
CA PRO A 33 -3.56 -6.63 -8.70
C PRO A 33 -2.55 -5.78 -9.47
N TYR A 34 -1.28 -6.13 -9.31
CA TYR A 34 -0.21 -5.43 -9.98
C TYR A 34 -0.42 -5.42 -11.51
N LYS A 35 -0.44 -6.62 -12.07
CA LYS A 35 -0.63 -6.77 -13.50
C LYS A 35 -1.72 -5.81 -13.97
N ARG A 36 -2.93 -6.05 -13.48
CA ARG A 36 -4.07 -5.22 -13.84
C ARG A 36 -3.74 -3.74 -13.60
N ILE A 37 -2.99 -3.51 -12.53
CA ILE A 37 -2.60 -2.15 -12.18
C ILE A 37 -1.57 -1.64 -13.19
N LYS A 38 -0.92 -2.58 -13.85
CA LYS A 38 0.08 -2.23 -14.84
C LYS A 38 -0.61 -1.91 -16.17
N SER A 39 -1.54 -2.77 -16.53
CA SER A 39 -2.28 -2.59 -17.78
C SER A 39 -3.30 -1.46 -17.62
N ASN A 40 -3.99 -1.49 -16.49
CA ASN A 40 -5.00 -0.47 -16.20
C ASN A 40 -4.62 0.25 -14.92
N PRO A 41 -4.29 1.57 -15.07
CA PRO A 41 -3.91 2.39 -13.93
C PRO A 41 -5.13 2.76 -13.09
N GLY A 42 -6.29 2.71 -13.75
CA GLY A 42 -7.54 3.04 -13.07
C GLY A 42 -7.88 2.01 -12.00
N SER A 43 -7.35 0.81 -12.19
CA SER A 43 -7.59 -0.28 -11.25
C SER A 43 -7.52 0.26 -9.82
N VAL A 44 -6.32 0.63 -9.42
CA VAL A 44 -6.11 1.16 -8.08
C VAL A 44 -5.26 2.43 -8.16
N ILE A 45 -5.83 3.51 -7.65
CA ILE A 45 -5.15 4.79 -7.66
C ILE A 45 -4.33 4.94 -6.36
N ILE A 46 -3.08 5.34 -6.54
CA ILE A 46 -2.19 5.53 -5.40
C ILE A 46 -1.80 7.00 -5.30
N GLU A 47 -2.03 7.57 -4.13
CA GLU A 47 -1.70 8.96 -3.89
C GLU A 47 -1.09 9.14 -2.50
N GLY A 48 -0.45 10.28 -2.31
CA GLY A 48 0.18 10.59 -1.04
C GLY A 48 1.65 10.18 -1.06
N LEU A 49 2.03 9.45 -2.09
CA LEU A 49 3.39 8.99 -2.23
C LEU A 49 4.35 10.16 -2.01
N PRO A 50 5.64 9.82 -1.80
CA PRO A 50 6.66 10.84 -1.56
C PRO A 50 7.03 11.54 -2.88
N PRO A 51 7.80 12.65 -2.72
CA PRO A 51 8.22 13.43 -3.89
C PRO A 51 9.34 12.72 -4.64
N GLY A 52 9.08 12.47 -5.92
CA GLY A 52 10.06 11.80 -6.77
C GLY A 52 9.69 10.32 -6.93
N ILE A 53 8.68 9.90 -6.19
CA ILE A 53 8.23 8.52 -6.26
C ILE A 53 6.76 8.48 -6.71
N PRO A 54 6.58 8.18 -8.03
CA PRO A 54 5.24 8.12 -8.59
C PRO A 54 4.52 6.84 -8.16
N PHE A 55 3.27 6.72 -8.57
CA PHE A 55 2.47 5.56 -8.24
C PHE A 55 2.82 4.38 -9.14
N ARG A 56 3.76 3.57 -8.66
CA ARG A 56 4.20 2.40 -9.40
C ARG A 56 4.70 1.32 -8.45
N LYS A 57 5.08 0.19 -9.04
CA LYS A 57 5.58 -0.92 -8.24
C LYS A 57 6.88 -0.51 -7.55
N PRO A 58 7.12 -1.15 -6.37
CA PRO A 58 8.32 -0.86 -5.60
C PRO A 58 9.55 -1.49 -6.24
N CYS A 59 9.30 -2.49 -7.07
CA CYS A 59 10.38 -3.19 -7.75
C CYS A 59 11.13 -2.18 -8.61
N THR A 60 10.37 -1.33 -9.27
CA THR A 60 10.95 -0.31 -10.13
C THR A 60 11.67 0.74 -9.30
N PHE A 61 11.45 0.67 -8.00
CA PHE A 61 12.06 1.62 -7.08
C PHE A 61 13.27 0.99 -6.38
N GLY A 62 14.26 1.84 -6.10
CA GLY A 62 15.46 1.38 -5.43
C GLY A 62 15.32 1.46 -3.91
N SER A 63 16.25 0.81 -3.23
CA SER A 63 16.23 0.80 -1.78
C SER A 63 15.92 2.20 -1.24
N GLN A 64 16.56 3.19 -1.85
CA GLN A 64 16.35 4.57 -1.45
C GLN A 64 14.88 4.96 -1.61
N ASN A 65 14.39 4.80 -2.84
CA ASN A 65 13.02 5.14 -3.14
C ASN A 65 12.10 4.42 -2.16
N LEU A 66 12.49 3.19 -1.82
CA LEU A 66 11.70 2.39 -0.89
C LEU A 66 11.69 3.07 0.48
N GLU A 67 12.87 3.16 1.08
CA GLU A 67 13.01 3.78 2.38
C GLU A 67 12.10 5.01 2.48
N ARG A 68 11.91 5.66 1.34
CA ARG A 68 11.07 6.84 1.29
C ARG A 68 9.59 6.46 1.39
N ILE A 69 9.18 5.55 0.51
CA ILE A 69 7.81 5.08 0.51
C ILE A 69 7.39 4.69 1.92
N LEU A 70 8.03 3.64 2.42
CA LEU A 70 7.74 3.16 3.76
C LEU A 70 7.66 4.35 4.73
N ALA A 71 8.37 5.40 4.36
CA ALA A 71 8.40 6.61 5.18
C ALA A 71 7.02 7.26 5.16
N VAL A 72 6.54 7.52 3.95
CA VAL A 72 5.23 8.14 3.78
C VAL A 72 4.18 7.04 3.58
N ALA A 73 4.55 5.83 3.97
CA ALA A 73 3.64 4.70 3.84
C ALA A 73 2.24 5.11 4.30
N ASP A 74 2.22 6.07 5.22
CA ASP A 74 0.96 6.55 5.75
C ASP A 74 0.25 7.40 4.69
N LYS A 75 1.02 8.31 4.10
CA LYS A 75 0.49 9.19 3.08
C LYS A 75 -0.14 8.34 1.96
N ILE A 76 0.63 7.38 1.49
CA ILE A 76 0.17 6.49 0.43
C ILE A 76 -1.29 6.12 0.68
N LYS A 77 -2.13 6.39 -0.30
CA LYS A 77 -3.54 6.09 -0.20
C LYS A 77 -4.01 5.42 -1.49
N PHE A 78 -4.55 4.21 -1.32
CA PHE A 78 -5.05 3.45 -2.45
C PHE A 78 -6.54 3.69 -2.66
N THR A 79 -6.95 3.58 -3.92
CA THR A 79 -8.35 3.79 -4.28
C THR A 79 -8.88 2.59 -5.06
N VAL A 80 -9.85 1.92 -4.47
CA VAL A 80 -10.46 0.75 -5.10
C VAL A 80 -11.83 1.13 -5.66
N THR A 81 -11.92 1.14 -6.98
CA THR A 81 -13.16 1.48 -7.64
C THR A 81 -14.22 0.40 -7.39
N ARG A 82 -13.79 -0.84 -7.56
CA ARG A 82 -14.69 -1.96 -7.35
C ARG A 82 -15.47 -1.80 -6.05
N PRO A 83 -16.56 -2.59 -5.92
CA PRO A 83 -17.39 -2.54 -4.73
C PRO A 83 -16.71 -3.22 -3.55
N PHE A 84 -16.90 -2.65 -2.37
CA PHE A 84 -16.31 -3.19 -1.17
C PHE A 84 -17.14 -4.36 -0.63
N GLN A 85 -18.43 -4.11 -0.46
CA GLN A 85 -19.33 -5.14 0.04
C GLN A 85 -18.70 -5.88 1.21
N GLY A 86 -18.94 -5.35 2.41
CA GLY A 86 -18.40 -5.96 3.61
C GLY A 86 -18.93 -5.25 4.86
N LEU A 87 -18.12 -5.30 5.92
CA LEU A 87 -18.49 -4.67 7.17
C LEU A 87 -18.74 -3.18 6.93
N ILE A 88 -19.25 -2.52 7.98
CA ILE A 88 -19.54 -1.11 7.89
C ILE A 88 -18.23 -0.32 7.78
N PRO A 89 -18.26 0.74 6.94
CA PRO A 89 -17.09 1.58 6.74
C PRO A 89 -16.85 2.49 7.94
N LYS A 90 -15.91 3.41 7.77
CA LYS A 90 -15.58 4.35 8.83
C LYS A 90 -15.17 3.57 10.08
N PRO A 91 -13.88 3.16 10.10
CA PRO A 91 -13.35 2.42 11.23
C PRO A 91 -13.11 3.33 12.44
N ASP A 92 -12.95 2.71 13.59
CA ASP A 92 -12.73 3.45 14.82
C ASP A 92 -11.55 2.83 15.57
N GLU A 93 -10.45 3.57 15.59
CA GLU A 93 -9.25 3.11 16.27
C GLU A 93 -8.33 4.29 16.59
N SER A 94 -8.26 4.61 17.88
CA SER A 94 -7.43 5.71 18.33
C SER A 94 -7.97 7.04 17.78
N GLY A 95 -7.64 8.11 18.48
CA GLY A 95 -8.09 9.43 18.08
C GLY A 95 -7.25 9.96 16.92
N PRO A 96 -7.58 11.21 16.50
CA PRO A 96 -6.86 11.85 15.42
C PRO A 96 -5.48 12.33 15.86
N SER A 97 -4.70 11.40 16.39
CA SER A 97 -3.37 11.71 16.87
C SER A 97 -2.48 12.12 15.69
N SER A 98 -1.39 12.81 16.02
CA SER A 98 -0.46 13.26 15.01
C SER A 98 -1.21 13.95 13.87
N GLY A 99 -1.54 15.21 14.09
CA GLY A 99 -2.26 16.00 13.10
C GLY A 99 -3.03 17.14 13.75
N GLY A 1 -2.27 -14.58 7.07
CA GLY A 1 -2.62 -13.49 7.96
C GLY A 1 -1.39 -12.65 8.32
N SER A 2 -1.41 -12.11 9.53
CA SER A 2 -0.31 -11.29 10.00
C SER A 2 1.03 -11.99 9.70
N SER A 3 2.07 -11.18 9.63
CA SER A 3 3.40 -11.70 9.36
C SER A 3 4.44 -10.62 9.60
N GLY A 4 5.70 -11.05 9.66
CA GLY A 4 6.80 -10.12 9.87
C GLY A 4 7.11 -9.33 8.61
N SER A 5 8.25 -8.67 8.63
CA SER A 5 8.68 -7.87 7.49
C SER A 5 10.20 -7.97 7.32
N SER A 6 10.60 -8.53 6.19
CA SER A 6 12.01 -8.70 5.89
C SER A 6 12.29 -8.33 4.44
N GLY A 7 13.33 -7.53 4.24
CA GLY A 7 13.71 -7.10 2.90
C GLY A 7 12.96 -5.84 2.51
N LEU A 8 13.71 -4.75 2.39
CA LEU A 8 13.12 -3.48 2.02
C LEU A 8 12.07 -3.71 0.93
N ARG A 9 12.54 -4.09 -0.25
CA ARG A 9 11.65 -4.34 -1.36
C ARG A 9 10.41 -5.10 -0.89
N GLU A 10 10.64 -6.08 -0.03
CA GLU A 10 9.56 -6.89 0.50
C GLU A 10 8.66 -6.04 1.39
N GLN A 11 9.29 -5.17 2.17
CA GLN A 11 8.56 -4.30 3.07
C GLN A 11 7.49 -3.52 2.31
N VAL A 12 7.93 -2.79 1.31
CA VAL A 12 7.02 -2.01 0.50
C VAL A 12 6.06 -2.94 -0.25
N GLN A 13 6.65 -3.87 -0.98
CA GLN A 13 5.87 -4.84 -1.74
C GLN A 13 4.70 -5.35 -0.90
N ASP A 14 4.91 -5.36 0.41
CA ASP A 14 3.89 -5.82 1.33
C ASP A 14 3.01 -4.64 1.74
N LEU A 15 3.66 -3.50 1.95
CA LEU A 15 2.96 -2.30 2.36
C LEU A 15 1.75 -2.09 1.44
N PHE A 16 2.04 -1.71 0.20
CA PHE A 16 1.00 -1.47 -0.77
C PHE A 16 -0.05 -2.59 -0.74
N ASN A 17 0.43 -3.80 -0.48
CA ASN A 17 -0.44 -4.96 -0.42
C ASN A 17 -1.34 -4.85 0.83
N LYS A 18 -0.70 -4.82 1.98
CA LYS A 18 -1.42 -4.72 3.24
C LYS A 18 -2.36 -3.52 3.18
N LYS A 19 -1.78 -2.36 2.89
CA LYS A 19 -2.56 -1.14 2.81
C LYS A 19 -3.87 -1.43 2.08
N TYR A 20 -3.75 -2.16 0.99
CA TYR A 20 -4.91 -2.51 0.18
C TYR A 20 -6.08 -2.95 1.06
N GLY A 21 -5.80 -3.93 1.92
CA GLY A 21 -6.81 -4.43 2.83
C GLY A 21 -7.70 -3.31 3.36
N GLU A 22 -7.08 -2.14 3.51
CA GLU A 22 -7.81 -0.98 4.01
C GLU A 22 -8.69 -0.39 2.90
N ALA A 23 -8.06 -0.12 1.77
CA ALA A 23 -8.78 0.44 0.63
C ALA A 23 -10.04 -0.38 0.37
N LEU A 24 -9.94 -1.67 0.69
CA LEU A 24 -11.06 -2.57 0.49
C LEU A 24 -11.82 -2.73 1.81
N GLY A 25 -11.10 -2.52 2.90
CA GLY A 25 -11.68 -2.64 4.22
C GLY A 25 -11.42 -4.02 4.82
N ILE A 26 -10.93 -4.92 3.97
CA ILE A 26 -10.62 -6.27 4.40
C ILE A 26 -9.81 -6.21 5.70
N LYS A 27 -9.73 -7.36 6.36
CA LYS A 27 -8.99 -7.46 7.60
C LYS A 27 -7.69 -8.24 7.37
N TYR A 28 -7.78 -9.18 6.44
CA TYR A 28 -6.62 -10.00 6.10
C TYR A 28 -5.75 -9.32 5.04
N PRO A 29 -4.50 -9.83 4.91
CA PRO A 29 -3.57 -9.28 3.94
C PRO A 29 -3.93 -9.73 2.52
N VAL A 30 -4.30 -8.75 1.71
CA VAL A 30 -4.67 -9.03 0.33
C VAL A 30 -3.52 -8.63 -0.60
N GLN A 31 -3.56 -9.17 -1.80
CA GLN A 31 -2.54 -8.88 -2.79
C GLN A 31 -3.08 -7.94 -3.87
N VAL A 32 -2.37 -6.83 -4.05
CA VAL A 32 -2.77 -5.84 -5.03
C VAL A 32 -2.66 -6.45 -6.44
N PRO A 33 -3.69 -6.15 -7.27
CA PRO A 33 -3.72 -6.66 -8.63
C PRO A 33 -2.72 -5.90 -9.52
N TYR A 34 -1.45 -6.14 -9.27
CA TYR A 34 -0.40 -5.50 -10.04
C TYR A 34 -0.60 -5.72 -11.53
N LYS A 35 -0.91 -6.96 -11.89
CA LYS A 35 -1.12 -7.31 -13.27
C LYS A 35 -2.20 -6.40 -13.87
N ARG A 36 -3.41 -6.54 -13.33
CA ARG A 36 -4.52 -5.73 -13.79
C ARG A 36 -4.17 -4.25 -13.74
N ILE A 37 -3.40 -3.89 -12.73
CA ILE A 37 -2.99 -2.51 -12.56
C ILE A 37 -2.01 -2.14 -13.67
N LYS A 38 -1.31 -3.15 -14.18
CA LYS A 38 -0.35 -2.94 -15.24
C LYS A 38 -1.09 -2.72 -16.56
N SER A 39 -1.90 -3.72 -16.93
CA SER A 39 -2.67 -3.65 -18.15
C SER A 39 -3.58 -2.42 -18.14
N ASN A 40 -4.18 -2.18 -16.97
CA ASN A 40 -5.07 -1.05 -16.81
C ASN A 40 -4.53 -0.14 -15.70
N PRO A 41 -4.13 1.09 -16.12
CA PRO A 41 -3.59 2.06 -15.18
C PRO A 41 -4.70 2.68 -14.34
N GLY A 42 -5.93 2.51 -14.83
CA GLY A 42 -7.09 3.05 -14.13
C GLY A 42 -7.70 2.01 -13.19
N SER A 43 -6.82 1.34 -12.45
CA SER A 43 -7.26 0.33 -11.51
C SER A 43 -7.26 0.89 -10.08
N VAL A 44 -6.07 0.91 -9.49
CA VAL A 44 -5.92 1.42 -8.14
C VAL A 44 -5.07 2.70 -8.18
N ILE A 45 -5.64 3.76 -7.61
CA ILE A 45 -4.95 5.03 -7.57
C ILE A 45 -4.16 5.13 -6.26
N ILE A 46 -2.91 5.57 -6.41
CA ILE A 46 -2.04 5.72 -5.25
C ILE A 46 -1.66 7.20 -5.09
N GLU A 47 -1.88 7.70 -3.89
CA GLU A 47 -1.57 9.09 -3.59
C GLU A 47 -0.97 9.20 -2.19
N GLY A 48 -0.36 10.35 -1.94
CA GLY A 48 0.25 10.62 -0.65
C GLY A 48 1.73 10.23 -0.66
N LEU A 49 2.12 9.54 -1.73
CA LEU A 49 3.50 9.11 -1.88
C LEU A 49 4.44 10.28 -1.60
N PRO A 50 5.73 9.95 -1.38
CA PRO A 50 6.74 10.96 -1.10
C PRO A 50 7.11 11.72 -2.38
N PRO A 51 7.87 12.83 -2.19
CA PRO A 51 8.30 13.65 -3.31
C PRO A 51 9.44 12.98 -4.07
N GLY A 52 9.20 12.77 -5.36
CA GLY A 52 10.20 12.14 -6.21
C GLY A 52 9.87 10.67 -6.43
N ILE A 53 8.84 10.21 -5.74
CA ILE A 53 8.41 8.82 -5.86
C ILE A 53 6.96 8.78 -6.36
N PRO A 54 6.82 8.49 -7.68
CA PRO A 54 5.51 8.42 -8.29
C PRO A 54 4.79 7.13 -7.90
N PHE A 55 3.56 7.00 -8.38
CA PHE A 55 2.76 5.82 -8.09
C PHE A 55 3.09 4.68 -9.04
N ARG A 56 4.09 3.91 -8.67
CA ARG A 56 4.52 2.77 -9.48
C ARG A 56 5.04 1.64 -8.60
N LYS A 57 5.45 0.57 -9.24
CA LYS A 57 5.97 -0.59 -8.54
C LYS A 57 7.26 -0.19 -7.82
N PRO A 58 7.48 -0.83 -6.64
CA PRO A 58 8.67 -0.57 -5.85
C PRO A 58 9.91 -1.22 -6.47
N CYS A 59 9.65 -2.12 -7.41
CA CYS A 59 10.73 -2.81 -8.09
C CYS A 59 11.52 -1.80 -8.90
N THR A 60 10.81 -0.83 -9.45
CA THR A 60 11.44 0.21 -10.25
C THR A 60 12.10 1.25 -9.34
N PHE A 61 11.95 1.04 -8.04
CA PHE A 61 12.51 1.95 -7.07
C PHE A 61 13.68 1.30 -6.32
N GLY A 62 14.58 2.15 -5.83
CA GLY A 62 15.74 1.67 -5.10
C GLY A 62 15.53 1.79 -3.59
N SER A 63 16.36 1.07 -2.85
CA SER A 63 16.27 1.09 -1.40
C SER A 63 15.99 2.52 -0.92
N GLN A 64 16.68 3.47 -1.52
CA GLN A 64 16.51 4.87 -1.16
C GLN A 64 15.05 5.28 -1.33
N ASN A 65 14.54 5.08 -2.53
CA ASN A 65 13.16 5.43 -2.83
C ASN A 65 12.23 4.67 -1.89
N LEU A 66 12.61 3.41 -1.62
CA LEU A 66 11.83 2.57 -0.75
C LEU A 66 11.82 3.16 0.66
N GLU A 67 13.01 3.22 1.25
CA GLU A 67 13.15 3.76 2.59
C GLU A 67 12.21 4.95 2.80
N ARG A 68 12.00 5.68 1.71
CA ARG A 68 11.14 6.84 1.75
C ARG A 68 9.67 6.41 1.83
N ILE A 69 9.29 5.56 0.88
CA ILE A 69 7.92 5.07 0.82
C ILE A 69 7.51 4.57 2.21
N LEU A 70 8.26 3.59 2.70
CA LEU A 70 7.99 3.02 4.00
C LEU A 70 7.84 4.15 5.02
N ALA A 71 8.45 5.28 4.71
CA ALA A 71 8.40 6.44 5.59
C ALA A 71 7.00 7.04 5.54
N VAL A 72 6.57 7.39 4.34
CA VAL A 72 5.26 7.98 4.16
C VAL A 72 4.24 6.87 3.88
N ALA A 73 4.61 5.66 4.29
CA ALA A 73 3.74 4.51 4.08
C ALA A 73 2.34 4.84 4.59
N ASP A 74 2.28 5.77 5.54
CA ASP A 74 1.01 6.18 6.10
C ASP A 74 0.30 7.11 5.12
N LYS A 75 1.08 8.00 4.53
CA LYS A 75 0.54 8.95 3.57
C LYS A 75 -0.07 8.19 2.40
N ILE A 76 0.71 7.28 1.85
CA ILE A 76 0.28 6.48 0.72
C ILE A 76 -1.19 6.07 0.93
N LYS A 77 -2.01 6.42 -0.04
CA LYS A 77 -3.43 6.10 0.03
C LYS A 77 -3.86 5.48 -1.30
N PHE A 78 -4.42 4.28 -1.20
CA PHE A 78 -4.89 3.57 -2.38
C PHE A 78 -6.39 3.79 -2.60
N THR A 79 -6.78 3.71 -3.87
CA THR A 79 -8.17 3.91 -4.22
C THR A 79 -8.69 2.71 -5.02
N VAL A 80 -9.86 2.23 -4.62
CA VAL A 80 -10.47 1.11 -5.29
C VAL A 80 -11.81 1.53 -5.90
N THR A 81 -11.79 1.74 -7.21
CA THR A 81 -12.99 2.16 -7.91
C THR A 81 -14.19 1.31 -7.48
N ARG A 82 -13.97 0.01 -7.44
CA ARG A 82 -15.01 -0.93 -7.04
C ARG A 82 -15.73 -0.41 -5.78
N PRO A 83 -16.98 -0.89 -5.60
CA PRO A 83 -17.78 -0.50 -4.45
C PRO A 83 -17.30 -1.20 -3.19
N PHE A 84 -17.95 -0.88 -2.08
CA PHE A 84 -17.60 -1.47 -0.81
C PHE A 84 -16.13 -1.25 -0.48
N GLN A 85 -15.87 -0.21 0.31
CA GLN A 85 -14.51 0.12 0.70
C GLN A 85 -14.44 0.40 2.20
N GLY A 86 -13.23 0.69 2.65
CA GLY A 86 -13.01 0.97 4.06
C GLY A 86 -13.93 2.11 4.54
N LEU A 87 -14.07 2.20 5.86
CA LEU A 87 -14.91 3.22 6.45
C LEU A 87 -14.04 4.19 7.25
N ILE A 88 -14.23 5.47 6.98
CA ILE A 88 -13.47 6.50 7.67
C ILE A 88 -11.99 6.34 7.35
N PRO A 89 -11.30 7.50 7.17
CA PRO A 89 -9.88 7.50 6.86
C PRO A 89 -9.06 7.15 8.10
N LYS A 90 -7.94 6.48 7.86
CA LYS A 90 -7.04 6.09 8.94
C LYS A 90 -7.87 5.52 10.09
N PRO A 91 -8.07 4.16 10.04
CA PRO A 91 -8.84 3.48 11.07
C PRO A 91 -8.03 3.35 12.36
N ASP A 92 -6.74 3.14 12.20
CA ASP A 92 -5.85 2.99 13.34
C ASP A 92 -4.43 3.36 12.91
N GLU A 93 -3.76 4.12 13.78
CA GLU A 93 -2.40 4.54 13.51
C GLU A 93 -1.63 4.72 14.82
N SER A 94 -0.50 4.03 14.90
CA SER A 94 0.33 4.10 16.09
C SER A 94 1.61 4.89 15.79
N GLY A 95 2.29 5.29 16.85
CA GLY A 95 3.52 6.04 16.71
C GLY A 95 4.59 5.23 16.00
N PRO A 96 4.91 5.67 14.75
CA PRO A 96 5.91 4.99 13.94
C PRO A 96 7.33 5.28 14.45
N SER A 97 8.30 4.73 13.76
CA SER A 97 9.69 4.92 14.13
C SER A 97 10.60 4.61 12.95
N SER A 98 11.87 4.97 13.10
CA SER A 98 12.85 4.73 12.05
C SER A 98 14.01 3.89 12.59
N GLY A 99 14.75 3.31 11.67
CA GLY A 99 15.89 2.48 12.04
C GLY A 99 15.56 1.60 13.24
N GLY A 1 3.09 -12.43 2.09
CA GLY A 1 3.16 -11.55 3.24
C GLY A 1 4.42 -11.81 4.07
N SER A 2 4.33 -12.83 4.91
CA SER A 2 5.45 -13.20 5.76
C SER A 2 5.76 -12.06 6.73
N SER A 3 5.40 -12.28 7.98
CA SER A 3 5.63 -11.28 9.02
C SER A 3 7.13 -10.99 9.12
N GLY A 4 7.43 -9.83 9.70
CA GLY A 4 8.81 -9.42 9.85
C GLY A 4 9.50 -9.22 8.51
N SER A 5 10.35 -10.19 8.16
CA SER A 5 11.07 -10.14 6.90
C SER A 5 11.96 -8.91 6.86
N SER A 6 13.22 -9.14 6.54
CA SER A 6 14.19 -8.06 6.46
C SER A 6 14.58 -7.82 5.00
N GLY A 7 13.82 -6.94 4.36
CA GLY A 7 14.06 -6.61 2.96
C GLY A 7 13.18 -5.46 2.50
N LEU A 8 13.82 -4.31 2.28
CA LEU A 8 13.10 -3.13 1.84
C LEU A 8 12.04 -3.53 0.80
N ARG A 9 12.52 -3.91 -0.37
CA ARG A 9 11.62 -4.31 -1.44
C ARG A 9 10.48 -5.17 -0.89
N GLU A 10 10.85 -6.10 -0.02
CA GLU A 10 9.87 -6.98 0.59
C GLU A 10 8.90 -6.18 1.47
N GLN A 11 9.47 -5.25 2.22
CA GLN A 11 8.67 -4.41 3.09
C GLN A 11 7.57 -3.70 2.30
N VAL A 12 8.01 -2.89 1.34
CA VAL A 12 7.08 -2.15 0.51
C VAL A 12 6.13 -3.13 -0.18
N GLN A 13 6.71 -4.14 -0.80
CA GLN A 13 5.92 -5.15 -1.49
C GLN A 13 4.75 -5.59 -0.61
N ASP A 14 4.95 -5.51 0.69
CA ASP A 14 3.93 -5.90 1.64
C ASP A 14 3.03 -4.70 1.95
N LEU A 15 3.68 -3.56 2.14
CA LEU A 15 2.96 -2.33 2.44
C LEU A 15 1.78 -2.19 1.46
N PHE A 16 2.12 -1.89 0.22
CA PHE A 16 1.12 -1.73 -0.81
C PHE A 16 0.00 -2.77 -0.67
N ASN A 17 0.43 -4.00 -0.42
CA ASN A 17 -0.51 -5.10 -0.25
C ASN A 17 -1.38 -4.85 0.98
N LYS A 18 -0.73 -4.78 2.12
CA LYS A 18 -1.43 -4.54 3.37
C LYS A 18 -2.37 -3.34 3.21
N LYS A 19 -1.80 -2.25 2.72
CA LYS A 19 -2.58 -1.04 2.51
C LYS A 19 -3.89 -1.39 1.80
N TYR A 20 -3.76 -2.19 0.76
CA TYR A 20 -4.92 -2.61 -0.01
C TYR A 20 -6.08 -2.97 0.91
N GLY A 21 -5.82 -3.90 1.83
CA GLY A 21 -6.83 -4.34 2.77
C GLY A 21 -7.68 -3.17 3.23
N GLU A 22 -7.01 -2.06 3.53
CA GLU A 22 -7.69 -0.87 3.99
C GLU A 22 -8.53 -0.27 2.87
N ALA A 23 -7.88 -0.02 1.75
CA ALA A 23 -8.56 0.55 0.59
C ALA A 23 -9.88 -0.20 0.36
N LEU A 24 -9.90 -1.44 0.81
CA LEU A 24 -11.08 -2.27 0.66
C LEU A 24 -11.85 -2.31 1.98
N GLY A 25 -11.10 -2.13 3.06
CA GLY A 25 -11.70 -2.14 4.39
C GLY A 25 -11.43 -3.47 5.10
N ILE A 26 -11.04 -4.46 4.32
CA ILE A 26 -10.74 -5.77 4.86
C ILE A 26 -9.88 -5.62 6.12
N LYS A 27 -9.81 -6.71 6.88
CA LYS A 27 -9.03 -6.71 8.10
C LYS A 27 -7.73 -7.49 7.89
N TYR A 28 -7.82 -8.49 7.01
CA TYR A 28 -6.67 -9.31 6.70
C TYR A 28 -5.87 -8.73 5.53
N PRO A 29 -4.62 -9.22 5.38
CA PRO A 29 -3.75 -8.76 4.31
C PRO A 29 -4.19 -9.35 2.96
N VAL A 30 -4.41 -8.46 2.01
CA VAL A 30 -4.83 -8.88 0.68
C VAL A 30 -3.74 -8.50 -0.33
N GLN A 31 -3.75 -9.19 -1.46
CA GLN A 31 -2.78 -8.94 -2.51
C GLN A 31 -3.31 -7.87 -3.47
N VAL A 32 -2.37 -7.20 -4.13
CA VAL A 32 -2.71 -6.15 -5.06
C VAL A 32 -2.64 -6.71 -6.49
N PRO A 33 -3.65 -6.31 -7.31
CA PRO A 33 -3.71 -6.76 -8.69
C PRO A 33 -2.68 -6.03 -9.55
N TYR A 34 -1.42 -6.41 -9.37
CA TYR A 34 -0.34 -5.80 -10.12
C TYR A 34 -0.60 -5.89 -11.63
N LYS A 35 -0.91 -7.09 -12.07
CA LYS A 35 -1.18 -7.33 -13.48
C LYS A 35 -2.23 -6.31 -13.97
N ARG A 36 -3.42 -6.43 -13.43
CA ARG A 36 -4.50 -5.54 -13.78
C ARG A 36 -4.07 -4.08 -13.64
N ILE A 37 -3.18 -3.86 -12.67
CA ILE A 37 -2.68 -2.51 -12.43
C ILE A 37 -1.70 -2.14 -13.53
N LYS A 38 -1.17 -3.15 -14.19
CA LYS A 38 -0.22 -2.94 -15.28
C LYS A 38 -0.98 -2.74 -16.58
N SER A 39 -1.78 -3.74 -16.92
CA SER A 39 -2.57 -3.68 -18.14
C SER A 39 -3.53 -2.49 -18.09
N ASN A 40 -4.13 -2.31 -16.92
CA ASN A 40 -5.07 -1.22 -16.73
C ASN A 40 -4.56 -0.30 -15.61
N PRO A 41 -4.21 0.94 -16.02
CA PRO A 41 -3.71 1.92 -15.07
C PRO A 41 -4.84 2.49 -14.21
N GLY A 42 -6.05 2.40 -14.75
CA GLY A 42 -7.22 2.89 -14.05
C GLY A 42 -7.79 1.82 -13.12
N SER A 43 -6.91 1.21 -12.35
CA SER A 43 -7.31 0.16 -11.42
C SER A 43 -7.32 0.72 -9.99
N VAL A 44 -6.13 0.92 -9.46
CA VAL A 44 -5.99 1.44 -8.12
C VAL A 44 -5.14 2.71 -8.14
N ILE A 45 -5.70 3.77 -7.59
CA ILE A 45 -5.01 5.05 -7.55
C ILE A 45 -4.22 5.15 -6.24
N ILE A 46 -2.98 5.61 -6.38
CA ILE A 46 -2.10 5.76 -5.23
C ILE A 46 -1.72 7.22 -5.08
N GLU A 47 -1.91 7.74 -3.86
CA GLU A 47 -1.60 9.12 -3.57
C GLU A 47 -0.99 9.24 -2.17
N GLY A 48 -0.37 10.39 -1.92
CA GLY A 48 0.26 10.64 -0.64
C GLY A 48 1.73 10.24 -0.66
N LEU A 49 2.11 9.56 -1.73
CA LEU A 49 3.49 9.11 -1.89
C LEU A 49 4.44 10.28 -1.60
N PRO A 50 5.73 9.94 -1.38
CA PRO A 50 6.74 10.94 -1.10
C PRO A 50 7.13 11.71 -2.37
N PRO A 51 7.88 12.82 -2.17
CA PRO A 51 8.32 13.64 -3.28
C PRO A 51 9.45 12.97 -4.06
N GLY A 52 9.21 12.77 -5.34
CA GLY A 52 10.20 12.14 -6.20
C GLY A 52 9.86 10.67 -6.44
N ILE A 53 8.83 10.21 -5.74
CA ILE A 53 8.40 8.83 -5.87
C ILE A 53 6.95 8.80 -6.36
N PRO A 54 6.80 8.58 -7.69
CA PRO A 54 5.48 8.52 -8.30
C PRO A 54 4.78 7.21 -7.97
N PHE A 55 3.50 7.15 -8.33
CA PHE A 55 2.71 5.96 -8.07
C PHE A 55 3.05 4.85 -9.07
N ARG A 56 4.10 4.11 -8.75
CA ARG A 56 4.54 3.03 -9.60
C ARG A 56 5.06 1.86 -8.75
N LYS A 57 5.46 0.80 -9.44
CA LYS A 57 5.97 -0.38 -8.76
C LYS A 57 7.07 0.04 -7.77
N PRO A 58 7.05 -0.62 -6.59
CA PRO A 58 8.03 -0.32 -5.56
C PRO A 58 9.40 -0.92 -5.91
N CYS A 59 9.39 -2.20 -6.22
CA CYS A 59 10.61 -2.90 -6.57
C CYS A 59 11.26 -2.16 -7.73
N THR A 60 10.45 -1.40 -8.45
CA THR A 60 10.94 -0.64 -9.58
C THR A 60 11.72 0.59 -9.10
N PHE A 61 11.64 0.83 -7.80
CA PHE A 61 12.34 1.96 -7.21
C PHE A 61 13.55 1.49 -6.41
N GLY A 62 14.51 2.39 -6.27
CA GLY A 62 15.73 2.08 -5.54
C GLY A 62 15.45 2.00 -4.03
N SER A 63 16.36 1.33 -3.33
CA SER A 63 16.23 1.17 -1.90
C SER A 63 15.86 2.51 -1.25
N GLN A 64 16.67 3.52 -1.55
CA GLN A 64 16.44 4.85 -1.00
C GLN A 64 14.97 5.26 -1.20
N ASN A 65 14.53 5.12 -2.44
CA ASN A 65 13.15 5.48 -2.78
C ASN A 65 12.20 4.69 -1.88
N LEU A 66 12.56 3.43 -1.65
CA LEU A 66 11.75 2.56 -0.82
C LEU A 66 11.71 3.12 0.62
N GLU A 67 12.88 3.16 1.23
CA GLU A 67 12.99 3.66 2.59
C GLU A 67 12.04 4.85 2.79
N ARG A 68 11.85 5.61 1.73
CA ARG A 68 10.98 6.77 1.77
C ARG A 68 9.52 6.33 1.82
N ILE A 69 9.14 5.53 0.83
CA ILE A 69 7.78 5.05 0.75
C ILE A 69 7.33 4.55 2.12
N LEU A 70 8.00 3.50 2.58
CA LEU A 70 7.67 2.92 3.88
C LEU A 70 7.58 4.04 4.92
N ALA A 71 8.32 5.11 4.66
CA ALA A 71 8.33 6.25 5.56
C ALA A 71 6.95 6.92 5.55
N VAL A 72 6.53 7.28 4.35
CA VAL A 72 5.24 7.93 4.18
C VAL A 72 4.17 6.87 3.91
N ALA A 73 4.49 5.64 4.31
CA ALA A 73 3.56 4.54 4.12
C ALA A 73 2.18 4.94 4.62
N ASP A 74 2.18 5.86 5.57
CA ASP A 74 0.93 6.34 6.14
C ASP A 74 0.25 7.28 5.15
N LYS A 75 1.06 8.11 4.52
CA LYS A 75 0.55 9.07 3.55
C LYS A 75 -0.06 8.31 2.37
N ILE A 76 0.69 7.33 1.87
CA ILE A 76 0.23 6.53 0.75
C ILE A 76 -1.23 6.15 0.97
N LYS A 77 -2.05 6.45 -0.02
CA LYS A 77 -3.47 6.15 0.04
C LYS A 77 -3.91 5.52 -1.28
N PHE A 78 -4.44 4.31 -1.18
CA PHE A 78 -4.91 3.59 -2.35
C PHE A 78 -6.40 3.82 -2.57
N THR A 79 -6.80 3.74 -3.83
CA THR A 79 -8.19 3.94 -4.20
C THR A 79 -8.71 2.75 -5.00
N VAL A 80 -9.87 2.26 -4.56
CA VAL A 80 -10.48 1.12 -5.23
C VAL A 80 -11.82 1.55 -5.83
N THR A 81 -11.91 1.40 -7.15
CA THR A 81 -13.13 1.77 -7.85
C THR A 81 -14.21 0.70 -7.65
N ARG A 82 -13.80 -0.55 -7.85
CA ARG A 82 -14.73 -1.67 -7.69
C ARG A 82 -15.53 -1.51 -6.40
N PRO A 83 -16.72 -2.17 -6.38
CA PRO A 83 -17.59 -2.12 -5.22
C PRO A 83 -17.04 -2.97 -4.08
N PHE A 84 -17.71 -2.87 -2.94
CA PHE A 84 -17.30 -3.64 -1.76
C PHE A 84 -17.55 -5.13 -1.98
N GLN A 85 -16.53 -5.91 -1.65
CA GLN A 85 -16.61 -7.35 -1.80
C GLN A 85 -15.39 -8.03 -1.18
N GLY A 86 -15.65 -9.10 -0.45
CA GLY A 86 -14.58 -9.84 0.21
C GLY A 86 -14.97 -10.21 1.64
N LEU A 87 -15.85 -11.21 1.75
CA LEU A 87 -16.29 -11.67 3.05
C LEU A 87 -17.10 -10.56 3.72
N ILE A 88 -17.78 -10.93 4.80
CA ILE A 88 -18.59 -9.98 5.53
C ILE A 88 -18.17 -9.98 7.01
N PRO A 89 -18.18 -8.77 7.61
CA PRO A 89 -17.80 -8.62 9.00
C PRO A 89 -18.91 -9.12 9.93
N LYS A 90 -18.70 -8.91 11.22
CA LYS A 90 -19.67 -9.33 12.22
C LYS A 90 -19.14 -8.99 13.61
N PRO A 91 -17.95 -9.54 13.93
CA PRO A 91 -17.33 -9.30 15.22
C PRO A 91 -16.74 -7.89 15.29
N ASP A 92 -17.48 -7.00 15.93
CA ASP A 92 -17.03 -5.63 16.09
C ASP A 92 -17.36 -5.14 17.50
N GLU A 93 -16.52 -4.22 17.97
CA GLU A 93 -16.70 -3.67 19.30
C GLU A 93 -16.82 -2.14 19.23
N SER A 94 -18.05 -1.67 19.34
CA SER A 94 -18.31 -0.24 19.29
C SER A 94 -17.39 0.50 20.27
N GLY A 95 -16.80 1.57 19.79
CA GLY A 95 -15.90 2.36 20.60
C GLY A 95 -14.87 3.10 19.74
N PRO A 96 -13.62 3.16 20.26
CA PRO A 96 -12.54 3.83 19.55
C PRO A 96 -12.05 2.97 18.37
N SER A 97 -12.78 3.07 17.27
CA SER A 97 -12.43 2.31 16.08
C SER A 97 -12.99 3.00 14.83
N SER A 98 -12.09 3.33 13.93
CA SER A 98 -12.47 4.00 12.69
C SER A 98 -12.27 3.06 11.50
N GLY A 99 -13.40 2.66 10.91
CA GLY A 99 -13.36 1.76 9.77
C GLY A 99 -13.57 2.53 8.46
N GLY A 1 -3.00 -7.02 10.63
CA GLY A 1 -1.86 -7.31 9.78
C GLY A 1 -0.55 -6.87 10.45
N SER A 2 0.22 -6.08 9.73
CA SER A 2 1.49 -5.59 10.23
C SER A 2 2.39 -6.77 10.61
N SER A 3 3.27 -7.11 9.69
CA SER A 3 4.20 -8.21 9.91
C SER A 3 5.19 -8.31 8.74
N GLY A 4 6.29 -9.00 9.00
CA GLY A 4 7.31 -9.17 7.99
C GLY A 4 8.68 -8.67 8.50
N SER A 5 9.14 -7.59 7.89
CA SER A 5 10.41 -7.01 8.27
C SER A 5 11.55 -7.96 7.89
N SER A 6 12.32 -7.54 6.90
CA SER A 6 13.44 -8.33 6.43
C SER A 6 14.23 -7.55 5.38
N GLY A 7 13.54 -7.17 4.32
CA GLY A 7 14.17 -6.43 3.25
C GLY A 7 13.26 -5.28 2.77
N LEU A 8 13.89 -4.18 2.40
CA LEU A 8 13.16 -3.02 1.93
C LEU A 8 12.03 -3.47 1.00
N ARG A 9 12.42 -3.94 -0.17
CA ARG A 9 11.45 -4.40 -1.16
C ARG A 9 10.33 -5.18 -0.47
N GLU A 10 10.72 -6.18 0.30
CA GLU A 10 9.76 -7.00 1.02
C GLU A 10 8.82 -6.12 1.83
N GLN A 11 9.40 -5.23 2.61
CA GLN A 11 8.62 -4.32 3.43
C GLN A 11 7.55 -3.62 2.59
N VAL A 12 8.01 -2.95 1.54
CA VAL A 12 7.11 -2.24 0.65
C VAL A 12 6.13 -3.23 0.02
N GLN A 13 6.71 -4.23 -0.65
CA GLN A 13 5.91 -5.25 -1.30
C GLN A 13 4.71 -5.63 -0.43
N ASP A 14 4.98 -5.71 0.87
CA ASP A 14 3.94 -6.07 1.83
C ASP A 14 3.06 -4.85 2.09
N LEU A 15 3.72 -3.70 2.22
CA LEU A 15 3.00 -2.47 2.48
C LEU A 15 1.84 -2.33 1.50
N PHE A 16 2.20 -2.07 0.24
CA PHE A 16 1.19 -1.93 -0.80
C PHE A 16 0.07 -2.95 -0.63
N ASN A 17 0.48 -4.18 -0.36
CA ASN A 17 -0.48 -5.26 -0.18
C ASN A 17 -1.35 -4.97 1.04
N LYS A 18 -0.68 -4.82 2.18
CA LYS A 18 -1.38 -4.53 3.43
C LYS A 18 -2.31 -3.34 3.22
N LYS A 19 -1.75 -2.25 2.73
CA LYS A 19 -2.50 -1.05 2.48
C LYS A 19 -3.83 -1.42 1.81
N TYR A 20 -3.73 -2.18 0.74
CA TYR A 20 -4.90 -2.61 0.00
C TYR A 20 -6.04 -2.97 0.96
N GLY A 21 -5.76 -3.93 1.83
CA GLY A 21 -6.75 -4.37 2.79
C GLY A 21 -7.58 -3.20 3.32
N GLU A 22 -6.91 -2.07 3.47
CA GLU A 22 -7.57 -0.86 3.96
C GLU A 22 -8.50 -0.30 2.89
N ALA A 23 -7.94 -0.10 1.70
CA ALA A 23 -8.70 0.44 0.59
C ALA A 23 -10.03 -0.32 0.48
N LEU A 24 -9.96 -1.60 0.81
CA LEU A 24 -11.14 -2.45 0.75
C LEU A 24 -11.82 -2.49 2.12
N GLY A 25 -11.00 -2.28 3.14
CA GLY A 25 -11.50 -2.28 4.51
C GLY A 25 -11.16 -3.60 5.23
N ILE A 26 -10.77 -4.57 4.42
CA ILE A 26 -10.40 -5.88 4.96
C ILE A 26 -9.47 -5.69 6.15
N LYS A 27 -9.31 -6.76 6.91
CA LYS A 27 -8.45 -6.74 8.08
C LYS A 27 -7.19 -7.56 7.80
N TYR A 28 -7.37 -8.60 6.99
CA TYR A 28 -6.26 -9.46 6.64
C TYR A 28 -5.50 -8.92 5.42
N PRO A 29 -4.27 -9.46 5.23
CA PRO A 29 -3.44 -9.04 4.11
C PRO A 29 -3.94 -9.62 2.79
N VAL A 30 -4.34 -8.73 1.91
CA VAL A 30 -4.85 -9.14 0.60
C VAL A 30 -3.79 -8.84 -0.47
N GLN A 31 -3.92 -9.54 -1.58
CA GLN A 31 -2.99 -9.36 -2.70
C GLN A 31 -3.41 -8.15 -3.54
N VAL A 32 -2.44 -7.63 -4.29
CA VAL A 32 -2.70 -6.48 -5.15
C VAL A 32 -2.53 -6.91 -6.61
N PRO A 33 -3.55 -6.55 -7.42
CA PRO A 33 -3.53 -6.89 -8.84
C PRO A 33 -2.56 -5.98 -9.60
N TYR A 34 -1.27 -6.26 -9.43
CA TYR A 34 -0.25 -5.48 -10.08
C TYR A 34 -0.46 -5.47 -11.60
N LYS A 35 -0.44 -6.66 -12.18
CA LYS A 35 -0.64 -6.79 -13.62
C LYS A 35 -1.78 -5.89 -14.06
N ARG A 36 -2.98 -6.22 -13.60
CA ARG A 36 -4.16 -5.45 -13.95
C ARG A 36 -3.92 -3.96 -13.67
N ILE A 37 -3.21 -3.71 -12.58
CA ILE A 37 -2.91 -2.34 -12.20
C ILE A 37 -1.94 -1.72 -13.21
N LYS A 38 -1.16 -2.60 -13.85
CA LYS A 38 -0.21 -2.15 -14.85
C LYS A 38 -0.93 -1.87 -16.16
N SER A 39 -1.76 -2.82 -16.56
CA SER A 39 -2.53 -2.70 -17.79
C SER A 39 -3.59 -1.61 -17.64
N ASN A 40 -4.28 -1.66 -16.50
CA ASN A 40 -5.32 -0.69 -16.22
C ASN A 40 -4.97 0.08 -14.94
N PRO A 41 -4.70 1.40 -15.12
CA PRO A 41 -4.35 2.24 -13.99
C PRO A 41 -5.59 2.58 -13.15
N GLY A 42 -6.72 2.67 -13.84
CA GLY A 42 -7.97 2.98 -13.16
C GLY A 42 -8.25 1.97 -12.05
N SER A 43 -7.61 0.81 -12.16
CA SER A 43 -7.79 -0.24 -11.18
C SER A 43 -7.69 0.35 -9.76
N VAL A 44 -6.46 0.58 -9.34
CA VAL A 44 -6.23 1.14 -8.01
C VAL A 44 -5.36 2.39 -8.14
N ILE A 45 -5.89 3.49 -7.61
CA ILE A 45 -5.18 4.76 -7.66
C ILE A 45 -4.35 4.92 -6.38
N ILE A 46 -3.09 5.27 -6.57
CA ILE A 46 -2.18 5.46 -5.46
C ILE A 46 -1.73 6.92 -5.42
N GLU A 47 -1.92 7.53 -4.25
CA GLU A 47 -1.54 8.91 -4.07
C GLU A 47 -0.91 9.12 -2.68
N GLY A 48 -0.26 10.26 -2.52
CA GLY A 48 0.38 10.58 -1.27
C GLY A 48 1.85 10.13 -1.28
N LEU A 49 2.19 9.37 -2.29
CA LEU A 49 3.55 8.86 -2.44
C LEU A 49 4.53 10.02 -2.26
N PRO A 50 5.82 9.65 -2.04
CA PRO A 50 6.86 10.65 -1.85
C PRO A 50 7.24 11.29 -3.18
N PRO A 51 8.05 12.39 -3.08
CA PRO A 51 8.49 13.11 -4.27
C PRO A 51 9.58 12.33 -5.00
N GLY A 52 9.31 12.05 -6.27
CA GLY A 52 10.26 11.32 -7.09
C GLY A 52 9.88 9.84 -7.21
N ILE A 53 8.84 9.48 -6.46
CA ILE A 53 8.35 8.11 -6.46
C ILE A 53 6.90 8.10 -6.93
N PRO A 54 6.71 7.72 -8.23
CA PRO A 54 5.38 7.66 -8.80
C PRO A 54 4.62 6.43 -8.31
N PHE A 55 3.37 6.34 -8.74
CA PHE A 55 2.53 5.21 -8.34
C PHE A 55 2.82 3.98 -9.20
N ARG A 56 3.76 3.18 -8.72
CA ARG A 56 4.15 1.97 -9.43
C ARG A 56 4.65 0.92 -8.45
N LYS A 57 5.05 -0.23 -9.00
CA LYS A 57 5.56 -1.32 -8.19
C LYS A 57 6.88 -0.89 -7.54
N PRO A 58 7.19 -1.55 -6.39
CA PRO A 58 8.41 -1.26 -5.67
C PRO A 58 9.63 -1.85 -6.39
N CYS A 59 9.37 -2.50 -7.51
CA CYS A 59 10.42 -3.12 -8.29
C CYS A 59 11.01 -2.04 -9.22
N THR A 60 10.24 -0.97 -9.39
CA THR A 60 10.67 0.12 -10.24
C THR A 60 11.49 1.14 -9.45
N PHE A 61 11.50 0.94 -8.14
CA PHE A 61 12.23 1.84 -7.25
C PHE A 61 13.36 1.09 -6.54
N GLY A 62 14.32 1.87 -6.05
CA GLY A 62 15.45 1.29 -5.35
C GLY A 62 15.32 1.47 -3.84
N SER A 63 16.22 0.83 -3.11
CA SER A 63 16.20 0.91 -1.67
C SER A 63 15.91 2.34 -1.22
N GLN A 64 16.77 3.25 -1.66
CA GLN A 64 16.61 4.66 -1.32
C GLN A 64 15.14 5.07 -1.42
N ASN A 65 14.60 4.93 -2.62
CA ASN A 65 13.21 5.29 -2.86
C ASN A 65 12.33 4.58 -1.83
N LEU A 66 12.43 3.26 -1.82
CA LEU A 66 11.64 2.47 -0.89
C LEU A 66 11.69 3.11 0.50
N GLU A 67 12.90 3.21 1.03
CA GLU A 67 13.09 3.79 2.34
C GLU A 67 12.12 4.97 2.55
N ARG A 68 11.86 5.67 1.46
CA ARG A 68 10.95 6.81 1.51
C ARG A 68 9.49 6.32 1.59
N ILE A 69 9.12 5.50 0.62
CA ILE A 69 7.77 4.97 0.58
C ILE A 69 7.35 4.54 1.98
N LEU A 70 8.01 3.51 2.47
CA LEU A 70 7.72 2.99 3.80
C LEU A 70 7.62 4.16 4.78
N ALA A 71 8.35 5.22 4.47
CA ALA A 71 8.35 6.41 5.32
C ALA A 71 6.99 7.11 5.21
N VAL A 72 6.60 7.39 3.98
CA VAL A 72 5.33 8.05 3.72
C VAL A 72 4.25 7.00 3.54
N ALA A 73 4.53 5.81 4.02
CA ALA A 73 3.58 4.71 3.92
C ALA A 73 2.19 5.20 4.33
N ASP A 74 2.18 6.20 5.18
CA ASP A 74 0.93 6.78 5.67
C ASP A 74 0.30 7.61 4.55
N LYS A 75 1.14 8.38 3.87
CA LYS A 75 0.67 9.23 2.79
C LYS A 75 0.02 8.36 1.72
N ILE A 76 0.77 7.34 1.31
CA ILE A 76 0.28 6.42 0.28
C ILE A 76 -1.19 6.09 0.56
N LYS A 77 -2.04 6.46 -0.39
CA LYS A 77 -3.46 6.20 -0.26
C LYS A 77 -3.97 5.51 -1.52
N PHE A 78 -4.56 4.33 -1.32
CA PHE A 78 -5.09 3.56 -2.43
C PHE A 78 -6.57 3.85 -2.64
N THR A 79 -7.01 3.70 -3.88
CA THR A 79 -8.39 3.94 -4.23
C THR A 79 -8.95 2.77 -5.03
N VAL A 80 -10.02 2.18 -4.49
CA VAL A 80 -10.65 1.05 -5.15
C VAL A 80 -12.00 1.50 -5.74
N THR A 81 -12.32 0.92 -6.89
CA THR A 81 -13.56 1.25 -7.57
C THR A 81 -14.51 0.05 -7.55
N ARG A 82 -14.05 -1.02 -8.19
CA ARG A 82 -14.85 -2.24 -8.25
C ARG A 82 -16.18 -1.96 -8.95
N PRO A 83 -16.78 -3.05 -9.50
CA PRO A 83 -18.06 -2.94 -10.19
C PRO A 83 -19.21 -2.75 -9.20
N PHE A 84 -19.07 -1.72 -8.38
CA PHE A 84 -20.10 -1.42 -7.38
C PHE A 84 -20.68 -2.71 -6.78
N GLN A 85 -19.99 -3.20 -5.76
CA GLN A 85 -20.43 -4.42 -5.09
C GLN A 85 -19.62 -4.63 -3.81
N GLY A 86 -20.24 -5.33 -2.87
CA GLY A 86 -19.59 -5.62 -1.60
C GLY A 86 -19.89 -7.05 -1.14
N LEU A 87 -20.91 -7.17 -0.30
CA LEU A 87 -21.31 -8.46 0.22
C LEU A 87 -20.16 -9.05 1.04
N ILE A 88 -20.43 -9.26 2.32
CA ILE A 88 -19.44 -9.81 3.22
C ILE A 88 -19.86 -11.21 3.65
N PRO A 89 -18.86 -12.13 3.72
CA PRO A 89 -19.13 -13.50 4.13
C PRO A 89 -19.38 -13.59 5.63
N LYS A 90 -20.34 -14.43 5.99
CA LYS A 90 -20.68 -14.62 7.39
C LYS A 90 -19.59 -15.45 8.07
N PRO A 91 -19.27 -16.62 7.44
CA PRO A 91 -18.25 -17.49 7.97
C PRO A 91 -16.85 -16.93 7.72
N ASP A 92 -16.46 -15.99 8.58
CA ASP A 92 -15.16 -15.37 8.46
C ASP A 92 -14.17 -16.10 9.39
N GLU A 93 -13.05 -16.49 8.80
CA GLU A 93 -12.02 -17.19 9.55
C GLU A 93 -12.55 -18.55 10.04
N SER A 94 -12.20 -19.58 9.30
CA SER A 94 -12.63 -20.93 9.64
C SER A 94 -11.41 -21.79 9.98
N GLY A 95 -11.00 -21.71 11.24
CA GLY A 95 -9.85 -22.47 11.71
C GLY A 95 -10.06 -23.96 11.47
N PRO A 96 -10.74 -24.61 12.47
CA PRO A 96 -11.01 -26.04 12.37
C PRO A 96 -12.14 -26.32 11.38
N SER A 97 -11.75 -26.86 10.24
CA SER A 97 -12.72 -27.18 9.19
C SER A 97 -12.22 -28.36 8.36
N SER A 98 -11.06 -28.16 7.73
CA SER A 98 -10.47 -29.20 6.91
C SER A 98 -9.00 -28.87 6.63
N GLY A 99 -8.28 -29.86 6.12
CA GLY A 99 -6.88 -29.69 5.81
C GLY A 99 -6.68 -29.28 4.35
N GLY A 1 -3.25 -10.85 11.23
CA GLY A 1 -2.33 -9.75 11.44
C GLY A 1 -1.00 -10.02 10.74
N SER A 2 -0.60 -9.07 9.91
CA SER A 2 0.65 -9.19 9.17
C SER A 2 1.34 -7.82 9.07
N SER A 3 2.60 -7.85 8.67
CA SER A 3 3.36 -6.63 8.53
C SER A 3 4.80 -6.96 8.11
N GLY A 4 5.44 -5.97 7.50
CA GLY A 4 6.81 -6.15 7.05
C GLY A 4 7.80 -5.51 8.02
N SER A 5 9.06 -5.88 7.87
CA SER A 5 10.11 -5.35 8.73
C SER A 5 11.46 -5.40 8.01
N SER A 6 11.82 -6.60 7.60
CA SER A 6 13.07 -6.81 6.91
C SER A 6 12.85 -6.75 5.39
N GLY A 7 13.93 -6.50 4.67
CA GLY A 7 13.85 -6.42 3.22
C GLY A 7 13.02 -5.23 2.77
N LEU A 8 13.71 -4.18 2.35
CA LEU A 8 13.04 -2.97 1.90
C LEU A 8 11.94 -3.35 0.91
N ARG A 9 12.37 -3.75 -0.28
CA ARG A 9 11.43 -4.14 -1.33
C ARG A 9 10.26 -4.92 -0.73
N GLU A 10 10.61 -5.96 0.02
CA GLU A 10 9.61 -6.78 0.66
C GLU A 10 8.66 -5.93 1.50
N GLN A 11 9.26 -5.08 2.33
CA GLN A 11 8.48 -4.22 3.19
C GLN A 11 7.42 -3.47 2.38
N VAL A 12 7.88 -2.78 1.35
CA VAL A 12 6.99 -2.02 0.49
C VAL A 12 6.06 -2.98 -0.24
N GLN A 13 6.67 -3.95 -0.92
CA GLN A 13 5.93 -4.93 -1.67
C GLN A 13 4.76 -5.45 -0.83
N ASP A 14 4.92 -5.37 0.48
CA ASP A 14 3.89 -5.83 1.39
C ASP A 14 2.99 -4.64 1.78
N LEU A 15 3.63 -3.48 1.91
CA LEU A 15 2.90 -2.27 2.27
C LEU A 15 1.72 -2.09 1.33
N PHE A 16 2.03 -1.74 0.09
CA PHE A 16 0.99 -1.54 -0.91
C PHE A 16 -0.02 -2.68 -0.89
N ASN A 17 0.48 -3.87 -0.62
CA ASN A 17 -0.38 -5.04 -0.55
C ASN A 17 -1.31 -4.93 0.66
N LYS A 18 -0.70 -4.92 1.83
CA LYS A 18 -1.46 -4.83 3.07
C LYS A 18 -2.45 -3.66 2.97
N LYS A 19 -1.90 -2.50 2.62
CA LYS A 19 -2.72 -1.31 2.49
C LYS A 19 -4.02 -1.67 1.78
N TYR A 20 -3.88 -2.38 0.67
CA TYR A 20 -5.04 -2.79 -0.11
C TYR A 20 -6.21 -3.17 0.79
N GLY A 21 -5.96 -4.16 1.64
CA GLY A 21 -6.97 -4.63 2.56
C GLY A 21 -7.80 -3.45 3.11
N GLU A 22 -7.10 -2.36 3.38
CA GLU A 22 -7.74 -1.17 3.90
C GLU A 22 -8.62 -0.52 2.83
N ALA A 23 -8.00 -0.25 1.69
CA ALA A 23 -8.70 0.36 0.58
C ALA A 23 -9.99 -0.42 0.29
N LEU A 24 -9.99 -1.67 0.73
CA LEU A 24 -11.14 -2.53 0.52
C LEU A 24 -11.92 -2.64 1.84
N GLY A 25 -11.20 -2.44 2.94
CA GLY A 25 -11.80 -2.51 4.25
C GLY A 25 -11.56 -3.88 4.90
N ILE A 26 -11.11 -4.81 4.07
CA ILE A 26 -10.84 -6.16 4.53
C ILE A 26 -10.00 -6.09 5.82
N LYS A 27 -9.94 -7.22 6.51
CA LYS A 27 -9.18 -7.29 7.74
C LYS A 27 -7.91 -8.11 7.51
N TYR A 28 -8.04 -9.11 6.64
CA TYR A 28 -6.91 -9.97 6.32
C TYR A 28 -6.03 -9.34 5.25
N PRO A 29 -4.79 -9.89 5.12
CA PRO A 29 -3.84 -9.39 4.14
C PRO A 29 -4.23 -9.85 2.73
N VAL A 30 -4.30 -8.89 1.83
CA VAL A 30 -4.65 -9.18 0.45
C VAL A 30 -3.53 -8.70 -0.47
N GLN A 31 -3.49 -9.28 -1.67
CA GLN A 31 -2.48 -8.92 -2.64
C GLN A 31 -3.08 -8.03 -3.72
N VAL A 32 -2.39 -6.94 -3.99
CA VAL A 32 -2.85 -5.98 -5.00
C VAL A 32 -2.70 -6.62 -6.38
N PRO A 33 -3.73 -6.38 -7.24
CA PRO A 33 -3.72 -6.91 -8.59
C PRO A 33 -2.76 -6.14 -9.48
N TYR A 34 -1.47 -6.38 -9.27
CA TYR A 34 -0.44 -5.72 -10.03
C TYR A 34 -0.65 -5.94 -11.54
N LYS A 35 -1.00 -7.17 -11.88
CA LYS A 35 -1.23 -7.52 -13.26
C LYS A 35 -2.28 -6.57 -13.86
N ARG A 36 -3.50 -6.69 -13.35
CA ARG A 36 -4.60 -5.86 -13.81
C ARG A 36 -4.22 -4.39 -13.71
N ILE A 37 -3.42 -4.08 -12.70
CA ILE A 37 -2.98 -2.72 -12.48
C ILE A 37 -1.98 -2.32 -13.57
N LYS A 38 -1.28 -3.33 -14.08
CA LYS A 38 -0.30 -3.10 -15.12
C LYS A 38 -1.02 -2.89 -16.46
N SER A 39 -1.98 -3.77 -16.72
CA SER A 39 -2.75 -3.70 -17.95
C SER A 39 -3.66 -2.48 -17.92
N ASN A 40 -4.26 -2.25 -16.76
CA ASN A 40 -5.16 -1.12 -16.60
C ASN A 40 -4.62 -0.20 -15.50
N PRO A 41 -4.21 1.03 -15.92
CA PRO A 41 -3.68 2.00 -14.98
C PRO A 41 -4.79 2.62 -14.14
N GLY A 42 -6.01 2.51 -14.66
CA GLY A 42 -7.17 3.06 -13.96
C GLY A 42 -7.77 2.02 -13.02
N SER A 43 -6.90 1.34 -12.29
CA SER A 43 -7.33 0.32 -11.35
C SER A 43 -7.34 0.89 -9.94
N VAL A 44 -6.14 1.00 -9.37
CA VAL A 44 -5.99 1.52 -8.02
C VAL A 44 -5.13 2.78 -8.06
N ILE A 45 -5.67 3.84 -7.49
CA ILE A 45 -4.97 5.12 -7.45
C ILE A 45 -4.17 5.22 -6.16
N ILE A 46 -2.92 5.63 -6.29
CA ILE A 46 -2.05 5.77 -5.14
C ILE A 46 -1.64 7.24 -4.99
N GLU A 47 -1.82 7.75 -3.79
CA GLU A 47 -1.49 9.14 -3.50
C GLU A 47 -0.85 9.25 -2.11
N GLY A 48 -0.22 10.39 -1.88
CA GLY A 48 0.44 10.64 -0.60
C GLY A 48 1.90 10.21 -0.64
N LEU A 49 2.25 9.52 -1.71
CA LEU A 49 3.62 9.05 -1.89
C LEU A 49 4.58 10.21 -1.64
N PRO A 50 5.88 9.85 -1.44
CA PRO A 50 6.91 10.85 -1.20
C PRO A 50 7.28 11.57 -2.49
N PRO A 51 8.06 12.68 -2.32
CA PRO A 51 8.49 13.47 -3.46
C PRO A 51 9.59 12.75 -4.25
N GLY A 52 9.33 12.56 -5.53
CA GLY A 52 10.28 11.89 -6.41
C GLY A 52 9.90 10.43 -6.62
N ILE A 53 8.88 10.00 -5.88
CA ILE A 53 8.41 8.62 -5.98
C ILE A 53 6.95 8.63 -6.41
N PRO A 54 6.73 8.39 -7.73
CA PRO A 54 5.38 8.37 -8.28
C PRO A 54 4.66 7.08 -7.89
N PHE A 55 3.40 7.00 -8.30
CA PHE A 55 2.59 5.83 -8.00
C PHE A 55 2.91 4.68 -8.97
N ARG A 56 3.86 3.86 -8.56
CA ARG A 56 4.28 2.73 -9.37
C ARG A 56 4.81 1.60 -8.48
N LYS A 57 5.18 0.50 -9.13
CA LYS A 57 5.71 -0.64 -8.41
C LYS A 57 7.01 -0.25 -7.70
N PRO A 58 7.29 -0.95 -6.58
CA PRO A 58 8.48 -0.69 -5.81
C PRO A 58 9.72 -1.25 -6.50
N CYS A 59 9.48 -2.12 -7.46
CA CYS A 59 10.56 -2.74 -8.22
C CYS A 59 11.26 -1.65 -9.04
N THR A 60 10.47 -0.67 -9.46
CA THR A 60 11.00 0.43 -10.24
C THR A 60 11.68 1.45 -9.34
N PHE A 61 11.64 1.18 -8.04
CA PHE A 61 12.25 2.05 -7.07
C PHE A 61 13.46 1.38 -6.41
N GLY A 62 14.38 2.21 -5.94
CA GLY A 62 15.58 1.72 -5.29
C GLY A 62 15.45 1.76 -3.77
N SER A 63 16.33 1.05 -3.11
CA SER A 63 16.32 0.99 -1.65
C SER A 63 16.03 2.38 -1.09
N GLN A 64 16.76 3.36 -1.61
CA GLN A 64 16.59 4.74 -1.17
C GLN A 64 15.12 5.15 -1.27
N ASN A 65 14.59 5.08 -2.49
CA ASN A 65 13.22 5.44 -2.72
C ASN A 65 12.32 4.70 -1.74
N LEU A 66 12.58 3.41 -1.58
CA LEU A 66 11.81 2.58 -0.68
C LEU A 66 11.85 3.19 0.73
N GLU A 67 13.06 3.29 1.26
CA GLU A 67 13.25 3.86 2.59
C GLU A 67 12.28 5.02 2.81
N ARG A 68 12.01 5.73 1.73
CA ARG A 68 11.10 6.87 1.78
C ARG A 68 9.65 6.40 1.85
N ILE A 69 9.28 5.59 0.87
CA ILE A 69 7.93 5.06 0.81
C ILE A 69 7.51 4.58 2.20
N LEU A 70 8.23 3.58 2.69
CA LEU A 70 7.94 3.03 4.00
C LEU A 70 7.84 4.17 5.02
N ALA A 71 8.53 5.26 4.71
CA ALA A 71 8.55 6.41 5.59
C ALA A 71 7.17 7.08 5.55
N VAL A 72 6.72 7.38 4.35
CA VAL A 72 5.43 8.02 4.16
C VAL A 72 4.36 6.95 3.93
N ALA A 73 4.69 5.73 4.34
CA ALA A 73 3.77 4.62 4.19
C ALA A 73 2.40 5.01 4.71
N ASP A 74 2.41 5.93 5.66
CA ASP A 74 1.17 6.41 6.25
C ASP A 74 0.46 7.34 5.26
N LYS A 75 1.27 8.15 4.59
CA LYS A 75 0.73 9.09 3.62
C LYS A 75 0.10 8.33 2.47
N ILE A 76 0.85 7.37 1.94
CA ILE A 76 0.37 6.56 0.84
C ILE A 76 -1.10 6.21 1.07
N LYS A 77 -1.92 6.51 0.07
CA LYS A 77 -3.34 6.23 0.15
C LYS A 77 -3.82 5.63 -1.17
N PHE A 78 -4.33 4.42 -1.08
CA PHE A 78 -4.82 3.71 -2.26
C PHE A 78 -6.31 4.00 -2.48
N THR A 79 -6.71 3.94 -3.74
CA THR A 79 -8.09 4.19 -4.11
C THR A 79 -8.62 3.06 -4.99
N VAL A 80 -9.66 2.39 -4.49
CA VAL A 80 -10.26 1.30 -5.23
C VAL A 80 -11.52 1.80 -5.95
N THR A 81 -11.93 1.05 -6.95
CA THR A 81 -13.10 1.40 -7.73
C THR A 81 -13.69 0.17 -8.42
N ARG A 82 -14.90 -0.17 -8.02
CA ARG A 82 -15.57 -1.33 -8.58
C ARG A 82 -16.94 -1.52 -7.91
N PRO A 83 -17.85 -2.22 -8.65
CA PRO A 83 -19.18 -2.48 -8.13
C PRO A 83 -19.16 -3.58 -7.09
N PHE A 84 -18.94 -3.18 -5.85
CA PHE A 84 -18.89 -4.12 -4.74
C PHE A 84 -19.67 -3.59 -3.53
N GLN A 85 -19.87 -4.47 -2.57
CA GLN A 85 -20.59 -4.11 -1.35
C GLN A 85 -19.62 -3.93 -0.19
N GLY A 86 -18.64 -4.83 -0.14
CA GLY A 86 -17.64 -4.79 0.92
C GLY A 86 -18.30 -4.81 2.30
N LEU A 87 -17.50 -4.52 3.31
CA LEU A 87 -17.98 -4.51 4.68
C LEU A 87 -17.46 -3.27 5.40
N ILE A 88 -17.63 -3.27 6.71
CA ILE A 88 -17.18 -2.15 7.52
C ILE A 88 -15.67 -2.30 7.77
N PRO A 89 -14.97 -1.12 7.73
CA PRO A 89 -13.54 -1.11 7.95
C PRO A 89 -13.20 -1.29 9.43
N LYS A 90 -11.92 -1.43 9.70
CA LYS A 90 -11.46 -1.61 11.07
C LYS A 90 -9.98 -1.23 11.16
N PRO A 91 -9.74 0.10 11.38
CA PRO A 91 -8.38 0.61 11.49
C PRO A 91 -7.76 0.23 12.84
N ASP A 92 -6.49 -0.11 12.79
CA ASP A 92 -5.76 -0.48 14.00
C ASP A 92 -4.59 0.47 14.20
N GLU A 93 -3.94 0.32 15.34
CA GLU A 93 -2.80 1.16 15.68
C GLU A 93 -1.51 0.33 15.69
N SER A 94 -0.48 0.90 15.09
CA SER A 94 0.81 0.22 15.02
C SER A 94 1.94 1.26 15.02
N GLY A 95 3.13 0.78 15.37
CA GLY A 95 4.29 1.65 15.42
C GLY A 95 5.55 0.85 15.80
N PRO A 96 6.32 0.46 14.74
CA PRO A 96 7.54 -0.29 14.95
C PRO A 96 8.66 0.61 15.48
N SER A 97 9.83 0.00 15.64
CA SER A 97 10.98 0.74 16.14
C SER A 97 12.22 0.37 15.31
N SER A 98 13.29 1.11 15.55
CA SER A 98 14.53 0.88 14.84
C SER A 98 14.32 1.03 13.33
N GLY A 99 14.92 2.08 12.78
CA GLY A 99 14.79 2.35 11.35
C GLY A 99 16.07 2.96 10.79
N GLY A 1 6.65 -4.39 14.70
CA GLY A 1 6.63 -4.40 13.25
C GLY A 1 5.20 -4.48 12.72
N SER A 2 4.51 -3.35 12.79
CA SER A 2 3.13 -3.29 12.33
C SER A 2 3.05 -3.74 10.88
N SER A 3 3.79 -3.04 10.02
CA SER A 3 3.81 -3.36 8.61
C SER A 3 5.24 -3.70 8.17
N GLY A 4 5.33 -4.54 7.16
CA GLY A 4 6.62 -4.95 6.63
C GLY A 4 7.49 -5.56 7.73
N SER A 5 8.49 -6.33 7.30
CA SER A 5 9.38 -6.98 8.22
C SER A 5 10.65 -7.44 7.50
N SER A 6 11.72 -6.67 7.68
CA SER A 6 12.99 -6.97 7.05
C SER A 6 12.85 -6.89 5.53
N GLY A 7 13.99 -6.78 4.88
CA GLY A 7 14.01 -6.68 3.43
C GLY A 7 13.19 -5.49 2.94
N LEU A 8 13.89 -4.42 2.61
CA LEU A 8 13.23 -3.21 2.13
C LEU A 8 12.14 -3.60 1.14
N ARG A 9 12.57 -4.07 -0.02
CA ARG A 9 11.64 -4.48 -1.07
C ARG A 9 10.52 -5.35 -0.47
N GLU A 10 10.91 -6.14 0.52
CA GLU A 10 9.96 -7.02 1.19
C GLU A 10 8.99 -6.20 2.06
N GLN A 11 9.52 -5.12 2.62
CA GLN A 11 8.72 -4.26 3.47
C GLN A 11 7.61 -3.59 2.66
N VAL A 12 8.02 -2.81 1.68
CA VAL A 12 7.07 -2.12 0.82
C VAL A 12 6.11 -3.13 0.20
N GLN A 13 6.69 -4.22 -0.30
CA GLN A 13 5.90 -5.26 -0.91
C GLN A 13 4.73 -5.65 -0.01
N ASP A 14 4.94 -5.50 1.29
CA ASP A 14 3.92 -5.83 2.26
C ASP A 14 3.01 -4.60 2.48
N LEU A 15 3.64 -3.44 2.49
CA LEU A 15 2.90 -2.20 2.68
C LEU A 15 1.77 -2.11 1.65
N PHE A 16 2.16 -1.90 0.41
CA PHE A 16 1.20 -1.79 -0.68
C PHE A 16 0.16 -2.91 -0.58
N ASN A 17 0.60 -4.05 -0.10
CA ASN A 17 -0.29 -5.20 0.05
C ASN A 17 -1.27 -4.93 1.20
N LYS A 18 -0.71 -4.63 2.36
CA LYS A 18 -1.52 -4.36 3.53
C LYS A 18 -2.46 -3.19 3.23
N LYS A 19 -1.87 -2.09 2.79
CA LYS A 19 -2.65 -0.90 2.46
C LYS A 19 -3.92 -1.31 1.72
N TYR A 20 -3.72 -2.10 0.67
CA TYR A 20 -4.84 -2.57 -0.13
C TYR A 20 -6.00 -3.04 0.75
N GLY A 21 -5.69 -3.98 1.63
CA GLY A 21 -6.68 -4.52 2.53
C GLY A 21 -7.61 -3.41 3.06
N GLU A 22 -7.01 -2.25 3.27
CA GLU A 22 -7.76 -1.10 3.76
C GLU A 22 -8.69 -0.56 2.67
N ALA A 23 -8.08 -0.25 1.54
CA ALA A 23 -8.84 0.28 0.41
C ALA A 23 -10.08 -0.59 0.18
N LEU A 24 -9.97 -1.84 0.62
CA LEU A 24 -11.08 -2.77 0.47
C LEU A 24 -11.82 -2.89 1.80
N GLY A 25 -11.07 -2.69 2.87
CA GLY A 25 -11.65 -2.77 4.20
C GLY A 25 -11.25 -4.09 4.89
N ILE A 26 -10.83 -5.05 4.07
CA ILE A 26 -10.42 -6.34 4.59
C ILE A 26 -9.54 -6.14 5.82
N LYS A 27 -9.35 -7.23 6.56
CA LYS A 27 -8.53 -7.18 7.76
C LYS A 27 -7.21 -7.90 7.49
N TYR A 28 -7.28 -8.94 6.67
CA TYR A 28 -6.10 -9.71 6.33
C TYR A 28 -5.34 -9.07 5.17
N PRO A 29 -4.06 -9.51 5.02
CA PRO A 29 -3.21 -8.98 3.97
C PRO A 29 -3.61 -9.55 2.60
N VAL A 30 -4.14 -8.68 1.76
CA VAL A 30 -4.56 -9.07 0.43
C VAL A 30 -3.46 -8.75 -0.58
N GLN A 31 -3.56 -9.38 -1.74
CA GLN A 31 -2.58 -9.16 -2.79
C GLN A 31 -3.01 -8.00 -3.70
N VAL A 32 -2.03 -7.43 -4.37
CA VAL A 32 -2.29 -6.32 -5.27
C VAL A 32 -2.12 -6.78 -6.72
N PRO A 33 -3.21 -6.61 -7.51
CA PRO A 33 -3.19 -7.01 -8.90
C PRO A 33 -2.39 -6.01 -9.74
N TYR A 34 -1.08 -6.19 -9.72
CA TYR A 34 -0.19 -5.32 -10.47
C TYR A 34 -0.50 -5.38 -11.97
N LYS A 35 -0.64 -6.60 -12.47
CA LYS A 35 -0.93 -6.81 -13.88
C LYS A 35 -2.13 -5.93 -14.28
N ARG A 36 -3.27 -6.25 -13.69
CA ARG A 36 -4.48 -5.50 -13.97
C ARG A 36 -4.25 -4.01 -13.75
N ILE A 37 -3.35 -3.71 -12.83
CA ILE A 37 -3.03 -2.33 -12.51
C ILE A 37 -2.15 -1.76 -13.62
N LYS A 38 -1.50 -2.65 -14.35
CA LYS A 38 -0.62 -2.24 -15.44
C LYS A 38 -1.46 -2.03 -16.70
N SER A 39 -2.18 -3.08 -17.08
CA SER A 39 -3.02 -3.02 -18.27
C SER A 39 -4.04 -1.89 -18.12
N ASN A 40 -4.58 -1.76 -16.92
CA ASN A 40 -5.57 -0.73 -16.65
C ASN A 40 -5.04 0.19 -15.54
N PRO A 41 -4.77 1.46 -15.93
CA PRO A 41 -4.28 2.45 -14.99
C PRO A 41 -5.38 2.93 -14.05
N GLY A 42 -6.62 2.69 -14.48
CA GLY A 42 -7.77 3.10 -13.69
C GLY A 42 -8.20 1.97 -12.74
N SER A 43 -7.21 1.29 -12.19
CA SER A 43 -7.47 0.19 -11.26
C SER A 43 -7.39 0.70 -9.83
N VAL A 44 -6.16 0.88 -9.36
CA VAL A 44 -5.92 1.37 -8.01
C VAL A 44 -5.12 2.66 -8.06
N ILE A 45 -5.70 3.71 -7.50
CA ILE A 45 -5.06 5.01 -7.47
C ILE A 45 -4.21 5.12 -6.21
N ILE A 46 -2.94 5.45 -6.41
CA ILE A 46 -2.02 5.60 -5.29
C ILE A 46 -1.62 7.07 -5.16
N GLU A 47 -1.89 7.62 -3.98
CA GLU A 47 -1.57 9.01 -3.72
C GLU A 47 -0.95 9.15 -2.33
N GLY A 48 -0.32 10.29 -2.11
CA GLY A 48 0.32 10.56 -0.83
C GLY A 48 1.79 10.16 -0.86
N LEU A 49 2.16 9.47 -1.92
CA LEU A 49 3.53 9.02 -2.08
C LEU A 49 4.48 10.19 -1.86
N PRO A 50 5.79 9.85 -1.65
CA PRO A 50 6.80 10.88 -1.41
C PRO A 50 7.16 11.60 -2.71
N PRO A 51 7.92 12.71 -2.55
CA PRO A 51 8.34 13.50 -3.70
C PRO A 51 9.46 12.80 -4.48
N GLY A 52 9.21 12.57 -5.76
CA GLY A 52 10.19 11.92 -6.60
C GLY A 52 9.84 10.44 -6.81
N ILE A 53 8.82 10.00 -6.07
CA ILE A 53 8.38 8.62 -6.16
C ILE A 53 6.91 8.59 -6.62
N PRO A 54 6.73 8.31 -7.93
CA PRO A 54 5.39 8.24 -8.50
C PRO A 54 4.67 6.96 -8.08
N PHE A 55 3.43 6.83 -8.53
CA PHE A 55 2.64 5.66 -8.21
C PHE A 55 2.96 4.50 -9.16
N ARG A 56 3.92 3.69 -8.73
CA ARG A 56 4.33 2.55 -9.52
C ARG A 56 4.84 1.43 -8.61
N LYS A 57 5.28 0.34 -9.24
CA LYS A 57 5.78 -0.81 -8.50
C LYS A 57 6.85 -0.33 -7.52
N PRO A 58 6.81 -0.93 -6.29
CA PRO A 58 7.76 -0.58 -5.25
C PRO A 58 9.13 -1.18 -5.54
N CYS A 59 9.14 -2.50 -5.67
CA CYS A 59 10.37 -3.22 -5.94
C CYS A 59 11.01 -2.62 -7.19
N THR A 60 10.17 -1.97 -8.00
CA THR A 60 10.64 -1.36 -9.23
C THR A 60 11.51 -0.14 -8.91
N PHE A 61 11.54 0.22 -7.64
CA PHE A 61 12.33 1.35 -7.20
C PHE A 61 13.56 0.89 -6.40
N GLY A 62 14.48 1.83 -6.22
CA GLY A 62 15.70 1.53 -5.48
C GLY A 62 15.47 1.61 -3.97
N SER A 63 16.36 0.96 -3.24
CA SER A 63 16.25 0.94 -1.79
C SER A 63 15.93 2.34 -1.27
N GLN A 64 16.73 3.31 -1.71
CA GLN A 64 16.54 4.69 -1.30
C GLN A 64 15.09 5.09 -1.49
N ASN A 65 14.58 4.86 -2.69
CA ASN A 65 13.21 5.20 -3.01
C ASN A 65 12.27 4.47 -2.04
N LEU A 66 12.63 3.23 -1.74
CA LEU A 66 11.83 2.42 -0.83
C LEU A 66 11.80 3.08 0.55
N GLU A 67 12.97 3.16 1.15
CA GLU A 67 13.10 3.78 2.47
C GLU A 67 12.18 5.00 2.57
N ARG A 68 12.01 5.67 1.45
CA ARG A 68 11.17 6.85 1.41
C ARG A 68 9.69 6.44 1.47
N ILE A 69 9.32 5.51 0.63
CA ILE A 69 7.95 5.03 0.58
C ILE A 69 7.51 4.64 1.98
N LEU A 70 8.11 3.58 2.50
CA LEU A 70 7.79 3.10 3.83
C LEU A 70 7.70 4.28 4.79
N ALA A 71 8.43 5.35 4.44
CA ALA A 71 8.44 6.54 5.26
C ALA A 71 7.05 7.18 5.25
N VAL A 72 6.59 7.49 4.05
CA VAL A 72 5.28 8.10 3.88
C VAL A 72 4.23 7.01 3.69
N ALA A 73 4.59 5.81 4.12
CA ALA A 73 3.69 4.67 3.99
C ALA A 73 2.29 5.08 4.47
N ASP A 74 2.26 6.04 5.39
CA ASP A 74 1.01 6.53 5.91
C ASP A 74 0.30 7.37 4.85
N LYS A 75 1.08 8.23 4.21
CA LYS A 75 0.55 9.10 3.18
C LYS A 75 -0.05 8.24 2.05
N ILE A 76 0.75 7.29 1.58
CA ILE A 76 0.32 6.41 0.52
C ILE A 76 -1.14 6.00 0.76
N LYS A 77 -1.98 6.32 -0.22
CA LYS A 77 -3.38 5.99 -0.12
C LYS A 77 -3.83 5.31 -1.42
N PHE A 78 -4.50 4.18 -1.26
CA PHE A 78 -4.98 3.43 -2.40
C PHE A 78 -6.49 3.65 -2.60
N THR A 79 -6.90 3.55 -3.86
CA THR A 79 -8.30 3.73 -4.20
C THR A 79 -8.83 2.53 -4.96
N VAL A 80 -10.06 2.16 -4.65
CA VAL A 80 -10.69 1.02 -5.30
C VAL A 80 -12.03 1.46 -5.91
N THR A 81 -12.00 1.67 -7.22
CA THR A 81 -13.19 2.08 -7.93
C THR A 81 -14.42 1.29 -7.45
N ARG A 82 -14.38 0.00 -7.73
CA ARG A 82 -15.47 -0.88 -7.34
C ARG A 82 -15.94 -0.54 -5.92
N PRO A 83 -17.17 -1.03 -5.58
CA PRO A 83 -17.73 -0.78 -4.26
C PRO A 83 -17.05 -1.65 -3.20
N PHE A 84 -16.86 -1.06 -2.03
CA PHE A 84 -16.23 -1.77 -0.93
C PHE A 84 -16.89 -1.41 0.40
N GLN A 85 -16.48 -2.11 1.45
CA GLN A 85 -17.02 -1.88 2.77
C GLN A 85 -15.94 -1.31 3.70
N GLY A 86 -16.39 -0.75 4.81
CA GLY A 86 -15.47 -0.17 5.77
C GLY A 86 -15.84 -0.60 7.20
N LEU A 87 -14.91 -1.31 7.82
CA LEU A 87 -15.12 -1.78 9.18
C LEU A 87 -14.50 -0.80 10.17
N ILE A 88 -14.71 -1.07 11.44
CA ILE A 88 -14.17 -0.21 12.49
C ILE A 88 -12.68 -0.50 12.65
N PRO A 89 -11.91 0.59 12.91
CA PRO A 89 -10.48 0.48 13.09
C PRO A 89 -10.14 -0.12 14.47
N LYS A 90 -8.85 -0.28 14.70
CA LYS A 90 -8.38 -0.83 15.97
C LYS A 90 -7.14 -0.07 16.43
N PRO A 91 -7.38 1.00 17.23
CA PRO A 91 -6.29 1.81 17.73
C PRO A 91 -5.55 1.09 18.87
N ASP A 92 -4.26 1.40 18.98
CA ASP A 92 -3.43 0.79 19.99
C ASP A 92 -2.26 1.72 20.32
N GLU A 93 -1.48 1.31 21.30
CA GLU A 93 -0.32 2.09 21.72
C GLU A 93 0.97 1.32 21.43
N SER A 94 2.06 2.08 21.37
CA SER A 94 3.36 1.49 21.11
C SER A 94 4.44 2.17 21.95
N GLY A 95 5.60 1.55 22.00
CA GLY A 95 6.71 2.09 22.77
C GLY A 95 7.91 2.37 21.86
N PRO A 96 8.93 3.05 22.46
CA PRO A 96 10.14 3.38 21.72
C PRO A 96 11.02 2.15 21.51
N SER A 97 12.08 2.35 20.74
CA SER A 97 13.01 1.26 20.46
C SER A 97 14.15 1.76 19.58
N SER A 98 15.31 1.94 20.20
CA SER A 98 16.48 2.41 19.48
C SER A 98 17.41 1.24 19.17
N GLY A 99 17.85 0.57 20.23
CA GLY A 99 18.73 -0.58 20.08
C GLY A 99 19.39 -0.93 21.41
N GLY A 1 -1.48 -14.34 14.00
CA GLY A 1 -1.42 -13.03 13.36
C GLY A 1 -0.67 -13.13 12.02
N SER A 2 -0.41 -11.96 11.45
CA SER A 2 0.29 -11.89 10.18
C SER A 2 1.56 -11.06 10.33
N SER A 3 2.63 -11.55 9.71
CA SER A 3 3.91 -10.85 9.76
C SER A 3 4.92 -11.55 8.86
N GLY A 4 5.51 -10.77 7.97
CA GLY A 4 6.49 -11.31 7.04
C GLY A 4 7.14 -10.18 6.22
N SER A 5 8.02 -9.45 6.90
CA SER A 5 8.72 -8.35 6.25
C SER A 5 10.05 -8.09 6.96
N SER A 6 11.12 -8.18 6.19
CA SER A 6 12.46 -7.95 6.72
C SER A 6 13.25 -7.05 5.79
N GLY A 7 13.23 -7.41 4.50
CA GLY A 7 13.95 -6.64 3.50
C GLY A 7 13.11 -5.46 3.02
N LEU A 8 13.80 -4.39 2.64
CA LEU A 8 13.13 -3.19 2.16
C LEU A 8 12.04 -3.60 1.17
N ARG A 9 12.48 -4.08 0.01
CA ARG A 9 11.55 -4.50 -1.03
C ARG A 9 10.41 -5.30 -0.42
N GLU A 10 10.75 -6.10 0.59
CA GLU A 10 9.76 -6.92 1.26
C GLU A 10 8.79 -6.05 2.05
N GLN A 11 9.34 -5.04 2.70
CA GLN A 11 8.54 -4.12 3.49
C GLN A 11 7.44 -3.50 2.63
N VAL A 12 7.86 -2.77 1.61
CA VAL A 12 6.93 -2.12 0.71
C VAL A 12 5.95 -3.16 0.17
N GLN A 13 6.51 -4.21 -0.40
CA GLN A 13 5.71 -5.28 -0.97
C GLN A 13 4.57 -5.64 -0.02
N ASP A 14 4.81 -5.40 1.27
CA ASP A 14 3.82 -5.70 2.29
C ASP A 14 2.95 -4.47 2.52
N LEU A 15 3.61 -3.32 2.59
CA LEU A 15 2.91 -2.06 2.82
C LEU A 15 1.68 -2.01 1.90
N PHE A 16 1.95 -1.83 0.62
CA PHE A 16 0.88 -1.75 -0.37
C PHE A 16 -0.09 -2.92 -0.21
N ASN A 17 0.48 -4.11 -0.08
CA ASN A 17 -0.32 -5.32 0.07
C ASN A 17 -1.29 -5.12 1.25
N LYS A 18 -0.78 -4.52 2.31
CA LYS A 18 -1.59 -4.27 3.49
C LYS A 18 -2.59 -3.16 3.20
N LYS A 19 -2.06 -1.98 2.87
CA LYS A 19 -2.90 -0.84 2.56
C LYS A 19 -4.06 -1.29 1.67
N TYR A 20 -3.73 -2.13 0.71
CA TYR A 20 -4.73 -2.64 -0.21
C TYR A 20 -5.97 -3.13 0.54
N GLY A 21 -5.74 -4.10 1.41
CA GLY A 21 -6.83 -4.66 2.20
C GLY A 21 -7.69 -3.57 2.81
N GLU A 22 -7.03 -2.53 3.28
CA GLU A 22 -7.73 -1.40 3.90
C GLU A 22 -8.63 -0.73 2.86
N ALA A 23 -8.06 -0.45 1.71
CA ALA A 23 -8.80 0.20 0.64
C ALA A 23 -9.96 -0.71 0.21
N LEU A 24 -9.87 -1.97 0.63
CA LEU A 24 -10.90 -2.93 0.29
C LEU A 24 -11.75 -3.22 1.53
N GLY A 25 -11.24 -2.77 2.67
CA GLY A 25 -11.94 -2.97 3.94
C GLY A 25 -11.48 -4.26 4.61
N ILE A 26 -11.07 -5.22 3.79
CA ILE A 26 -10.61 -6.50 4.29
C ILE A 26 -9.67 -6.26 5.47
N LYS A 27 -9.42 -7.34 6.21
CA LYS A 27 -8.54 -7.26 7.37
C LYS A 27 -7.25 -8.03 7.08
N TYR A 28 -7.41 -9.11 6.33
CA TYR A 28 -6.27 -9.94 5.97
C TYR A 28 -5.51 -9.35 4.77
N PRO A 29 -4.26 -9.84 4.60
CA PRO A 29 -3.42 -9.37 3.50
C PRO A 29 -3.88 -9.94 2.17
N VAL A 30 -4.37 -9.05 1.31
CA VAL A 30 -4.85 -9.46 0.01
C VAL A 30 -3.74 -9.21 -1.03
N GLN A 31 -3.87 -9.91 -2.16
CA GLN A 31 -2.91 -9.77 -3.23
C GLN A 31 -3.23 -8.55 -4.09
N VAL A 32 -2.19 -7.79 -4.40
CA VAL A 32 -2.35 -6.60 -5.22
C VAL A 32 -2.05 -6.94 -6.67
N PRO A 33 -3.11 -6.78 -7.52
CA PRO A 33 -2.97 -7.06 -8.94
C PRO A 33 -2.19 -5.96 -9.66
N TYR A 34 -0.88 -6.00 -9.48
CA TYR A 34 0.00 -5.02 -10.09
C TYR A 34 -0.16 -5.02 -11.62
N LYS A 35 -0.21 -6.23 -12.17
CA LYS A 35 -0.35 -6.38 -13.61
C LYS A 35 -1.56 -5.59 -14.08
N ARG A 36 -2.73 -6.00 -13.59
CA ARG A 36 -3.97 -5.34 -13.96
C ARG A 36 -3.89 -3.84 -13.63
N ILE A 37 -3.19 -3.55 -12.55
CA ILE A 37 -3.03 -2.17 -12.11
C ILE A 37 -2.10 -1.44 -13.08
N LYS A 38 -1.22 -2.21 -13.71
CA LYS A 38 -0.28 -1.64 -14.66
C LYS A 38 -1.02 -1.31 -15.95
N SER A 39 -1.70 -2.30 -16.49
CA SER A 39 -2.45 -2.13 -17.72
C SER A 39 -3.61 -1.17 -17.50
N ASN A 40 -4.25 -1.32 -16.34
CA ASN A 40 -5.38 -0.47 -15.99
C ASN A 40 -5.05 0.29 -14.70
N PRO A 41 -4.94 1.64 -14.84
CA PRO A 41 -4.63 2.48 -13.70
C PRO A 41 -5.86 2.65 -12.80
N GLY A 42 -7.03 2.52 -13.42
CA GLY A 42 -8.27 2.67 -12.70
C GLY A 42 -8.38 1.63 -11.57
N SER A 43 -7.76 0.49 -11.81
CA SER A 43 -7.78 -0.59 -10.83
C SER A 43 -7.60 -0.02 -9.42
N VAL A 44 -6.37 0.33 -9.10
CA VAL A 44 -6.06 0.89 -7.80
C VAL A 44 -5.17 2.13 -7.98
N ILE A 45 -5.68 3.25 -7.50
CA ILE A 45 -4.97 4.50 -7.60
C ILE A 45 -4.17 4.74 -6.31
N ILE A 46 -2.89 5.01 -6.48
CA ILE A 46 -2.02 5.25 -5.35
C ILE A 46 -1.61 6.73 -5.33
N GLU A 47 -1.89 7.37 -4.20
CA GLU A 47 -1.56 8.78 -4.04
C GLU A 47 -0.95 9.02 -2.66
N GLY A 48 -0.29 10.17 -2.54
CA GLY A 48 0.34 10.54 -1.28
C GLY A 48 1.82 10.15 -1.28
N LEU A 49 2.20 9.38 -2.29
CA LEU A 49 3.58 8.93 -2.41
C LEU A 49 4.51 10.15 -2.27
N PRO A 50 5.82 9.83 -2.04
CA PRO A 50 6.82 10.87 -1.88
C PRO A 50 7.16 11.51 -3.22
N PRO A 51 7.91 12.65 -3.14
CA PRO A 51 8.31 13.37 -4.34
C PRO A 51 9.45 12.64 -5.06
N GLY A 52 9.19 12.31 -6.32
CA GLY A 52 10.19 11.62 -7.12
C GLY A 52 9.88 10.13 -7.21
N ILE A 53 8.86 9.73 -6.47
CA ILE A 53 8.44 8.34 -6.45
C ILE A 53 6.99 8.23 -6.93
N PRO A 54 6.84 7.84 -8.22
CA PRO A 54 5.52 7.69 -8.80
C PRO A 54 4.82 6.43 -8.30
N PHE A 55 3.56 6.29 -8.67
CA PHE A 55 2.78 5.14 -8.27
C PHE A 55 3.06 3.95 -9.17
N ARG A 56 4.09 3.19 -8.81
CA ARG A 56 4.47 2.02 -9.59
C ARG A 56 4.94 0.89 -8.65
N LYS A 57 5.30 -0.22 -9.26
CA LYS A 57 5.76 -1.37 -8.50
C LYS A 57 7.04 -1.00 -7.74
N PRO A 58 7.19 -1.61 -6.54
CA PRO A 58 8.36 -1.35 -5.71
C PRO A 58 9.60 -2.05 -6.27
N CYS A 59 9.37 -2.89 -7.28
CA CYS A 59 10.45 -3.62 -7.90
C CYS A 59 11.21 -2.67 -8.82
N THR A 60 10.46 -1.76 -9.44
CA THR A 60 11.05 -0.79 -10.34
C THR A 60 11.75 0.31 -9.55
N PHE A 61 11.60 0.24 -8.23
CA PHE A 61 12.22 1.23 -7.35
C PHE A 61 13.47 0.65 -6.68
N GLY A 62 14.25 1.55 -6.11
CA GLY A 62 15.48 1.15 -5.43
C GLY A 62 15.34 1.31 -3.92
N SER A 63 16.21 0.60 -3.20
CA SER A 63 16.20 0.66 -1.75
C SER A 63 15.94 2.09 -1.29
N GLN A 64 16.65 3.02 -1.90
CA GLN A 64 16.50 4.43 -1.56
C GLN A 64 15.04 4.87 -1.73
N ASN A 65 14.55 4.71 -2.96
CA ASN A 65 13.18 5.09 -3.26
C ASN A 65 12.23 4.37 -2.29
N LEU A 66 12.57 3.12 -2.00
CA LEU A 66 11.76 2.32 -1.09
C LEU A 66 11.74 2.98 0.29
N GLU A 67 12.92 3.03 0.89
CA GLU A 67 13.05 3.63 2.21
C GLU A 67 12.17 4.87 2.32
N ARG A 68 12.00 5.54 1.20
CA ARG A 68 11.19 6.74 1.15
C ARG A 68 9.70 6.38 1.20
N ILE A 69 9.32 5.45 0.34
CA ILE A 69 7.94 5.01 0.27
C ILE A 69 7.46 4.66 1.68
N LEU A 70 8.08 3.63 2.25
CA LEU A 70 7.72 3.19 3.59
C LEU A 70 7.68 4.40 4.53
N ALA A 71 8.45 5.41 4.17
CA ALA A 71 8.52 6.62 4.97
C ALA A 71 7.15 7.30 4.96
N VAL A 72 6.66 7.58 3.76
CA VAL A 72 5.37 8.22 3.62
C VAL A 72 4.28 7.15 3.49
N ALA A 73 4.61 5.96 3.97
CA ALA A 73 3.68 4.85 3.92
C ALA A 73 2.30 5.32 4.38
N ASP A 74 2.31 6.34 5.22
CA ASP A 74 1.08 6.89 5.75
C ASP A 74 0.38 7.69 4.65
N LYS A 75 1.16 8.55 4.00
CA LYS A 75 0.63 9.38 2.93
C LYS A 75 -0.01 8.49 1.87
N ILE A 76 0.74 7.50 1.43
CA ILE A 76 0.26 6.57 0.42
C ILE A 76 -1.21 6.24 0.70
N LYS A 77 -2.03 6.41 -0.33
CA LYS A 77 -3.45 6.14 -0.21
C LYS A 77 -3.93 5.43 -1.47
N PHE A 78 -4.52 4.25 -1.28
CA PHE A 78 -5.03 3.47 -2.38
C PHE A 78 -6.51 3.77 -2.64
N THR A 79 -6.91 3.62 -3.89
CA THR A 79 -8.28 3.87 -4.27
C THR A 79 -8.89 2.62 -4.91
N VAL A 80 -10.07 2.26 -4.40
CA VAL A 80 -10.78 1.09 -4.90
C VAL A 80 -12.14 1.52 -5.44
N THR A 81 -12.40 1.14 -6.68
CA THR A 81 -13.66 1.47 -7.32
C THR A 81 -14.78 0.60 -6.76
N ARG A 82 -14.63 -0.71 -6.94
CA ARG A 82 -15.62 -1.65 -6.46
C ARG A 82 -16.13 -1.23 -5.08
N PRO A 83 -17.30 -1.80 -4.70
CA PRO A 83 -17.90 -1.49 -3.41
C PRO A 83 -17.15 -2.20 -2.28
N PHE A 84 -16.97 -1.47 -1.19
CA PHE A 84 -16.28 -2.02 -0.03
C PHE A 84 -17.17 -2.00 1.21
N GLN A 85 -16.75 -2.74 2.22
CA GLN A 85 -17.51 -2.81 3.46
C GLN A 85 -16.79 -2.03 4.57
N GLY A 86 -17.58 -1.58 5.53
CA GLY A 86 -17.03 -0.82 6.65
C GLY A 86 -16.04 -1.67 7.45
N LEU A 87 -15.97 -1.36 8.74
CA LEU A 87 -15.07 -2.07 9.63
C LEU A 87 -13.63 -1.69 9.32
N ILE A 88 -12.92 -1.27 10.36
CA ILE A 88 -11.53 -0.87 10.21
C ILE A 88 -10.69 -1.51 11.31
N PRO A 89 -9.46 -1.92 10.92
CA PRO A 89 -8.56 -2.56 11.87
C PRO A 89 -7.95 -1.53 12.83
N LYS A 90 -7.31 -2.05 13.87
CA LYS A 90 -6.69 -1.19 14.87
C LYS A 90 -5.22 -0.97 14.49
N PRO A 91 -4.90 0.32 14.18
CA PRO A 91 -3.55 0.67 13.79
C PRO A 91 -2.63 0.70 15.03
N ASP A 92 -1.33 0.78 14.76
CA ASP A 92 -0.34 0.81 15.82
C ASP A 92 1.05 0.96 15.22
N GLU A 93 1.67 2.10 15.49
CA GLU A 93 3.00 2.38 14.99
C GLU A 93 3.84 3.08 16.05
N SER A 94 3.34 4.23 16.50
CA SER A 94 4.03 5.00 17.51
C SER A 94 5.32 5.59 16.93
N GLY A 95 6.27 4.71 16.65
CA GLY A 95 7.54 5.13 16.09
C GLY A 95 8.60 5.28 17.19
N PRO A 96 9.85 4.87 16.85
CA PRO A 96 10.95 4.96 17.79
C PRO A 96 11.42 6.41 17.95
N SER A 97 12.10 6.65 19.06
CA SER A 97 12.60 7.98 19.34
C SER A 97 11.45 8.95 19.58
N SER A 98 10.93 9.48 18.47
CA SER A 98 9.83 10.41 18.53
C SER A 98 10.30 11.75 19.10
N GLY A 99 10.83 12.58 18.21
CA GLY A 99 11.33 13.89 18.60
C GLY A 99 11.00 14.95 17.54
N GLY A 1 -1.87 -7.00 12.07
CA GLY A 1 -0.43 -7.04 12.23
C GLY A 1 -0.01 -6.43 13.58
N SER A 2 1.21 -6.75 13.98
CA SER A 2 1.73 -6.25 15.24
C SER A 2 3.16 -5.73 15.04
N SER A 3 4.03 -6.62 14.58
CA SER A 3 5.42 -6.26 14.34
C SER A 3 6.05 -7.25 13.37
N GLY A 4 6.74 -6.70 12.37
CA GLY A 4 7.39 -7.52 11.37
C GLY A 4 8.73 -6.91 10.94
N SER A 5 9.34 -7.53 9.95
CA SER A 5 10.61 -7.05 9.44
C SER A 5 11.08 -7.93 8.28
N SER A 6 11.72 -7.29 7.31
CA SER A 6 12.21 -8.01 6.15
C SER A 6 12.87 -7.02 5.17
N GLY A 7 13.45 -7.58 4.12
CA GLY A 7 14.11 -6.76 3.11
C GLY A 7 13.24 -5.59 2.71
N LEU A 8 13.89 -4.45 2.48
CA LEU A 8 13.18 -3.25 2.09
C LEU A 8 12.13 -3.59 1.05
N ARG A 9 12.60 -3.95 -0.14
CA ARG A 9 11.72 -4.32 -1.22
C ARG A 9 10.55 -5.16 -0.71
N GLU A 10 10.87 -6.04 0.23
CA GLU A 10 9.86 -6.91 0.82
C GLU A 10 8.88 -6.09 1.66
N GLN A 11 9.44 -5.18 2.45
CA GLN A 11 8.63 -4.34 3.30
C GLN A 11 7.54 -3.64 2.47
N VAL A 12 7.99 -2.85 1.51
CA VAL A 12 7.08 -2.13 0.64
C VAL A 12 6.14 -3.12 -0.05
N GLN A 13 6.74 -4.19 -0.56
CA GLN A 13 5.98 -5.22 -1.24
C GLN A 13 4.76 -5.63 -0.41
N ASP A 14 4.92 -5.52 0.90
CA ASP A 14 3.86 -5.87 1.82
C ASP A 14 2.97 -4.65 2.06
N LEU A 15 3.61 -3.50 2.15
CA LEU A 15 2.90 -2.25 2.37
C LEU A 15 1.77 -2.13 1.35
N PHE A 16 2.16 -1.88 0.11
CA PHE A 16 1.20 -1.74 -0.97
C PHE A 16 0.12 -2.81 -0.88
N ASN A 17 0.54 -4.00 -0.48
CA ASN A 17 -0.37 -5.13 -0.36
C ASN A 17 -1.33 -4.87 0.81
N LYS A 18 -0.74 -4.62 1.97
CA LYS A 18 -1.52 -4.35 3.17
C LYS A 18 -2.45 -3.17 2.92
N LYS A 19 -1.84 -2.06 2.50
CA LYS A 19 -2.59 -0.85 2.22
C LYS A 19 -3.91 -1.22 1.51
N TYR A 20 -3.78 -2.14 0.55
CA TYR A 20 -4.95 -2.58 -0.20
C TYR A 20 -6.08 -3.00 0.75
N GLY A 21 -5.77 -3.94 1.61
CA GLY A 21 -6.75 -4.44 2.56
C GLY A 21 -7.61 -3.30 3.11
N GLU A 22 -6.97 -2.15 3.29
CA GLU A 22 -7.66 -0.99 3.80
C GLU A 22 -8.64 -0.44 2.75
N ALA A 23 -8.08 -0.13 1.59
CA ALA A 23 -8.88 0.40 0.50
C ALA A 23 -10.16 -0.41 0.37
N LEU A 24 -10.04 -1.71 0.61
CA LEU A 24 -11.18 -2.61 0.53
C LEU A 24 -11.85 -2.68 1.90
N GLY A 25 -11.06 -2.48 2.93
CA GLY A 25 -11.56 -2.53 4.30
C GLY A 25 -11.26 -3.89 4.95
N ILE A 26 -10.82 -4.82 4.12
CA ILE A 26 -10.50 -6.15 4.60
C ILE A 26 -9.68 -6.04 5.88
N LYS A 27 -9.57 -7.15 6.58
CA LYS A 27 -8.81 -7.20 7.83
C LYS A 27 -7.51 -7.96 7.60
N TYR A 28 -7.57 -8.94 6.71
CA TYR A 28 -6.41 -9.75 6.39
C TYR A 28 -5.57 -9.08 5.28
N PRO A 29 -4.30 -9.57 5.16
CA PRO A 29 -3.40 -9.04 4.15
C PRO A 29 -3.77 -9.54 2.75
N VAL A 30 -4.12 -8.60 1.89
CA VAL A 30 -4.50 -8.93 0.53
C VAL A 30 -3.39 -8.50 -0.43
N GLN A 31 -3.41 -9.10 -1.61
CA GLN A 31 -2.41 -8.79 -2.62
C GLN A 31 -2.97 -7.78 -3.62
N VAL A 32 -2.06 -6.95 -4.14
CA VAL A 32 -2.46 -5.95 -5.11
C VAL A 32 -2.37 -6.54 -6.52
N PRO A 33 -3.41 -6.24 -7.34
CA PRO A 33 -3.46 -6.74 -8.70
C PRO A 33 -2.48 -5.97 -9.60
N TYR A 34 -1.20 -6.25 -9.41
CA TYR A 34 -0.17 -5.60 -10.19
C TYR A 34 -0.42 -5.77 -11.69
N LYS A 35 -0.95 -6.93 -12.04
CA LYS A 35 -1.24 -7.24 -13.43
C LYS A 35 -2.35 -6.31 -13.93
N ARG A 36 -3.51 -6.44 -13.31
CA ARG A 36 -4.66 -5.62 -13.67
C ARG A 36 -4.30 -4.13 -13.55
N ILE A 37 -3.36 -3.85 -12.66
CA ILE A 37 -2.93 -2.48 -12.45
C ILE A 37 -2.00 -2.06 -13.59
N LYS A 38 -1.42 -3.06 -14.24
CA LYS A 38 -0.51 -2.80 -15.35
C LYS A 38 -1.32 -2.57 -16.62
N SER A 39 -2.16 -3.56 -16.94
CA SER A 39 -2.99 -3.46 -18.13
C SER A 39 -3.92 -2.26 -18.03
N ASN A 40 -4.47 -2.07 -16.83
CA ASN A 40 -5.38 -0.96 -16.60
C ASN A 40 -4.81 -0.08 -15.50
N PRO A 41 -4.44 1.17 -15.90
CA PRO A 41 -3.89 2.13 -14.95
C PRO A 41 -4.98 2.70 -14.05
N GLY A 42 -6.20 2.68 -14.56
CA GLY A 42 -7.33 3.20 -13.81
C GLY A 42 -7.92 2.12 -12.89
N SER A 43 -7.03 1.45 -12.18
CA SER A 43 -7.44 0.40 -11.27
C SER A 43 -7.37 0.90 -9.83
N VAL A 44 -6.14 1.00 -9.33
CA VAL A 44 -5.92 1.46 -7.97
C VAL A 44 -5.09 2.74 -8.00
N ILE A 45 -5.67 3.80 -7.44
CA ILE A 45 -5.00 5.09 -7.40
C ILE A 45 -4.15 5.17 -6.14
N ILE A 46 -2.88 5.52 -6.33
CA ILE A 46 -1.96 5.64 -5.21
C ILE A 46 -1.52 7.10 -5.08
N GLU A 47 -1.84 7.66 -3.92
CA GLU A 47 -1.49 9.05 -3.64
C GLU A 47 -0.89 9.17 -2.24
N GLY A 48 -0.24 10.31 -2.01
CA GLY A 48 0.38 10.56 -0.73
C GLY A 48 1.86 10.17 -0.75
N LEU A 49 2.23 9.48 -1.81
CA LEU A 49 3.61 9.03 -1.97
C LEU A 49 4.55 10.21 -1.69
N PRO A 50 5.85 9.87 -1.48
CA PRO A 50 6.87 10.88 -1.21
C PRO A 50 7.24 11.63 -2.49
N PRO A 51 8.00 12.75 -2.30
CA PRO A 51 8.42 13.56 -3.42
C PRO A 51 9.56 12.89 -4.19
N GLY A 52 9.32 12.69 -5.47
CA GLY A 52 10.31 12.05 -6.33
C GLY A 52 9.97 10.57 -6.56
N ILE A 53 8.95 10.12 -5.86
CA ILE A 53 8.50 8.74 -5.97
C ILE A 53 7.06 8.71 -6.46
N PRO A 54 6.90 8.46 -7.79
CA PRO A 54 5.57 8.40 -8.39
C PRO A 54 4.87 7.09 -8.03
N PHE A 55 3.60 7.02 -8.39
CA PHE A 55 2.81 5.84 -8.12
C PHE A 55 3.16 4.71 -9.09
N ARG A 56 4.19 3.96 -8.72
CA ARG A 56 4.64 2.85 -9.55
C ARG A 56 5.14 1.70 -8.67
N LYS A 57 5.56 0.64 -9.33
CA LYS A 57 6.07 -0.52 -8.63
C LYS A 57 7.13 -0.08 -7.61
N PRO A 58 7.10 -0.75 -6.43
CA PRO A 58 8.05 -0.44 -5.37
C PRO A 58 9.44 -0.99 -5.69
N CYS A 59 9.48 -2.28 -5.97
CA CYS A 59 10.73 -2.93 -6.29
C CYS A 59 11.40 -2.17 -7.44
N THR A 60 10.56 -1.50 -8.22
CA THR A 60 11.05 -0.73 -9.36
C THR A 60 11.84 0.49 -8.87
N PHE A 61 11.70 0.76 -7.58
CA PHE A 61 12.39 1.90 -6.98
C PHE A 61 13.58 1.42 -6.14
N GLY A 62 14.64 2.22 -6.16
CA GLY A 62 15.83 1.90 -5.41
C GLY A 62 15.55 1.89 -3.90
N SER A 63 16.45 1.25 -3.17
CA SER A 63 16.31 1.16 -1.73
C SER A 63 15.98 2.54 -1.14
N GLN A 64 16.79 3.52 -1.54
CA GLN A 64 16.60 4.88 -1.07
C GLN A 64 15.14 5.31 -1.25
N ASN A 65 14.66 5.13 -2.47
CA ASN A 65 13.30 5.49 -2.80
C ASN A 65 12.34 4.71 -1.90
N LEU A 66 12.70 3.46 -1.65
CA LEU A 66 11.88 2.60 -0.81
C LEU A 66 11.84 3.17 0.61
N GLU A 67 13.01 3.21 1.23
CA GLU A 67 13.12 3.74 2.58
C GLU A 67 12.17 4.91 2.78
N ARG A 68 11.97 5.66 1.70
CA ARG A 68 11.09 6.82 1.73
C ARG A 68 9.63 6.37 1.78
N ILE A 69 9.26 5.54 0.81
CA ILE A 69 7.91 5.04 0.72
C ILE A 69 7.45 4.58 2.11
N LEU A 70 8.10 3.53 2.59
CA LEU A 70 7.77 2.98 3.90
C LEU A 70 7.67 4.12 4.91
N ALA A 71 8.42 5.18 4.65
CA ALA A 71 8.43 6.33 5.52
C ALA A 71 7.05 7.00 5.48
N VAL A 72 6.62 7.34 4.26
CA VAL A 72 5.33 7.98 4.08
C VAL A 72 4.27 6.91 3.84
N ALA A 73 4.59 5.69 4.26
CA ALA A 73 3.67 4.57 4.09
C ALA A 73 2.28 5.00 4.55
N ASP A 74 2.25 5.95 5.48
CA ASP A 74 1.00 6.45 6.00
C ASP A 74 0.32 7.33 4.95
N LYS A 75 1.13 8.17 4.31
CA LYS A 75 0.62 9.06 3.28
C LYS A 75 0.01 8.23 2.15
N ILE A 76 0.78 7.28 1.67
CA ILE A 76 0.32 6.41 0.60
C ILE A 76 -1.13 6.03 0.84
N LYS A 77 -1.97 6.35 -0.14
CA LYS A 77 -3.39 6.05 -0.05
C LYS A 77 -3.85 5.38 -1.34
N PHE A 78 -4.43 4.20 -1.18
CA PHE A 78 -4.91 3.44 -2.32
C PHE A 78 -6.41 3.66 -2.53
N THR A 79 -6.82 3.58 -3.79
CA THR A 79 -8.22 3.78 -4.13
C THR A 79 -8.75 2.55 -4.90
N VAL A 80 -10.02 2.24 -4.64
CA VAL A 80 -10.65 1.11 -5.29
C VAL A 80 -11.97 1.56 -5.91
N THR A 81 -11.94 1.79 -7.21
CA THR A 81 -13.11 2.23 -7.94
C THR A 81 -14.35 1.47 -7.44
N ARG A 82 -14.35 0.17 -7.70
CA ARG A 82 -15.46 -0.67 -7.29
C ARG A 82 -15.75 -0.48 -5.80
N PRO A 83 -16.97 -0.94 -5.39
CA PRO A 83 -17.38 -0.81 -4.00
C PRO A 83 -16.65 -1.84 -3.12
N PHE A 84 -16.64 -3.07 -3.60
CA PHE A 84 -15.99 -4.15 -2.87
C PHE A 84 -16.37 -4.13 -1.39
N GLN A 85 -17.57 -4.61 -1.11
CA GLN A 85 -18.06 -4.64 0.26
C GLN A 85 -18.17 -3.22 0.82
N GLY A 86 -18.72 -3.14 2.02
CA GLY A 86 -18.88 -1.85 2.68
C GLY A 86 -18.50 -1.94 4.16
N LEU A 87 -17.78 -0.94 4.61
CA LEU A 87 -17.34 -0.89 6.00
C LEU A 87 -17.70 0.48 6.59
N ILE A 88 -17.94 0.47 7.89
CA ILE A 88 -18.29 1.70 8.59
C ILE A 88 -17.02 2.51 8.84
N PRO A 89 -17.17 3.86 8.69
CA PRO A 89 -16.05 4.77 8.89
C PRO A 89 -15.73 4.93 10.38
N LYS A 90 -14.75 5.76 10.65
CA LYS A 90 -14.34 6.02 12.03
C LYS A 90 -13.77 4.74 12.62
N PRO A 91 -12.49 4.45 12.25
CA PRO A 91 -11.81 3.26 12.75
C PRO A 91 -11.38 3.44 14.20
N ASP A 92 -10.74 2.41 14.73
CA ASP A 92 -10.26 2.44 16.10
C ASP A 92 -9.23 3.55 16.26
N GLU A 93 -9.08 4.01 17.49
CA GLU A 93 -8.11 5.07 17.78
C GLU A 93 -6.69 4.55 17.59
N SER A 94 -5.79 5.48 17.33
CA SER A 94 -4.38 5.14 17.13
C SER A 94 -3.55 6.41 16.99
N GLY A 95 -2.26 6.27 17.26
CA GLY A 95 -1.34 7.39 17.17
C GLY A 95 -0.01 7.07 17.84
N PRO A 96 0.96 6.61 17.02
CA PRO A 96 2.28 6.28 17.53
C PRO A 96 3.09 7.53 17.84
N SER A 97 4.28 7.31 18.37
CA SER A 97 5.16 8.41 18.71
C SER A 97 6.22 8.61 17.62
N SER A 98 6.24 9.82 17.08
CA SER A 98 7.19 10.14 16.03
C SER A 98 7.79 11.53 16.27
N GLY A 99 9.10 11.59 16.22
CA GLY A 99 9.81 12.84 16.44
C GLY A 99 11.23 12.78 15.86
N GLY A 1 -2.06 -16.21 9.41
CA GLY A 1 -1.75 -15.81 8.04
C GLY A 1 -0.68 -14.72 8.02
N SER A 2 0.24 -14.86 7.09
CA SER A 2 1.32 -13.90 6.94
C SER A 2 2.10 -13.78 8.25
N SER A 3 3.28 -14.37 8.24
CA SER A 3 4.13 -14.35 9.42
C SER A 3 5.60 -14.19 9.00
N GLY A 4 6.27 -13.27 9.67
CA GLY A 4 7.67 -13.01 9.39
C GLY A 4 7.84 -12.32 8.03
N SER A 5 8.78 -11.40 7.98
CA SER A 5 9.05 -10.66 6.75
C SER A 5 10.26 -9.75 6.95
N SER A 6 11.08 -9.68 5.90
CA SER A 6 12.27 -8.85 5.94
C SER A 6 12.70 -8.48 4.52
N GLY A 7 13.36 -7.33 4.41
CA GLY A 7 13.83 -6.86 3.12
C GLY A 7 13.01 -5.65 2.67
N LEU A 8 13.72 -4.54 2.46
CA LEU A 8 13.08 -3.32 2.01
C LEU A 8 12.01 -3.65 0.97
N ARG A 9 12.48 -4.05 -0.20
CA ARG A 9 11.58 -4.40 -1.29
C ARG A 9 10.38 -5.20 -0.75
N GLU A 10 10.68 -6.10 0.18
CA GLU A 10 9.64 -6.92 0.77
C GLU A 10 8.69 -6.06 1.60
N GLN A 11 9.28 -5.15 2.38
CA GLN A 11 8.50 -4.26 3.22
C GLN A 11 7.44 -3.53 2.38
N VAL A 12 7.93 -2.79 1.40
CA VAL A 12 7.04 -2.04 0.52
C VAL A 12 6.06 -2.99 -0.14
N GLN A 13 6.62 -4.04 -0.75
CA GLN A 13 5.80 -5.03 -1.42
C GLN A 13 4.64 -5.47 -0.54
N ASP A 14 4.88 -5.42 0.77
CA ASP A 14 3.87 -5.79 1.73
C ASP A 14 3.01 -4.58 2.09
N LEU A 15 3.67 -3.43 2.10
CA LEU A 15 2.99 -2.19 2.43
C LEU A 15 1.79 -2.00 1.49
N PHE A 16 2.10 -1.72 0.23
CA PHE A 16 1.05 -1.52 -0.76
C PHE A 16 0.04 -2.66 -0.73
N ASN A 17 0.54 -3.84 -0.38
CA ASN A 17 -0.32 -5.02 -0.31
C ASN A 17 -1.26 -4.89 0.90
N LYS A 18 -0.66 -4.76 2.07
CA LYS A 18 -1.43 -4.62 3.29
C LYS A 18 -2.40 -3.44 3.15
N LYS A 19 -1.83 -2.29 2.83
CA LYS A 19 -2.62 -1.09 2.67
C LYS A 19 -3.92 -1.44 1.94
N TYR A 20 -3.78 -2.24 0.90
CA TYR A 20 -4.93 -2.67 0.11
C TYR A 20 -6.08 -3.13 1.02
N GLY A 21 -5.77 -4.13 1.84
CA GLY A 21 -6.76 -4.67 2.76
C GLY A 21 -7.63 -3.56 3.35
N GLU A 22 -7.00 -2.41 3.58
CA GLU A 22 -7.69 -1.28 4.15
C GLU A 22 -8.56 -0.60 3.08
N ALA A 23 -7.91 -0.24 1.98
CA ALA A 23 -8.61 0.42 0.88
C ALA A 23 -9.91 -0.34 0.59
N LEU A 24 -9.85 -1.64 0.82
CA LEU A 24 -11.00 -2.50 0.58
C LEU A 24 -11.79 -2.66 1.88
N GLY A 25 -11.06 -2.59 2.99
CA GLY A 25 -11.67 -2.73 4.30
C GLY A 25 -11.40 -4.13 4.88
N ILE A 26 -10.96 -5.01 4.01
CA ILE A 26 -10.66 -6.37 4.42
C ILE A 26 -9.86 -6.35 5.72
N LYS A 27 -9.80 -7.51 6.36
CA LYS A 27 -9.07 -7.64 7.61
C LYS A 27 -7.78 -8.42 7.37
N TYR A 28 -7.86 -9.36 6.44
CA TYR A 28 -6.70 -10.18 6.10
C TYR A 28 -5.82 -9.49 5.06
N PRO A 29 -4.58 -10.01 4.94
CA PRO A 29 -3.62 -9.45 3.99
C PRO A 29 -3.98 -9.86 2.56
N VAL A 30 -4.27 -8.85 1.74
CA VAL A 30 -4.64 -9.09 0.36
C VAL A 30 -3.48 -8.63 -0.55
N GLN A 31 -3.51 -9.13 -1.78
CA GLN A 31 -2.48 -8.78 -2.74
C GLN A 31 -3.05 -7.85 -3.81
N VAL A 32 -2.30 -6.79 -4.09
CA VAL A 32 -2.71 -5.82 -5.08
C VAL A 32 -2.55 -6.42 -6.48
N PRO A 33 -3.59 -6.20 -7.33
CA PRO A 33 -3.57 -6.72 -8.69
C PRO A 33 -2.63 -5.89 -9.57
N TYR A 34 -1.34 -6.07 -9.34
CA TYR A 34 -0.33 -5.36 -10.10
C TYR A 34 -0.54 -5.56 -11.61
N LYS A 35 -0.59 -6.82 -12.00
CA LYS A 35 -0.79 -7.17 -13.40
C LYS A 35 -1.91 -6.29 -13.98
N ARG A 36 -3.12 -6.53 -13.48
CA ARG A 36 -4.27 -5.78 -13.93
C ARG A 36 -4.01 -4.27 -13.82
N ILE A 37 -3.21 -3.92 -12.83
CA ILE A 37 -2.88 -2.53 -12.60
C ILE A 37 -1.91 -2.05 -13.69
N LYS A 38 -1.22 -3.01 -14.29
CA LYS A 38 -0.27 -2.70 -15.34
C LYS A 38 -1.02 -2.49 -16.66
N SER A 39 -1.93 -3.42 -16.93
CA SER A 39 -2.72 -3.34 -18.15
C SER A 39 -3.67 -2.14 -18.09
N ASN A 40 -4.29 -1.97 -16.93
CA ASN A 40 -5.21 -0.88 -16.72
C ASN A 40 -4.70 0.01 -15.58
N PRO A 41 -4.32 1.25 -15.94
CA PRO A 41 -3.81 2.20 -14.95
C PRO A 41 -4.96 2.76 -14.11
N GLY A 42 -6.15 2.70 -14.66
CA GLY A 42 -7.33 3.20 -13.97
C GLY A 42 -7.92 2.12 -13.06
N SER A 43 -7.05 1.44 -12.36
CA SER A 43 -7.46 0.38 -11.45
C SER A 43 -7.43 0.89 -10.01
N VAL A 44 -6.21 1.03 -9.51
CA VAL A 44 -6.02 1.50 -8.14
C VAL A 44 -5.18 2.79 -8.17
N ILE A 45 -5.77 3.85 -7.64
CA ILE A 45 -5.10 5.14 -7.59
C ILE A 45 -4.28 5.24 -6.31
N ILE A 46 -3.04 5.69 -6.46
CA ILE A 46 -2.15 5.84 -5.33
C ILE A 46 -1.74 7.31 -5.19
N GLU A 47 -1.91 7.83 -3.99
CA GLU A 47 -1.55 9.21 -3.71
C GLU A 47 -0.93 9.34 -2.33
N GLY A 48 -0.24 10.45 -2.12
CA GLY A 48 0.40 10.70 -0.84
C GLY A 48 1.87 10.26 -0.87
N LEU A 49 2.22 9.55 -1.92
CA LEU A 49 3.58 9.06 -2.09
C LEU A 49 4.55 10.21 -1.82
N PRO A 50 5.84 9.83 -1.62
CA PRO A 50 6.89 10.82 -1.35
C PRO A 50 7.27 11.56 -2.63
N PRO A 51 8.06 12.66 -2.44
CA PRO A 51 8.49 13.47 -3.56
C PRO A 51 9.60 12.75 -4.34
N GLY A 52 9.35 12.55 -5.62
CA GLY A 52 10.31 11.88 -6.49
C GLY A 52 9.94 10.41 -6.70
N ILE A 53 8.90 9.99 -6.00
CA ILE A 53 8.44 8.62 -6.10
C ILE A 53 6.99 8.62 -6.60
N PRO A 54 6.83 8.31 -7.92
CA PRO A 54 5.52 8.26 -8.52
C PRO A 54 4.76 7.00 -8.10
N PHE A 55 3.51 6.93 -8.53
CA PHE A 55 2.67 5.79 -8.21
C PHE A 55 2.99 4.60 -9.12
N ARG A 56 4.02 3.85 -8.73
CA ARG A 56 4.43 2.70 -9.50
C ARG A 56 4.91 1.58 -8.58
N LYS A 57 5.32 0.48 -9.18
CA LYS A 57 5.81 -0.66 -8.42
C LYS A 57 7.13 -0.31 -7.76
N PRO A 58 7.38 -0.93 -6.58
CA PRO A 58 8.60 -0.69 -5.84
C PRO A 58 9.80 -1.38 -6.51
N CYS A 59 9.48 -2.25 -7.45
CA CYS A 59 10.51 -2.97 -8.17
C CYS A 59 11.37 -1.98 -8.93
N THR A 60 10.70 -1.03 -9.56
CA THR A 60 11.39 0.00 -10.33
C THR A 60 12.03 1.03 -9.39
N PHE A 61 11.79 0.83 -8.10
CA PHE A 61 12.32 1.73 -7.09
C PHE A 61 13.53 1.11 -6.39
N GLY A 62 14.39 1.98 -5.87
CA GLY A 62 15.58 1.53 -5.18
C GLY A 62 15.39 1.62 -3.66
N SER A 63 16.28 0.95 -2.95
CA SER A 63 16.23 0.94 -1.50
C SER A 63 15.99 2.36 -0.97
N GLN A 64 16.64 3.32 -1.62
CA GLN A 64 16.51 4.71 -1.23
C GLN A 64 15.07 5.17 -1.38
N ASN A 65 14.54 4.97 -2.58
CA ASN A 65 13.17 5.36 -2.87
C ASN A 65 12.22 4.61 -1.95
N LEU A 66 12.55 3.34 -1.73
CA LEU A 66 11.74 2.51 -0.86
C LEU A 66 11.73 3.09 0.56
N GLU A 67 12.92 3.12 1.16
CA GLU A 67 13.07 3.64 2.49
C GLU A 67 12.13 4.84 2.70
N ARG A 68 11.95 5.60 1.64
CA ARG A 68 11.09 6.77 1.68
C ARG A 68 9.61 6.34 1.72
N ILE A 69 9.23 5.54 0.74
CA ILE A 69 7.86 5.06 0.65
C ILE A 69 7.40 4.60 2.04
N LEU A 70 8.03 3.54 2.52
CA LEU A 70 7.69 2.99 3.82
C LEU A 70 7.61 4.14 4.84
N ALA A 71 8.36 5.18 4.57
CA ALA A 71 8.39 6.34 5.45
C ALA A 71 7.03 7.04 5.38
N VAL A 72 6.62 7.37 4.17
CA VAL A 72 5.35 8.04 3.96
C VAL A 72 4.26 6.99 3.73
N ALA A 73 4.54 5.78 4.16
CA ALA A 73 3.59 4.69 4.00
C ALA A 73 2.22 5.14 4.48
N ASP A 74 2.23 6.10 5.40
CA ASP A 74 0.99 6.63 5.95
C ASP A 74 0.34 7.55 4.92
N LYS A 75 1.18 8.33 4.26
CA LYS A 75 0.69 9.25 3.25
C LYS A 75 0.04 8.47 2.12
N ILE A 76 0.76 7.47 1.63
CA ILE A 76 0.27 6.64 0.55
C ILE A 76 -1.20 6.30 0.81
N LYS A 77 -2.01 6.52 -0.22
CA LYS A 77 -3.43 6.24 -0.12
C LYS A 77 -3.91 5.59 -1.42
N PHE A 78 -4.39 4.37 -1.28
CA PHE A 78 -4.89 3.63 -2.43
C PHE A 78 -6.39 3.86 -2.63
N THR A 79 -6.81 3.76 -3.89
CA THR A 79 -8.20 3.96 -4.23
C THR A 79 -8.75 2.73 -4.97
N VAL A 80 -9.86 2.23 -4.46
CA VAL A 80 -10.49 1.06 -5.06
C VAL A 80 -11.92 1.43 -5.50
N THR A 81 -12.24 1.04 -6.72
CA THR A 81 -13.55 1.33 -7.27
C THR A 81 -14.46 0.10 -7.14
N ARG A 82 -13.97 -1.02 -7.65
CA ARG A 82 -14.72 -2.26 -7.59
C ARG A 82 -16.04 -2.12 -8.35
N PRO A 83 -16.61 -3.30 -8.75
CA PRO A 83 -17.86 -3.31 -9.47
C PRO A 83 -19.05 -3.01 -8.54
N PHE A 84 -20.22 -2.86 -9.15
CA PHE A 84 -21.42 -2.57 -8.39
C PHE A 84 -22.05 -3.86 -7.88
N GLN A 85 -22.07 -3.99 -6.55
CA GLN A 85 -22.64 -5.17 -5.92
C GLN A 85 -23.55 -4.75 -4.76
N GLY A 86 -22.96 -4.02 -3.83
CA GLY A 86 -23.70 -3.55 -2.67
C GLY A 86 -23.81 -2.03 -2.66
N LEU A 87 -24.30 -1.51 -1.54
CA LEU A 87 -24.47 -0.07 -1.39
C LEU A 87 -23.18 0.63 -1.83
N ILE A 88 -23.28 1.94 -1.99
CA ILE A 88 -22.13 2.74 -2.40
C ILE A 88 -20.96 2.46 -1.46
N PRO A 89 -19.74 2.40 -2.05
CA PRO A 89 -18.54 2.14 -1.28
C PRO A 89 -18.12 3.38 -0.49
N LYS A 90 -17.37 3.15 0.56
CA LYS A 90 -16.89 4.24 1.40
C LYS A 90 -16.27 5.32 0.53
N PRO A 91 -16.72 6.59 0.75
CA PRO A 91 -16.21 7.71 -0.02
C PRO A 91 -14.80 8.09 0.45
N ASP A 92 -13.82 7.55 -0.25
CA ASP A 92 -12.43 7.83 0.08
C ASP A 92 -12.23 9.34 0.19
N GLU A 93 -11.85 9.76 1.38
CA GLU A 93 -11.63 11.18 1.63
C GLU A 93 -10.23 11.58 1.16
N SER A 94 -10.18 12.68 0.41
CA SER A 94 -8.93 13.18 -0.11
C SER A 94 -8.66 14.59 0.42
N GLY A 95 -7.95 14.64 1.54
CA GLY A 95 -7.61 15.91 2.15
C GLY A 95 -6.18 15.91 2.69
N PRO A 96 -5.93 16.81 3.67
CA PRO A 96 -4.61 16.93 4.27
C PRO A 96 -4.35 15.76 5.22
N SER A 97 -3.07 15.45 5.37
CA SER A 97 -2.66 14.36 6.25
C SER A 97 -1.16 14.45 6.54
N SER A 98 -0.84 14.51 7.83
CA SER A 98 0.54 14.61 8.26
C SER A 98 0.77 13.71 9.47
N GLY A 99 1.45 12.60 9.22
CA GLY A 99 1.74 11.65 10.28
C GLY A 99 2.88 12.15 11.17
N GLY A 1 -3.37 -11.96 13.40
CA GLY A 1 -3.17 -11.75 11.98
C GLY A 1 -1.72 -12.04 11.57
N SER A 2 -1.48 -11.95 10.27
CA SER A 2 -0.16 -12.21 9.74
C SER A 2 0.53 -10.89 9.39
N SER A 3 1.82 -10.83 9.69
CA SER A 3 2.60 -9.64 9.42
C SER A 3 4.08 -9.89 9.73
N GLY A 4 4.94 -9.23 8.97
CA GLY A 4 6.37 -9.37 9.16
C GLY A 4 7.11 -8.08 8.81
N SER A 5 8.43 -8.17 8.82
CA SER A 5 9.26 -7.01 8.50
C SER A 5 10.68 -7.45 8.21
N SER A 6 11.08 -7.27 6.96
CA SER A 6 12.43 -7.65 6.54
C SER A 6 12.59 -7.41 5.03
N GLY A 7 13.70 -6.77 4.69
CA GLY A 7 13.98 -6.47 3.30
C GLY A 7 13.10 -5.33 2.78
N LEU A 8 13.73 -4.21 2.52
CA LEU A 8 13.01 -3.04 2.03
C LEU A 8 11.97 -3.48 1.00
N ARG A 9 12.47 -3.91 -0.15
CA ARG A 9 11.60 -4.36 -1.22
C ARG A 9 10.43 -5.16 -0.65
N GLU A 10 10.76 -6.07 0.26
CA GLU A 10 9.76 -6.90 0.88
C GLU A 10 8.80 -6.05 1.72
N GLN A 11 9.40 -5.14 2.48
CA GLN A 11 8.62 -4.25 3.33
C GLN A 11 7.52 -3.57 2.51
N VAL A 12 7.95 -2.84 1.49
CA VAL A 12 7.01 -2.13 0.63
C VAL A 12 6.07 -3.14 -0.03
N GLN A 13 6.65 -4.22 -0.50
CA GLN A 13 5.87 -5.27 -1.14
C GLN A 13 4.71 -5.71 -0.24
N ASP A 14 4.91 -5.50 1.05
CA ASP A 14 3.90 -5.88 2.03
C ASP A 14 3.01 -4.66 2.32
N LEU A 15 3.66 -3.51 2.44
CA LEU A 15 2.94 -2.27 2.71
C LEU A 15 1.73 -2.17 1.78
N PHE A 16 2.03 -1.92 0.51
CA PHE A 16 0.98 -1.80 -0.48
C PHE A 16 -0.05 -2.92 -0.34
N ASN A 17 0.46 -4.14 -0.24
CA ASN A 17 -0.40 -5.30 -0.10
C ASN A 17 -1.30 -5.13 1.12
N LYS A 18 -0.72 -4.54 2.16
CA LYS A 18 -1.46 -4.30 3.39
C LYS A 18 -2.43 -3.13 3.19
N LYS A 19 -1.86 -1.97 2.91
CA LYS A 19 -2.66 -0.77 2.68
C LYS A 19 -3.86 -1.13 1.80
N TYR A 20 -3.58 -1.94 0.79
CA TYR A 20 -4.62 -2.36 -0.14
C TYR A 20 -5.83 -2.91 0.62
N GLY A 21 -5.60 -3.99 1.34
CA GLY A 21 -6.66 -4.62 2.12
C GLY A 21 -7.60 -3.58 2.71
N GLU A 22 -7.00 -2.50 3.20
CA GLU A 22 -7.76 -1.42 3.81
C GLU A 22 -8.65 -0.75 2.75
N ALA A 23 -8.03 -0.34 1.67
CA ALA A 23 -8.74 0.31 0.58
C ALA A 23 -10.03 -0.47 0.29
N LEU A 24 -9.99 -1.75 0.60
CA LEU A 24 -11.13 -2.62 0.37
C LEU A 24 -11.88 -2.81 1.68
N GLY A 25 -11.14 -2.76 2.78
CA GLY A 25 -11.72 -2.92 4.09
C GLY A 25 -11.33 -4.28 4.70
N ILE A 26 -10.95 -5.19 3.83
CA ILE A 26 -10.55 -6.52 4.26
C ILE A 26 -9.61 -6.40 5.47
N LYS A 27 -9.41 -7.52 6.14
CA LYS A 27 -8.56 -7.55 7.31
C LYS A 27 -7.28 -8.33 6.98
N TYR A 28 -7.45 -9.36 6.17
CA TYR A 28 -6.33 -10.19 5.77
C TYR A 28 -5.53 -9.53 4.63
N PRO A 29 -4.30 -10.04 4.43
CA PRO A 29 -3.43 -9.51 3.38
C PRO A 29 -3.90 -9.97 1.99
N VAL A 30 -4.34 -9.02 1.20
CA VAL A 30 -4.81 -9.31 -0.14
C VAL A 30 -3.69 -9.01 -1.15
N GLN A 31 -3.81 -9.64 -2.31
CA GLN A 31 -2.83 -9.45 -3.36
C GLN A 31 -3.32 -8.39 -4.37
N VAL A 32 -2.66 -7.24 -4.34
CA VAL A 32 -3.01 -6.16 -5.23
C VAL A 32 -2.96 -6.65 -6.67
N PRO A 33 -3.95 -6.19 -7.48
CA PRO A 33 -4.03 -6.57 -8.88
C PRO A 33 -2.97 -5.84 -9.71
N TYR A 34 -1.72 -6.23 -9.47
CA TYR A 34 -0.60 -5.62 -10.19
C TYR A 34 -0.80 -5.72 -11.70
N LYS A 35 -0.99 -6.95 -12.16
CA LYS A 35 -1.20 -7.19 -13.59
C LYS A 35 -2.25 -6.22 -14.11
N ARG A 36 -3.46 -6.37 -13.62
CA ARG A 36 -4.56 -5.50 -14.03
C ARG A 36 -4.17 -4.04 -13.86
N ILE A 37 -3.31 -3.79 -12.88
CA ILE A 37 -2.85 -2.44 -12.60
C ILE A 37 -1.89 -2.00 -13.71
N LYS A 38 -1.32 -2.98 -14.38
CA LYS A 38 -0.37 -2.71 -15.45
C LYS A 38 -1.14 -2.49 -16.75
N SER A 39 -1.99 -3.46 -17.07
CA SER A 39 -2.79 -3.38 -18.29
C SER A 39 -3.74 -2.18 -18.21
N ASN A 40 -4.36 -2.04 -17.04
CA ASN A 40 -5.30 -0.95 -16.83
C ASN A 40 -4.81 -0.08 -15.66
N PRO A 41 -4.43 1.18 -16.01
CA PRO A 41 -3.94 2.12 -15.01
C PRO A 41 -5.09 2.65 -14.15
N GLY A 42 -6.30 2.44 -14.64
CA GLY A 42 -7.48 2.90 -13.93
C GLY A 42 -8.02 1.81 -13.01
N SER A 43 -7.12 1.26 -12.20
CA SER A 43 -7.48 0.22 -11.26
C SER A 43 -7.42 0.75 -9.83
N VAL A 44 -6.20 0.86 -9.33
CA VAL A 44 -5.98 1.36 -7.98
C VAL A 44 -5.10 2.60 -8.03
N ILE A 45 -5.66 3.70 -7.53
CA ILE A 45 -4.94 4.96 -7.52
C ILE A 45 -4.16 5.08 -6.21
N ILE A 46 -2.90 5.49 -6.34
CA ILE A 46 -2.05 5.64 -5.18
C ILE A 46 -1.64 7.10 -5.05
N GLU A 47 -1.87 7.65 -3.85
CA GLU A 47 -1.54 9.04 -3.59
C GLU A 47 -0.91 9.17 -2.20
N GLY A 48 -0.30 10.33 -1.97
CA GLY A 48 0.35 10.60 -0.70
C GLY A 48 1.82 10.21 -0.74
N LEU A 49 2.19 9.50 -1.80
CA LEU A 49 3.56 9.07 -1.98
C LEU A 49 4.50 10.25 -1.75
N PRO A 50 5.81 9.92 -1.55
CA PRO A 50 6.82 10.95 -1.31
C PRO A 50 7.17 11.67 -2.61
N PRO A 51 7.92 12.79 -2.46
CA PRO A 51 8.33 13.59 -3.61
C PRO A 51 9.46 12.90 -4.37
N GLY A 52 9.20 12.67 -5.65
CA GLY A 52 10.19 12.02 -6.51
C GLY A 52 9.84 10.54 -6.70
N ILE A 53 8.83 10.09 -5.97
CA ILE A 53 8.41 8.71 -6.05
C ILE A 53 6.96 8.66 -6.53
N PRO A 54 6.78 8.39 -7.85
CA PRO A 54 5.47 8.31 -8.44
C PRO A 54 4.77 7.00 -8.05
N PHE A 55 3.48 6.93 -8.38
CA PHE A 55 2.70 5.75 -8.08
C PHE A 55 3.01 4.61 -9.05
N ARG A 56 4.04 3.85 -8.71
CA ARG A 56 4.46 2.73 -9.54
C ARG A 56 4.99 1.59 -8.67
N LYS A 57 5.39 0.53 -9.34
CA LYS A 57 5.92 -0.63 -8.65
C LYS A 57 7.02 -0.20 -7.67
N PRO A 58 7.02 -0.84 -6.48
CA PRO A 58 8.00 -0.52 -5.46
C PRO A 58 9.37 -1.09 -5.82
N CYS A 59 9.38 -2.39 -6.08
CA CYS A 59 10.62 -3.07 -6.43
C CYS A 59 11.26 -2.32 -7.60
N THR A 60 10.41 -1.65 -8.36
CA THR A 60 10.87 -0.90 -9.51
C THR A 60 11.69 0.32 -9.07
N PHE A 61 11.69 0.53 -7.76
CA PHE A 61 12.42 1.65 -7.19
C PHE A 61 13.60 1.16 -6.33
N GLY A 62 14.61 2.00 -6.24
CA GLY A 62 15.80 1.67 -5.46
C GLY A 62 15.49 1.68 -3.96
N SER A 63 16.40 1.08 -3.20
CA SER A 63 16.23 1.01 -1.75
C SER A 63 15.91 2.41 -1.21
N GLN A 64 16.67 3.38 -1.67
CA GLN A 64 16.49 4.75 -1.23
C GLN A 64 15.03 5.18 -1.42
N ASN A 65 14.55 5.03 -2.64
CA ASN A 65 13.18 5.39 -2.97
C ASN A 65 12.24 4.63 -2.05
N LEU A 66 12.59 3.38 -1.77
CA LEU A 66 11.78 2.54 -0.91
C LEU A 66 11.76 3.14 0.50
N GLU A 67 12.94 3.17 1.11
CA GLU A 67 13.07 3.71 2.46
C GLU A 67 12.15 4.91 2.63
N ARG A 68 11.95 5.63 1.55
CA ARG A 68 11.09 6.81 1.57
C ARG A 68 9.62 6.40 1.64
N ILE A 69 9.24 5.53 0.71
CA ILE A 69 7.87 5.05 0.65
C ILE A 69 7.43 4.59 2.05
N LEU A 70 8.11 3.57 2.54
CA LEU A 70 7.81 3.03 3.85
C LEU A 70 7.76 4.18 4.87
N ALA A 71 8.45 5.26 4.53
CA ALA A 71 8.48 6.43 5.40
C ALA A 71 7.11 7.10 5.39
N VAL A 72 6.66 7.45 4.19
CA VAL A 72 5.37 8.10 4.03
C VAL A 72 4.29 7.04 3.83
N ALA A 73 4.63 5.81 4.22
CA ALA A 73 3.70 4.70 4.08
C ALA A 73 2.33 5.13 4.60
N ASP A 74 2.35 6.09 5.52
CA ASP A 74 1.11 6.59 6.09
C ASP A 74 0.37 7.43 5.05
N LYS A 75 1.12 8.29 4.37
CA LYS A 75 0.55 9.14 3.34
C LYS A 75 -0.03 8.27 2.23
N ILE A 76 0.81 7.35 1.75
CA ILE A 76 0.39 6.46 0.68
C ILE A 76 -1.06 6.02 0.92
N LYS A 77 -1.91 6.41 -0.02
CA LYS A 77 -3.32 6.07 0.07
C LYS A 77 -3.77 5.44 -1.25
N PHE A 78 -4.40 4.28 -1.13
CA PHE A 78 -4.89 3.57 -2.30
C PHE A 78 -6.38 3.84 -2.53
N THR A 79 -6.78 3.78 -3.78
CA THR A 79 -8.16 4.01 -4.14
C THR A 79 -8.73 2.81 -4.89
N VAL A 80 -9.93 2.39 -4.49
CA VAL A 80 -10.58 1.26 -5.11
C VAL A 80 -11.96 1.69 -5.61
N THR A 81 -12.04 1.94 -6.91
CA THR A 81 -13.30 2.35 -7.52
C THR A 81 -14.47 1.59 -6.90
N ARG A 82 -14.32 0.27 -6.87
CA ARG A 82 -15.36 -0.60 -6.33
C ARG A 82 -15.78 -0.09 -4.94
N PRO A 83 -16.99 -0.53 -4.52
CA PRO A 83 -17.52 -0.13 -3.22
C PRO A 83 -16.81 -0.89 -2.09
N PHE A 84 -16.40 -0.13 -1.08
CA PHE A 84 -15.72 -0.70 0.06
C PHE A 84 -16.21 -0.08 1.37
N GLN A 85 -16.19 -0.90 2.41
CA GLN A 85 -16.63 -0.45 3.72
C GLN A 85 -15.65 0.60 4.28
N GLY A 86 -14.52 0.11 4.76
CA GLY A 86 -13.51 0.99 5.31
C GLY A 86 -12.84 0.35 6.54
N LEU A 87 -11.86 1.06 7.09
CA LEU A 87 -11.14 0.57 8.24
C LEU A 87 -11.38 1.52 9.42
N ILE A 88 -12.24 1.08 10.33
CA ILE A 88 -12.56 1.89 11.50
C ILE A 88 -11.35 1.92 12.43
N PRO A 89 -11.11 3.12 13.04
CA PRO A 89 -10.00 3.29 13.94
C PRO A 89 -10.29 2.64 15.30
N LYS A 90 -9.35 2.79 16.22
CA LYS A 90 -9.49 2.24 17.55
C LYS A 90 -8.24 2.56 18.37
N PRO A 91 -7.08 2.10 17.84
CA PRO A 91 -5.81 2.34 18.52
C PRO A 91 -5.37 3.79 18.36
N ASP A 92 -6.24 4.70 18.76
CA ASP A 92 -5.95 6.12 18.66
C ASP A 92 -5.79 6.50 17.19
N GLU A 93 -6.41 7.62 16.83
CA GLU A 93 -6.34 8.10 15.47
C GLU A 93 -6.98 9.50 15.36
N SER A 94 -6.21 10.42 14.80
CA SER A 94 -6.67 11.78 14.64
C SER A 94 -6.20 12.34 13.29
N GLY A 95 -7.11 12.34 12.33
CA GLY A 95 -6.80 12.84 11.01
C GLY A 95 -7.24 14.30 10.86
N PRO A 96 -7.63 14.65 9.60
CA PRO A 96 -8.08 16.00 9.31
C PRO A 96 -9.49 16.24 9.86
N SER A 97 -9.54 16.68 11.11
CA SER A 97 -10.81 16.95 11.76
C SER A 97 -11.63 15.67 11.86
N SER A 98 -11.25 14.84 12.82
CA SER A 98 -11.94 13.58 13.04
C SER A 98 -11.98 13.25 14.54
N GLY A 99 -13.10 13.57 15.15
CA GLY A 99 -13.28 13.32 16.57
C GLY A 99 -14.08 12.04 16.81
N GLY A 1 -2.41 -9.33 10.43
CA GLY A 1 -1.60 -9.54 9.23
C GLY A 1 -0.11 -9.44 9.55
N SER A 2 0.70 -9.67 8.53
CA SER A 2 2.14 -9.60 8.69
C SER A 2 2.63 -8.19 8.38
N SER A 3 3.89 -7.94 8.74
CA SER A 3 4.48 -6.64 8.50
C SER A 3 5.61 -6.76 7.48
N GLY A 4 6.60 -7.57 7.82
CA GLY A 4 7.73 -7.78 6.93
C GLY A 4 9.02 -7.98 7.74
N SER A 5 9.85 -8.89 7.25
CA SER A 5 11.11 -9.18 7.92
C SER A 5 12.27 -8.99 6.94
N SER A 6 12.90 -7.83 7.04
CA SER A 6 14.02 -7.51 6.18
C SER A 6 13.57 -7.50 4.71
N GLY A 7 14.42 -6.94 3.87
CA GLY A 7 14.12 -6.86 2.45
C GLY A 7 13.23 -5.66 2.14
N LEU A 8 13.88 -4.52 1.90
CA LEU A 8 13.15 -3.30 1.60
C LEU A 8 12.01 -3.62 0.64
N ARG A 9 12.39 -3.91 -0.60
CA ARG A 9 11.40 -4.22 -1.63
C ARG A 9 10.27 -5.08 -1.03
N GLU A 10 10.67 -6.09 -0.28
CA GLU A 10 9.71 -6.98 0.35
C GLU A 10 8.76 -6.18 1.25
N GLN A 11 9.34 -5.31 2.06
CA GLN A 11 8.56 -4.49 2.96
C GLN A 11 7.48 -3.72 2.19
N VAL A 12 7.96 -2.91 1.25
CA VAL A 12 7.05 -2.12 0.43
C VAL A 12 6.05 -3.04 -0.26
N GLN A 13 6.58 -4.01 -0.98
CA GLN A 13 5.74 -4.96 -1.69
C GLN A 13 4.59 -5.41 -0.80
N ASP A 14 4.91 -5.60 0.47
CA ASP A 14 3.91 -6.03 1.43
C ASP A 14 3.05 -4.83 1.85
N LEU A 15 3.70 -3.68 1.95
CA LEU A 15 3.02 -2.47 2.33
C LEU A 15 1.83 -2.24 1.41
N PHE A 16 2.15 -1.86 0.17
CA PHE A 16 1.11 -1.61 -0.81
C PHE A 16 0.01 -2.66 -0.74
N ASN A 17 0.42 -3.89 -0.42
CA ASN A 17 -0.53 -4.98 -0.32
C ASN A 17 -1.36 -4.82 0.95
N LYS A 18 -0.65 -4.80 2.08
CA LYS A 18 -1.31 -4.65 3.37
C LYS A 18 -2.24 -3.43 3.32
N LYS A 19 -1.64 -2.29 3.03
CA LYS A 19 -2.40 -1.05 2.94
C LYS A 19 -3.73 -1.31 2.23
N TYR A 20 -3.63 -1.98 1.09
CA TYR A 20 -4.81 -2.29 0.30
C TYR A 20 -5.97 -2.70 1.20
N GLY A 21 -5.71 -3.70 2.04
CA GLY A 21 -6.73 -4.18 2.96
C GLY A 21 -7.57 -3.02 3.51
N GLU A 22 -6.93 -1.89 3.67
CA GLU A 22 -7.60 -0.70 4.18
C GLU A 22 -8.52 -0.11 3.11
N ALA A 23 -7.93 0.15 1.95
CA ALA A 23 -8.67 0.72 0.84
C ALA A 23 -9.99 -0.04 0.69
N LEU A 24 -9.88 -1.36 0.66
CA LEU A 24 -11.05 -2.22 0.51
C LEU A 24 -11.77 -2.32 1.85
N GLY A 25 -11.02 -2.11 2.92
CA GLY A 25 -11.56 -2.17 4.26
C GLY A 25 -11.36 -3.57 4.87
N ILE A 26 -10.97 -4.50 4.01
CA ILE A 26 -10.75 -5.87 4.45
C ILE A 26 -9.97 -5.86 5.75
N LYS A 27 -9.95 -7.01 6.41
CA LYS A 27 -9.25 -7.15 7.67
C LYS A 27 -7.95 -7.94 7.45
N TYR A 28 -8.04 -8.90 6.54
CA TYR A 28 -6.89 -9.73 6.22
C TYR A 28 -5.99 -9.05 5.19
N PRO A 29 -4.74 -9.57 5.09
CA PRO A 29 -3.78 -9.03 4.15
C PRO A 29 -4.11 -9.44 2.71
N VAL A 30 -4.45 -8.45 1.91
CA VAL A 30 -4.78 -8.70 0.52
C VAL A 30 -3.60 -8.32 -0.37
N GLN A 31 -3.62 -8.87 -1.58
CA GLN A 31 -2.54 -8.60 -2.53
C GLN A 31 -3.05 -7.67 -3.63
N VAL A 32 -2.26 -6.63 -3.89
CA VAL A 32 -2.61 -5.66 -4.91
C VAL A 32 -2.44 -6.31 -6.29
N PRO A 33 -3.46 -6.07 -7.15
CA PRO A 33 -3.44 -6.62 -8.50
C PRO A 33 -2.47 -5.83 -9.39
N TYR A 34 -1.19 -6.05 -9.14
CA TYR A 34 -0.16 -5.37 -9.91
C TYR A 34 -0.35 -5.62 -11.42
N LYS A 35 -0.54 -6.89 -11.75
CA LYS A 35 -0.73 -7.27 -13.14
C LYS A 35 -1.82 -6.41 -13.76
N ARG A 36 -3.02 -6.54 -13.21
CA ARG A 36 -4.17 -5.78 -13.70
C ARG A 36 -3.86 -4.28 -13.66
N ILE A 37 -3.02 -3.91 -12.70
CA ILE A 37 -2.64 -2.52 -12.53
C ILE A 37 -1.68 -2.12 -13.65
N LYS A 38 -0.96 -3.12 -14.16
CA LYS A 38 -0.01 -2.89 -15.22
C LYS A 38 -0.76 -2.75 -16.55
N SER A 39 -1.68 -3.67 -16.77
CA SER A 39 -2.47 -3.66 -17.99
C SER A 39 -3.44 -2.47 -17.98
N ASN A 40 -4.05 -2.25 -16.82
CA ASN A 40 -4.99 -1.16 -16.66
C ASN A 40 -4.49 -0.22 -15.57
N PRO A 41 -4.13 1.02 -15.99
CA PRO A 41 -3.64 2.02 -15.06
C PRO A 41 -4.78 2.60 -14.23
N GLY A 42 -5.96 2.62 -14.83
CA GLY A 42 -7.14 3.15 -14.16
C GLY A 42 -7.79 2.09 -13.27
N SER A 43 -6.95 1.45 -12.47
CA SER A 43 -7.41 0.41 -11.57
C SER A 43 -7.37 0.92 -10.12
N VAL A 44 -6.15 1.03 -9.61
CA VAL A 44 -5.95 1.50 -8.25
C VAL A 44 -5.14 2.79 -8.27
N ILE A 45 -5.68 3.82 -7.62
CA ILE A 45 -5.02 5.10 -7.56
C ILE A 45 -4.24 5.20 -6.25
N ILE A 46 -2.98 5.60 -6.37
CA ILE A 46 -2.12 5.74 -5.21
C ILE A 46 -1.76 7.22 -5.02
N GLU A 47 -1.95 7.69 -3.80
CA GLU A 47 -1.65 9.08 -3.48
C GLU A 47 -1.01 9.18 -2.09
N GLY A 48 -0.43 10.33 -1.83
CA GLY A 48 0.22 10.57 -0.56
C GLY A 48 1.70 10.19 -0.61
N LEU A 49 2.08 9.53 -1.70
CA LEU A 49 3.45 9.12 -1.89
C LEU A 49 4.38 10.30 -1.62
N PRO A 50 5.69 9.97 -1.42
CA PRO A 50 6.69 10.98 -1.16
C PRO A 50 7.04 11.76 -2.43
N PRO A 51 7.80 12.87 -2.24
CA PRO A 51 8.21 13.70 -3.36
C PRO A 51 9.33 13.02 -4.16
N GLY A 52 9.06 12.81 -5.43
CA GLY A 52 10.03 12.19 -6.32
C GLY A 52 9.70 10.70 -6.53
N ILE A 53 8.68 10.25 -5.81
CA ILE A 53 8.26 8.87 -5.91
C ILE A 53 6.79 8.83 -6.38
N PRO A 54 6.62 8.59 -7.71
CA PRO A 54 5.29 8.52 -8.28
C PRO A 54 4.60 7.20 -7.92
N PHE A 55 3.35 7.10 -8.33
CA PHE A 55 2.56 5.89 -8.05
C PHE A 55 2.93 4.76 -9.01
N ARG A 56 3.97 4.03 -8.65
CA ARG A 56 4.43 2.92 -9.46
C ARG A 56 4.91 1.78 -8.58
N LYS A 57 5.31 0.70 -9.23
CA LYS A 57 5.79 -0.47 -8.52
C LYS A 57 7.08 -0.13 -7.77
N PRO A 58 7.30 -0.84 -6.64
CA PRO A 58 8.49 -0.61 -5.83
C PRO A 58 9.72 -1.22 -6.48
N CYS A 59 9.46 -2.10 -7.44
CA CYS A 59 10.55 -2.77 -8.15
C CYS A 59 11.30 -1.72 -8.97
N THR A 60 10.54 -0.80 -9.55
CA THR A 60 11.13 0.26 -10.35
C THR A 60 11.84 1.28 -9.45
N PHE A 61 11.65 1.11 -8.15
CA PHE A 61 12.26 2.00 -7.18
C PHE A 61 13.47 1.35 -6.53
N GLY A 62 14.29 2.19 -5.90
CA GLY A 62 15.49 1.71 -5.23
C GLY A 62 15.33 1.77 -3.71
N SER A 63 16.24 1.10 -3.02
CA SER A 63 16.20 1.07 -1.57
C SER A 63 15.91 2.47 -1.03
N GLN A 64 16.62 3.44 -1.57
CA GLN A 64 16.44 4.83 -1.14
C GLN A 64 14.96 5.21 -1.22
N ASN A 65 14.43 5.20 -2.43
CA ASN A 65 13.04 5.54 -2.65
C ASN A 65 12.17 4.75 -1.66
N LEU A 66 12.33 3.44 -1.71
CA LEU A 66 11.57 2.55 -0.84
C LEU A 66 11.59 3.11 0.59
N GLU A 67 12.78 3.20 1.14
CA GLU A 67 12.96 3.71 2.49
C GLU A 67 11.97 4.85 2.75
N ARG A 68 11.71 5.62 1.71
CA ARG A 68 10.80 6.74 1.80
C ARG A 68 9.35 6.25 1.80
N ILE A 69 9.04 5.46 0.78
CA ILE A 69 7.69 4.91 0.65
C ILE A 69 7.21 4.42 2.01
N LEU A 70 7.92 3.43 2.53
CA LEU A 70 7.57 2.86 3.82
C LEU A 70 7.47 3.98 4.86
N ALA A 71 8.19 5.05 4.60
CA ALA A 71 8.18 6.20 5.50
C ALA A 71 6.80 6.85 5.46
N VAL A 72 6.38 7.21 4.25
CA VAL A 72 5.08 7.84 4.06
C VAL A 72 4.02 6.77 3.89
N ALA A 73 4.38 5.55 4.26
CA ALA A 73 3.46 4.42 4.14
C ALA A 73 2.08 4.85 4.65
N ASP A 74 2.09 5.82 5.55
CA ASP A 74 0.85 6.32 6.12
C ASP A 74 0.12 7.16 5.07
N LYS A 75 0.85 8.07 4.46
CA LYS A 75 0.28 8.93 3.43
C LYS A 75 -0.23 8.07 2.28
N ILE A 76 0.66 7.22 1.77
CA ILE A 76 0.31 6.35 0.66
C ILE A 76 -1.12 5.84 0.85
N LYS A 77 -2.01 6.32 0.00
CA LYS A 77 -3.40 5.93 0.06
C LYS A 77 -3.82 5.35 -1.30
N PHE A 78 -4.43 4.18 -1.23
CA PHE A 78 -4.90 3.52 -2.44
C PHE A 78 -6.39 3.75 -2.67
N THR A 79 -6.77 3.73 -3.94
CA THR A 79 -8.16 3.95 -4.30
C THR A 79 -8.70 2.74 -5.09
N VAL A 80 -9.82 2.21 -4.60
CA VAL A 80 -10.43 1.07 -5.25
C VAL A 80 -11.80 1.48 -5.80
N THR A 81 -11.90 1.50 -7.12
CA THR A 81 -13.13 1.87 -7.77
C THR A 81 -14.22 0.82 -7.50
N ARG A 82 -13.88 -0.42 -7.79
CA ARG A 82 -14.82 -1.52 -7.58
C ARG A 82 -15.50 -1.39 -6.23
N PRO A 83 -16.69 -2.02 -6.12
CA PRO A 83 -17.46 -1.97 -4.88
C PRO A 83 -16.84 -2.89 -3.82
N PHE A 84 -16.96 -2.46 -2.57
CA PHE A 84 -16.41 -3.23 -1.47
C PHE A 84 -17.29 -3.09 -0.22
N GLN A 85 -16.88 -3.78 0.83
CA GLN A 85 -17.62 -3.75 2.08
C GLN A 85 -16.66 -3.62 3.26
N GLY A 86 -17.09 -2.86 4.25
CA GLY A 86 -16.29 -2.65 5.44
C GLY A 86 -17.13 -2.08 6.59
N LEU A 87 -17.10 -2.78 7.71
CA LEU A 87 -17.85 -2.36 8.89
C LEU A 87 -16.88 -1.84 9.95
N ILE A 88 -17.24 -0.69 10.52
CA ILE A 88 -16.42 -0.09 11.55
C ILE A 88 -15.10 0.39 10.93
N PRO A 89 -14.63 1.56 11.41
CA PRO A 89 -13.38 2.13 10.91
C PRO A 89 -12.17 1.38 11.48
N LYS A 90 -11.02 1.70 10.92
CA LYS A 90 -9.78 1.06 11.36
C LYS A 90 -8.65 2.10 11.34
N PRO A 91 -8.75 3.07 12.28
CA PRO A 91 -7.74 4.11 12.38
C PRO A 91 -6.45 3.58 13.02
N ASP A 92 -5.34 3.90 12.38
CA ASP A 92 -4.04 3.46 12.87
C ASP A 92 -3.37 4.60 13.63
N GLU A 93 -2.38 4.25 14.43
CA GLU A 93 -1.65 5.22 15.21
C GLU A 93 -0.15 4.97 15.13
N SER A 94 0.25 3.80 15.61
CA SER A 94 1.65 3.42 15.59
C SER A 94 1.81 2.00 16.14
N GLY A 95 2.76 1.28 15.55
CA GLY A 95 3.02 -0.08 15.97
C GLY A 95 3.97 -0.11 17.18
N PRO A 96 4.74 -1.23 17.29
CA PRO A 96 5.68 -1.38 18.39
C PRO A 96 6.92 -0.51 18.17
N SER A 97 7.03 0.50 19.02
CA SER A 97 8.16 1.41 18.94
C SER A 97 8.24 2.27 20.21
N SER A 98 9.37 2.94 20.36
CA SER A 98 9.57 3.79 21.52
C SER A 98 9.53 2.96 22.80
N GLY A 99 10.70 2.80 23.40
CA GLY A 99 10.81 2.04 24.63
C GLY A 99 12.26 2.02 25.14
N GLY A 1 0.03 -14.92 12.08
CA GLY A 1 -0.06 -13.88 11.07
C GLY A 1 0.99 -12.79 11.31
N SER A 2 2.10 -12.93 10.60
CA SER A 2 3.19 -11.97 10.72
C SER A 2 3.33 -11.18 9.42
N SER A 3 3.76 -9.93 9.58
CA SER A 3 3.94 -9.06 8.43
C SER A 3 5.28 -8.32 8.55
N GLY A 4 5.96 -8.19 7.42
CA GLY A 4 7.24 -7.51 7.39
C GLY A 4 8.33 -8.36 8.04
N SER A 5 9.05 -9.09 7.18
CA SER A 5 10.12 -9.94 7.66
C SER A 5 11.48 -9.26 7.43
N SER A 6 11.72 -8.90 6.19
CA SER A 6 12.96 -8.23 5.83
C SER A 6 13.02 -8.02 4.32
N GLY A 7 13.73 -6.96 3.93
CA GLY A 7 13.87 -6.63 2.53
C GLY A 7 13.00 -5.44 2.15
N LEU A 8 13.65 -4.30 1.97
CA LEU A 8 12.94 -3.08 1.61
C LEU A 8 11.84 -3.41 0.59
N ARG A 9 12.27 -3.78 -0.60
CA ARG A 9 11.34 -4.12 -1.66
C ARG A 9 10.20 -4.97 -1.10
N GLU A 10 10.56 -5.91 -0.25
CA GLU A 10 9.57 -6.79 0.36
C GLU A 10 8.65 -5.99 1.27
N GLN A 11 9.25 -5.11 2.06
CA GLN A 11 8.49 -4.28 2.98
C GLN A 11 7.40 -3.52 2.22
N VAL A 12 7.82 -2.84 1.16
CA VAL A 12 6.89 -2.08 0.35
C VAL A 12 5.92 -3.03 -0.35
N GLN A 13 6.49 -3.99 -1.05
CA GLN A 13 5.69 -4.96 -1.78
C GLN A 13 4.55 -5.48 -0.89
N ASP A 14 4.78 -5.40 0.41
CA ASP A 14 3.79 -5.85 1.37
C ASP A 14 2.94 -4.67 1.81
N LEU A 15 3.58 -3.53 1.95
CA LEU A 15 2.90 -2.32 2.36
C LEU A 15 1.67 -2.11 1.48
N PHE A 16 1.91 -1.75 0.23
CA PHE A 16 0.83 -1.52 -0.72
C PHE A 16 -0.18 -2.67 -0.67
N ASN A 17 0.33 -3.87 -0.50
CA ASN A 17 -0.51 -5.05 -0.45
C ASN A 17 -1.40 -4.97 0.79
N LYS A 18 -0.76 -4.86 1.94
CA LYS A 18 -1.48 -4.77 3.20
C LYS A 18 -2.49 -3.62 3.12
N LYS A 19 -1.97 -2.45 2.82
CA LYS A 19 -2.81 -1.26 2.72
C LYS A 19 -4.10 -1.62 1.99
N TYR A 20 -3.95 -2.34 0.89
CA TYR A 20 -5.09 -2.75 0.10
C TYR A 20 -6.26 -3.15 0.99
N GLY A 21 -5.99 -4.09 1.89
CA GLY A 21 -7.01 -4.58 2.81
C GLY A 21 -7.86 -3.41 3.33
N GLU A 22 -7.18 -2.33 3.66
CA GLU A 22 -7.86 -1.15 4.18
C GLU A 22 -8.65 -0.46 3.06
N ALA A 23 -7.94 -0.15 1.98
CA ALA A 23 -8.55 0.50 0.84
C ALA A 23 -9.86 -0.20 0.49
N LEU A 24 -9.91 -1.48 0.85
CA LEU A 24 -11.09 -2.29 0.58
C LEU A 24 -11.93 -2.40 1.85
N GLY A 25 -11.23 -2.34 2.99
CA GLY A 25 -11.90 -2.44 4.28
C GLY A 25 -11.66 -3.81 4.92
N ILE A 26 -11.17 -4.73 4.10
CA ILE A 26 -10.89 -6.07 4.57
C ILE A 26 -10.10 -6.00 5.88
N LYS A 27 -10.05 -7.13 6.57
CA LYS A 27 -9.35 -7.20 7.84
C LYS A 27 -8.06 -8.00 7.65
N TYR A 28 -8.12 -8.95 6.73
CA TYR A 28 -6.97 -9.79 6.44
C TYR A 28 -6.07 -9.15 5.37
N PRO A 29 -4.82 -9.67 5.29
CA PRO A 29 -3.87 -9.16 4.31
C PRO A 29 -4.21 -9.65 2.91
N VAL A 30 -4.52 -8.70 2.03
CA VAL A 30 -4.86 -9.01 0.67
C VAL A 30 -3.71 -8.59 -0.26
N GLN A 31 -3.71 -9.16 -1.45
CA GLN A 31 -2.67 -8.86 -2.42
C GLN A 31 -3.22 -7.91 -3.50
N VAL A 32 -2.42 -6.90 -3.81
CA VAL A 32 -2.82 -5.92 -4.81
C VAL A 32 -2.67 -6.54 -6.21
N PRO A 33 -3.66 -6.22 -7.08
CA PRO A 33 -3.65 -6.74 -8.44
C PRO A 33 -2.62 -6.01 -9.30
N TYR A 34 -1.35 -6.31 -9.03
CA TYR A 34 -0.26 -5.69 -9.77
C TYR A 34 -0.44 -5.88 -11.27
N LYS A 35 -0.61 -7.14 -11.66
CA LYS A 35 -0.80 -7.48 -13.06
C LYS A 35 -1.83 -6.54 -13.68
N ARG A 36 -3.05 -6.65 -13.17
CA ARG A 36 -4.14 -5.82 -13.67
C ARG A 36 -3.76 -4.33 -13.57
N ILE A 37 -2.98 -4.02 -12.56
CA ILE A 37 -2.54 -2.66 -12.34
C ILE A 37 -1.52 -2.28 -13.43
N LYS A 38 -0.89 -3.30 -13.99
CA LYS A 38 0.10 -3.09 -15.03
C LYS A 38 -0.60 -2.92 -16.37
N SER A 39 -1.57 -3.79 -16.61
CA SER A 39 -2.32 -3.75 -17.86
C SER A 39 -3.24 -2.51 -17.87
N ASN A 40 -3.87 -2.28 -16.73
CA ASN A 40 -4.77 -1.15 -16.60
C ASN A 40 -4.27 -0.23 -15.47
N PRO A 41 -3.84 0.99 -15.87
CA PRO A 41 -3.34 1.96 -14.93
C PRO A 41 -4.48 2.58 -14.13
N GLY A 42 -5.67 2.53 -14.71
CA GLY A 42 -6.85 3.08 -14.08
C GLY A 42 -7.53 2.05 -13.18
N SER A 43 -6.72 1.39 -12.37
CA SER A 43 -7.23 0.37 -11.46
C SER A 43 -7.27 0.91 -10.03
N VAL A 44 -6.08 1.09 -9.47
CA VAL A 44 -5.97 1.60 -8.11
C VAL A 44 -5.14 2.88 -8.13
N ILE A 45 -5.72 3.92 -7.54
CA ILE A 45 -5.06 5.21 -7.47
C ILE A 45 -4.23 5.30 -6.20
N ILE A 46 -3.00 5.76 -6.35
CA ILE A 46 -2.10 5.89 -5.21
C ILE A 46 -1.72 7.36 -5.04
N GLU A 47 -1.88 7.84 -3.81
CA GLU A 47 -1.56 9.23 -3.51
C GLU A 47 -0.95 9.32 -2.11
N GLY A 48 -0.29 10.45 -1.86
CA GLY A 48 0.35 10.68 -0.58
C GLY A 48 1.82 10.27 -0.60
N LEU A 49 2.19 9.59 -1.68
CA LEU A 49 3.56 9.12 -1.85
C LEU A 49 4.52 10.29 -1.55
N PRO A 50 5.81 9.92 -1.35
CA PRO A 50 6.83 10.92 -1.06
C PRO A 50 7.21 11.69 -2.32
N PRO A 51 7.99 12.79 -2.11
CA PRO A 51 8.43 13.62 -3.22
C PRO A 51 9.55 12.94 -4.00
N GLY A 52 9.31 12.78 -5.30
CA GLY A 52 10.28 12.15 -6.17
C GLY A 52 9.91 10.69 -6.44
N ILE A 53 8.88 10.23 -5.73
CA ILE A 53 8.42 8.86 -5.89
C ILE A 53 6.96 8.87 -6.36
N PRO A 54 6.78 8.64 -7.68
CA PRO A 54 5.45 8.62 -8.26
C PRO A 54 4.72 7.32 -7.91
N PHE A 55 3.48 7.24 -8.37
CA PHE A 55 2.66 6.07 -8.11
C PHE A 55 2.97 4.95 -9.11
N ARG A 56 3.95 4.12 -8.73
CA ARG A 56 4.34 3.01 -9.58
C ARG A 56 4.84 1.85 -8.73
N LYS A 57 5.22 0.78 -9.41
CA LYS A 57 5.72 -0.41 -8.73
C LYS A 57 6.99 -0.06 -7.97
N PRO A 58 7.21 -0.79 -6.84
CA PRO A 58 8.39 -0.56 -6.02
C PRO A 58 9.64 -1.14 -6.67
N CYS A 59 9.41 -1.96 -7.71
CA CYS A 59 10.50 -2.59 -8.43
C CYS A 59 11.24 -1.50 -9.22
N THR A 60 10.45 -0.60 -9.79
CA THR A 60 11.02 0.49 -10.57
C THR A 60 11.71 1.50 -9.66
N PHE A 61 11.59 1.26 -8.36
CA PHE A 61 12.20 2.15 -7.38
C PHE A 61 13.44 1.50 -6.76
N GLY A 62 14.25 2.33 -6.13
CA GLY A 62 15.47 1.86 -5.50
C GLY A 62 15.34 1.86 -3.98
N SER A 63 16.24 1.14 -3.33
CA SER A 63 16.24 1.05 -1.88
C SER A 63 15.91 2.42 -1.28
N GLN A 64 16.70 3.40 -1.65
CA GLN A 64 16.51 4.76 -1.16
C GLN A 64 15.05 5.17 -1.31
N ASN A 65 14.57 5.11 -2.54
CA ASN A 65 13.19 5.48 -2.82
C ASN A 65 12.26 4.71 -1.89
N LEU A 66 12.59 3.44 -1.69
CA LEU A 66 11.80 2.59 -0.82
C LEU A 66 11.81 3.16 0.60
N GLU A 67 13.00 3.21 1.17
CA GLU A 67 13.16 3.73 2.53
C GLU A 67 12.22 4.91 2.75
N ARG A 68 11.98 5.66 1.69
CA ARG A 68 11.10 6.81 1.76
C ARG A 68 9.63 6.36 1.84
N ILE A 69 9.24 5.58 0.84
CA ILE A 69 7.87 5.08 0.78
C ILE A 69 7.46 4.57 2.17
N LEU A 70 8.14 3.51 2.59
CA LEU A 70 7.85 2.91 3.89
C LEU A 70 7.75 4.02 4.93
N ALA A 71 8.46 5.10 4.68
CA ALA A 71 8.45 6.23 5.60
C ALA A 71 7.06 6.89 5.57
N VAL A 72 6.65 7.26 4.37
CA VAL A 72 5.35 7.90 4.19
C VAL A 72 4.30 6.84 3.91
N ALA A 73 4.63 5.61 4.28
CA ALA A 73 3.72 4.49 4.07
C ALA A 73 2.33 4.87 4.59
N ASP A 74 2.32 5.79 5.55
CA ASP A 74 1.07 6.24 6.13
C ASP A 74 0.37 7.20 5.16
N LYS A 75 1.18 8.04 4.53
CA LYS A 75 0.67 9.00 3.57
C LYS A 75 0.01 8.26 2.41
N ILE A 76 0.76 7.32 1.85
CA ILE A 76 0.26 6.54 0.73
C ILE A 76 -1.20 6.16 0.97
N LYS A 77 -2.04 6.51 0.01
CA LYS A 77 -3.46 6.22 0.11
C LYS A 77 -3.94 5.63 -1.21
N PHE A 78 -4.35 4.37 -1.14
CA PHE A 78 -4.85 3.68 -2.32
C PHE A 78 -6.34 3.93 -2.52
N THR A 79 -6.76 3.85 -3.79
CA THR A 79 -8.15 4.07 -4.12
C THR A 79 -8.67 2.93 -5.01
N VAL A 80 -9.72 2.30 -4.54
CA VAL A 80 -10.32 1.20 -5.27
C VAL A 80 -11.64 1.67 -5.91
N THR A 81 -12.01 0.98 -6.98
CA THR A 81 -13.23 1.32 -7.70
C THR A 81 -13.71 0.13 -8.53
N ARG A 82 -14.87 -0.38 -8.14
CA ARG A 82 -15.46 -1.52 -8.84
C ARG A 82 -16.96 -1.59 -8.57
N PRO A 83 -17.65 -2.38 -9.43
CA PRO A 83 -19.09 -2.55 -9.29
C PRO A 83 -19.43 -3.49 -8.12
N PHE A 84 -20.24 -2.96 -7.21
CA PHE A 84 -20.64 -3.72 -6.04
C PHE A 84 -19.42 -4.26 -5.29
N GLN A 85 -19.11 -3.58 -4.19
CA GLN A 85 -17.96 -3.97 -3.37
C GLN A 85 -18.22 -3.61 -1.90
N GLY A 86 -18.04 -4.60 -1.05
CA GLY A 86 -18.24 -4.40 0.38
C GLY A 86 -18.54 -5.71 1.09
N LEU A 87 -19.26 -5.61 2.19
CA LEU A 87 -19.61 -6.79 2.98
C LEU A 87 -18.35 -7.36 3.63
N ILE A 88 -18.47 -7.66 4.91
CA ILE A 88 -17.36 -8.20 5.65
C ILE A 88 -17.81 -9.48 6.39
N PRO A 89 -16.89 -10.47 6.44
CA PRO A 89 -17.19 -11.73 7.10
C PRO A 89 -17.14 -11.57 8.62
N LYS A 90 -18.05 -12.29 9.29
CA LYS A 90 -18.13 -12.24 10.73
C LYS A 90 -16.81 -12.73 11.33
N PRO A 91 -16.30 -11.96 12.33
CA PRO A 91 -15.06 -12.32 12.99
C PRO A 91 -15.25 -13.50 13.95
N ASP A 92 -14.24 -14.35 14.00
CA ASP A 92 -14.29 -15.51 14.86
C ASP A 92 -13.04 -16.37 14.64
N GLU A 93 -12.71 -17.17 15.64
CA GLU A 93 -11.55 -18.03 15.56
C GLU A 93 -10.26 -17.21 15.74
N SER A 94 -10.06 -16.27 14.84
CA SER A 94 -8.89 -15.42 14.90
C SER A 94 -8.69 -14.89 16.32
N GLY A 95 -7.44 -14.91 16.76
CA GLY A 95 -7.10 -14.44 18.09
C GLY A 95 -5.77 -15.02 18.55
N PRO A 96 -5.06 -14.22 19.40
CA PRO A 96 -3.76 -14.64 19.92
C PRO A 96 -3.94 -15.71 21.01
N SER A 97 -3.26 -16.83 20.81
CA SER A 97 -3.33 -17.92 21.76
C SER A 97 -1.96 -18.16 22.39
N SER A 98 -1.01 -18.53 21.53
CA SER A 98 0.34 -18.79 21.98
C SER A 98 1.30 -17.80 21.34
N GLY A 99 2.06 -17.11 22.19
CA GLY A 99 3.01 -16.12 21.72
C GLY A 99 4.34 -16.79 21.35
N GLY A 1 0.47 -11.20 7.57
CA GLY A 1 1.12 -10.03 8.12
C GLY A 1 1.14 -10.07 9.65
N SER A 2 2.22 -10.61 10.18
CA SER A 2 2.36 -10.72 11.62
C SER A 2 2.54 -9.33 12.24
N SER A 3 3.58 -8.64 11.79
CA SER A 3 3.86 -7.30 12.28
C SER A 3 4.82 -6.60 11.34
N GLY A 4 5.98 -7.22 11.13
CA GLY A 4 6.99 -6.65 10.25
C GLY A 4 7.53 -7.71 9.29
N SER A 5 8.44 -7.28 8.43
CA SER A 5 9.05 -8.17 7.46
C SER A 5 10.47 -7.71 7.13
N SER A 6 11.16 -8.54 6.39
CA SER A 6 12.53 -8.23 5.99
C SER A 6 12.61 -8.03 4.48
N GLY A 7 13.53 -7.16 4.08
CA GLY A 7 13.71 -6.86 2.67
C GLY A 7 12.91 -5.63 2.25
N LEU A 8 13.62 -4.52 2.11
CA LEU A 8 12.99 -3.26 1.72
C LEU A 8 11.95 -3.54 0.64
N ARG A 9 12.44 -3.94 -0.52
CA ARG A 9 11.56 -4.24 -1.64
C ARG A 9 10.39 -5.11 -1.18
N GLU A 10 10.66 -5.95 -0.20
CA GLU A 10 9.65 -6.84 0.34
C GLU A 10 8.71 -6.07 1.27
N GLN A 11 9.28 -5.08 1.94
CA GLN A 11 8.51 -4.26 2.87
C GLN A 11 7.40 -3.51 2.12
N VAL A 12 7.82 -2.80 1.07
CA VAL A 12 6.88 -2.05 0.27
C VAL A 12 5.94 -3.00 -0.45
N GLN A 13 6.54 -3.96 -1.15
CA GLN A 13 5.76 -4.95 -1.89
C GLN A 13 4.63 -5.48 -1.02
N ASP A 14 4.83 -5.42 0.28
CA ASP A 14 3.83 -5.89 1.22
C ASP A 14 2.95 -4.71 1.66
N LEU A 15 3.61 -3.60 1.92
CA LEU A 15 2.91 -2.39 2.35
C LEU A 15 1.65 -2.22 1.50
N PHE A 16 1.86 -1.85 0.24
CA PHE A 16 0.76 -1.65 -0.67
C PHE A 16 -0.27 -2.77 -0.55
N ASN A 17 0.23 -3.99 -0.59
CA ASN A 17 -0.63 -5.16 -0.49
C ASN A 17 -1.46 -5.06 0.80
N LYS A 18 -0.76 -4.89 1.90
CA LYS A 18 -1.40 -4.78 3.20
C LYS A 18 -2.38 -3.61 3.18
N LYS A 19 -1.81 -2.42 2.97
CA LYS A 19 -2.62 -1.21 2.93
C LYS A 19 -3.92 -1.49 2.16
N TYR A 20 -3.77 -2.22 1.07
CA TYR A 20 -4.92 -2.57 0.24
C TYR A 20 -6.11 -2.98 1.10
N GLY A 21 -5.83 -3.86 2.05
CA GLY A 21 -6.87 -4.34 2.95
C GLY A 21 -7.73 -3.18 3.47
N GLU A 22 -7.10 -2.01 3.54
CA GLU A 22 -7.79 -0.83 4.03
C GLU A 22 -8.67 -0.24 2.92
N ALA A 23 -8.02 0.10 1.81
CA ALA A 23 -8.73 0.67 0.68
C ALA A 23 -10.00 -0.15 0.41
N LEU A 24 -9.95 -1.41 0.81
CA LEU A 24 -11.09 -2.30 0.62
C LEU A 24 -11.84 -2.44 1.95
N GLY A 25 -11.10 -2.28 3.03
CA GLY A 25 -11.68 -2.39 4.36
C GLY A 25 -11.43 -3.77 4.96
N ILE A 26 -11.03 -4.69 4.09
CA ILE A 26 -10.75 -6.05 4.52
C ILE A 26 -9.95 -6.03 5.82
N LYS A 27 -9.90 -7.17 6.47
CA LYS A 27 -9.17 -7.29 7.72
C LYS A 27 -7.89 -8.10 7.49
N TYR A 28 -7.99 -9.05 6.58
CA TYR A 28 -6.86 -9.91 6.25
C TYR A 28 -5.95 -9.24 5.20
N PRO A 29 -4.72 -9.79 5.09
CA PRO A 29 -3.75 -9.26 4.14
C PRO A 29 -4.11 -9.68 2.71
N VAL A 30 -4.44 -8.69 1.90
CA VAL A 30 -4.80 -8.94 0.51
C VAL A 30 -3.62 -8.58 -0.39
N GLN A 31 -3.64 -9.15 -1.58
CA GLN A 31 -2.58 -8.89 -2.55
C GLN A 31 -3.08 -7.95 -3.65
N VAL A 32 -2.35 -6.86 -3.82
CA VAL A 32 -2.70 -5.87 -4.82
C VAL A 32 -2.54 -6.48 -6.21
N PRO A 33 -3.55 -6.23 -7.08
CA PRO A 33 -3.54 -6.76 -8.44
C PRO A 33 -2.55 -5.97 -9.31
N TYR A 34 -1.27 -6.23 -9.09
CA TYR A 34 -0.23 -5.55 -9.84
C TYR A 34 -0.42 -5.75 -11.35
N LYS A 35 -0.48 -7.02 -11.74
CA LYS A 35 -0.66 -7.36 -13.13
C LYS A 35 -1.76 -6.49 -13.73
N ARG A 36 -2.96 -6.64 -13.17
CA ARG A 36 -4.10 -5.87 -13.64
C ARG A 36 -3.81 -4.38 -13.55
N ILE A 37 -3.03 -4.00 -12.53
CA ILE A 37 -2.67 -2.62 -12.33
C ILE A 37 -1.67 -2.19 -13.40
N LYS A 38 -0.98 -3.19 -13.96
CA LYS A 38 0.00 -2.93 -14.99
C LYS A 38 -0.71 -2.79 -16.35
N SER A 39 -1.63 -3.70 -16.58
CA SER A 39 -2.39 -3.70 -17.82
C SER A 39 -3.38 -2.53 -17.84
N ASN A 40 -4.00 -2.31 -16.69
CA ASN A 40 -4.96 -1.23 -16.55
C ASN A 40 -4.50 -0.28 -15.46
N PRO A 41 -4.15 0.97 -15.88
CA PRO A 41 -3.69 1.99 -14.96
C PRO A 41 -4.85 2.55 -14.14
N GLY A 42 -6.05 2.43 -14.71
CA GLY A 42 -7.24 2.93 -14.05
C GLY A 42 -7.85 1.85 -13.15
N SER A 43 -7.01 1.27 -12.31
CA SER A 43 -7.45 0.24 -11.40
C SER A 43 -7.42 0.76 -9.96
N VAL A 44 -6.22 0.97 -9.46
CA VAL A 44 -6.03 1.47 -8.11
C VAL A 44 -5.13 2.70 -8.14
N ILE A 45 -5.68 3.81 -7.64
CA ILE A 45 -4.92 5.06 -7.61
C ILE A 45 -4.13 5.13 -6.30
N ILE A 46 -2.87 5.55 -6.44
CA ILE A 46 -1.99 5.66 -5.30
C ILE A 46 -1.56 7.13 -5.13
N GLU A 47 -1.89 7.68 -3.97
CA GLU A 47 -1.55 9.06 -3.68
C GLU A 47 -0.95 9.17 -2.27
N GLY A 48 -0.34 10.32 -2.01
CA GLY A 48 0.27 10.56 -0.72
C GLY A 48 1.76 10.18 -0.72
N LEU A 49 2.14 9.49 -1.79
CA LEU A 49 3.52 9.05 -1.93
C LEU A 49 4.46 10.23 -1.67
N PRO A 50 5.75 9.90 -1.43
CA PRO A 50 6.75 10.91 -1.17
C PRO A 50 7.14 11.65 -2.45
N PRO A 51 7.90 12.77 -2.27
CA PRO A 51 8.34 13.57 -3.40
C PRO A 51 9.48 12.88 -4.15
N GLY A 52 9.26 12.67 -5.44
CA GLY A 52 10.26 12.03 -6.28
C GLY A 52 9.91 10.55 -6.49
N ILE A 53 8.89 10.11 -5.80
CA ILE A 53 8.45 8.74 -5.91
C ILE A 53 7.00 8.70 -6.41
N PRO A 54 6.87 8.40 -7.74
CA PRO A 54 5.55 8.34 -8.35
C PRO A 54 4.83 7.05 -7.97
N PHE A 55 3.61 6.91 -8.47
CA PHE A 55 2.80 5.74 -8.19
C PHE A 55 3.09 4.62 -9.19
N ARG A 56 4.09 3.82 -8.87
CA ARG A 56 4.48 2.71 -9.73
C ARG A 56 5.10 1.58 -8.91
N LYS A 57 5.50 0.53 -9.61
CA LYS A 57 6.10 -0.62 -8.95
C LYS A 57 7.21 -0.13 -8.01
N PRO A 58 7.22 -0.74 -6.79
CA PRO A 58 8.22 -0.38 -5.79
C PRO A 58 9.59 -0.98 -6.15
N CYS A 59 9.58 -2.26 -6.47
CA CYS A 59 10.81 -2.95 -6.82
C CYS A 59 11.46 -2.20 -8.00
N THR A 60 10.62 -1.45 -8.70
CA THR A 60 11.09 -0.69 -9.85
C THR A 60 11.87 0.55 -9.38
N PHE A 61 11.77 0.82 -8.09
CA PHE A 61 12.45 1.96 -7.51
C PHE A 61 13.70 1.52 -6.74
N GLY A 62 14.51 2.50 -6.38
CA GLY A 62 15.73 2.23 -5.63
C GLY A 62 15.44 2.12 -4.14
N SER A 63 16.30 1.36 -3.46
CA SER A 63 16.15 1.16 -2.02
C SER A 63 15.88 2.50 -1.34
N GLN A 64 16.68 3.50 -1.70
CA GLN A 64 16.53 4.82 -1.14
C GLN A 64 15.08 5.29 -1.24
N ASN A 65 14.53 5.15 -2.44
CA ASN A 65 13.16 5.55 -2.70
C ASN A 65 12.23 4.77 -1.77
N LEU A 66 12.55 3.49 -1.60
CA LEU A 66 11.74 2.63 -0.76
C LEU A 66 11.76 3.17 0.67
N GLU A 67 12.95 3.24 1.24
CA GLU A 67 13.11 3.73 2.59
C GLU A 67 12.16 4.90 2.85
N ARG A 68 11.91 5.66 1.79
CA ARG A 68 11.02 6.80 1.89
C ARG A 68 9.56 6.34 1.95
N ILE A 69 9.18 5.56 0.95
CA ILE A 69 7.81 5.05 0.88
C ILE A 69 7.41 4.50 2.25
N LEU A 70 8.13 3.47 2.67
CA LEU A 70 7.85 2.85 3.97
C LEU A 70 7.76 3.94 5.04
N ALA A 71 8.39 5.08 4.75
CA ALA A 71 8.37 6.19 5.68
C ALA A 71 7.02 6.88 5.61
N VAL A 72 6.60 7.19 4.39
CA VAL A 72 5.33 7.86 4.19
C VAL A 72 4.25 6.81 3.89
N ALA A 73 4.55 5.58 4.27
CA ALA A 73 3.62 4.47 4.05
C ALA A 73 2.23 4.88 4.54
N ASP A 74 2.22 5.83 5.47
CA ASP A 74 0.96 6.32 6.03
C ASP A 74 0.27 7.23 5.01
N LYS A 75 1.07 8.04 4.34
CA LYS A 75 0.55 8.95 3.33
C LYS A 75 -0.06 8.15 2.19
N ILE A 76 0.72 7.22 1.67
CA ILE A 76 0.26 6.37 0.58
C ILE A 76 -1.20 5.99 0.82
N LYS A 77 -2.05 6.45 -0.09
CA LYS A 77 -3.48 6.15 0.02
C LYS A 77 -3.96 5.54 -1.30
N PHE A 78 -4.41 4.30 -1.21
CA PHE A 78 -4.89 3.59 -2.38
C PHE A 78 -6.38 3.87 -2.60
N THR A 79 -6.77 3.81 -3.87
CA THR A 79 -8.16 4.05 -4.23
C THR A 79 -8.74 2.85 -4.97
N VAL A 80 -9.93 2.44 -4.55
CA VAL A 80 -10.60 1.31 -5.17
C VAL A 80 -11.98 1.75 -5.68
N THR A 81 -12.03 2.00 -6.98
CA THR A 81 -13.28 2.42 -7.61
C THR A 81 -14.45 1.62 -7.05
N ARG A 82 -14.30 0.30 -7.09
CA ARG A 82 -15.34 -0.59 -6.60
C ARG A 82 -15.84 -0.11 -5.23
N PRO A 83 -17.09 -0.55 -4.89
CA PRO A 83 -17.69 -0.17 -3.62
C PRO A 83 -17.07 -0.95 -2.47
N PHE A 84 -17.05 -0.31 -1.30
CA PHE A 84 -16.47 -0.93 -0.12
C PHE A 84 -16.84 -0.14 1.14
N GLN A 85 -16.71 -0.80 2.28
CA GLN A 85 -17.02 -0.18 3.55
C GLN A 85 -15.78 0.49 4.13
N GLY A 86 -16.00 1.26 5.19
CA GLY A 86 -14.91 1.96 5.86
C GLY A 86 -15.01 1.82 7.37
N LEU A 87 -13.87 2.00 8.03
CA LEU A 87 -13.83 1.91 9.48
C LEU A 87 -12.68 2.78 10.00
N ILE A 88 -12.83 3.20 11.25
CA ILE A 88 -11.83 4.04 11.88
C ILE A 88 -10.62 3.19 12.25
N PRO A 89 -9.41 3.78 12.07
CA PRO A 89 -8.17 3.08 12.38
C PRO A 89 -7.95 3.02 13.89
N LYS A 90 -6.78 2.52 14.27
CA LYS A 90 -6.43 2.39 15.67
C LYS A 90 -4.98 2.85 15.87
N PRO A 91 -4.70 3.35 17.11
CA PRO A 91 -3.37 3.82 17.44
C PRO A 91 -2.41 2.65 17.66
N ASP A 92 -1.16 2.88 17.28
CA ASP A 92 -0.13 1.85 17.43
C ASP A 92 0.97 2.37 18.34
N GLU A 93 1.78 1.45 18.82
CA GLU A 93 2.89 1.80 19.70
C GLU A 93 3.76 0.57 19.99
N SER A 94 4.98 0.84 20.41
CA SER A 94 5.91 -0.24 20.72
C SER A 94 6.21 -1.05 19.46
N GLY A 95 7.43 -1.58 19.42
CA GLY A 95 7.86 -2.38 18.28
C GLY A 95 9.38 -2.45 18.21
N PRO A 96 9.99 -1.33 17.72
CA PRO A 96 11.43 -1.25 17.60
C PRO A 96 12.09 -1.07 18.97
N SER A 97 13.40 -0.88 18.94
CA SER A 97 14.17 -0.70 20.16
C SER A 97 14.25 -2.01 20.94
N SER A 98 13.11 -2.43 21.44
CA SER A 98 13.03 -3.67 22.20
C SER A 98 11.58 -4.16 22.28
N GLY A 99 11.42 -5.39 22.73
CA GLY A 99 10.10 -5.98 22.86
C GLY A 99 10.05 -7.35 22.18
#